data_1RZ0
#
_entry.id   1RZ0
#
_cell.length_a   53.544
_cell.length_b   154.268
_cell.length_c   83.866
_cell.angle_alpha   90.00
_cell.angle_beta   91.27
_cell.angle_gamma   90.00
#
_symmetry.space_group_name_H-M   'P 1 21 1'
#
loop_
_entity.id
_entity.type
_entity.pdbx_description
1 polymer 'phenol 2-hydroxylase component B'
2 non-polymer 'FLAVIN-ADENINE DINUCLEOTIDE'
3 water water
#
_entity_poly.entity_id   1
_entity_poly.type   'polypeptide(L)'
_entity_poly.pdbx_seq_one_letter_code
;(MSE)DDRLFRNA(MSE)GKFATGVTVITTELNGAVHG(MSE)TANAF(MSE)SVSLNPKLVLVSIGEKAK(MSE)LEKI
QQSKKYAVNILSQDQKVLS(MSE)NFAGQLEKPVDVQFEELGGLPVIKDALAQISCQVVNEVQAGDHTLFIGEVTDIKIT
EQDPLLFFSGKYHQLAQNEKVETSS
;
_entity_poly.pdbx_strand_id   A,B,C,D,E,F,G,H
#
loop_
_chem_comp.id
_chem_comp.type
_chem_comp.name
_chem_comp.formula
FAD non-polymer 'FLAVIN-ADENINE DINUCLEOTIDE' 'C27 H33 N9 O15 P2'
#
# COMPACT_ATOMS: atom_id res chain seq x y z
N MSE A 1 -3.76 48.42 22.43
CA MSE A 1 -4.57 47.53 21.57
C MSE A 1 -5.95 48.13 21.22
O MSE A 1 -6.88 48.11 22.04
CB MSE A 1 -4.71 46.14 22.22
CG MSE A 1 -3.92 45.02 21.52
SE MSE A 1 -5.08 43.98 20.33
CE MSE A 1 -5.69 42.72 21.70
N ASP A 2 -6.07 48.68 20.00
CA ASP A 2 -7.34 49.19 19.46
C ASP A 2 -8.03 48.09 18.65
N ASP A 3 -9.21 48.42 18.10
CA ASP A 3 -9.84 47.65 17.03
C ASP A 3 -9.00 47.71 15.75
N ARG A 4 -8.46 48.90 15.44
CA ARG A 4 -7.65 49.15 14.25
C ARG A 4 -6.40 48.27 14.24
N LEU A 5 -5.71 48.20 15.38
CA LEU A 5 -4.52 47.38 15.50
C LEU A 5 -4.84 45.89 15.29
N PHE A 6 -5.93 45.43 15.90
CA PHE A 6 -6.41 44.06 15.71
C PHE A 6 -6.69 43.76 14.24
N ARG A 7 -7.49 44.61 13.60
CA ARG A 7 -7.84 44.43 12.18
C ARG A 7 -6.62 44.45 11.30
N ASN A 8 -5.72 45.38 11.56
CA ASN A 8 -4.45 45.43 10.83
C ASN A 8 -3.68 44.12 10.96
N ALA A 9 -3.54 43.61 12.18
CA ALA A 9 -2.88 42.31 12.41
C ALA A 9 -3.53 41.15 11.69
N MSE A 10 -4.87 41.09 11.76
CA MSE A 10 -5.61 40.03 11.09
C MSE A 10 -5.34 40.08 9.60
O MSE A 10 -5.19 39.04 8.96
CB MSE A 10 -7.10 40.17 11.40
CG MSE A 10 -7.47 39.92 12.89
SE MSE A 10 -6.63 38.27 13.68
CE MSE A 10 -5.32 39.18 14.80
N GLY A 11 -5.24 41.29 9.04
CA GLY A 11 -4.99 41.46 7.61
C GLY A 11 -3.60 40.99 7.21
N LYS A 12 -2.74 40.79 8.19
CA LYS A 12 -1.39 40.30 7.91
C LYS A 12 -1.36 38.82 7.59
N PHE A 13 -2.50 38.15 7.80
CA PHE A 13 -2.63 36.77 7.39
C PHE A 13 -3.26 36.71 6.03
N ALA A 14 -2.45 36.41 5.03
CA ALA A 14 -2.91 36.34 3.63
C ALA A 14 -3.85 35.17 3.43
N THR A 15 -4.85 35.34 2.54
CA THR A 15 -5.78 34.26 2.22
C THR A 15 -6.19 34.31 0.77
N GLY A 16 -6.79 33.20 0.33
CA GLY A 16 -7.56 33.19 -0.88
C GLY A 16 -8.85 33.96 -0.58
N VAL A 17 -9.80 33.87 -1.49
CA VAL A 17 -11.08 34.55 -1.33
C VAL A 17 -12.14 33.60 -1.84
N THR A 18 -13.21 33.47 -1.07
CA THR A 18 -14.32 32.63 -1.48
C THR A 18 -15.62 33.41 -1.59
N VAL A 19 -16.58 32.81 -2.26
CA VAL A 19 -17.97 33.19 -2.08
C VAL A 19 -18.70 31.98 -1.52
N ILE A 20 -19.38 32.19 -0.40
CA ILE A 20 -20.20 31.14 0.19
C ILE A 20 -21.57 31.28 -0.45
N THR A 21 -22.09 30.17 -0.95
CA THR A 21 -23.40 30.20 -1.54
C THR A 21 -24.32 29.20 -0.86
N THR A 22 -25.60 29.51 -0.90
CA THR A 22 -26.62 28.56 -0.49
C THR A 22 -27.91 28.85 -1.24
N GLU A 23 -28.87 27.95 -1.06
CA GLU A 23 -30.17 28.06 -1.71
C GLU A 23 -31.27 27.92 -0.67
N LEU A 24 -32.22 28.83 -0.70
CA LEU A 24 -33.30 28.81 0.26
C LEU A 24 -34.57 29.06 -0.49
N ASN A 25 -35.31 27.96 -0.70
CA ASN A 25 -36.58 27.95 -1.42
C ASN A 25 -36.51 28.67 -2.77
N GLY A 26 -35.70 28.11 -3.67
CA GLY A 26 -35.53 28.66 -5.01
C GLY A 26 -34.42 29.71 -5.13
N ALA A 27 -34.37 30.65 -4.19
CA ALA A 27 -33.45 31.78 -4.24
C ALA A 27 -32.01 31.43 -3.86
N VAL A 28 -31.07 31.85 -4.71
CA VAL A 28 -29.65 31.68 -4.46
C VAL A 28 -29.10 32.87 -3.69
N HIS A 29 -28.40 32.60 -2.60
CA HIS A 29 -27.73 33.64 -1.84
C HIS A 29 -26.23 33.39 -1.79
N GLY A 30 -25.45 34.48 -1.87
CA GLY A 30 -24.00 34.42 -1.86
C GLY A 30 -23.42 35.45 -0.89
N MSE A 31 -22.24 35.17 -0.35
CA MSE A 31 -21.54 36.10 0.51
C MSE A 31 -20.03 35.91 0.37
O MSE A 31 -19.53 34.78 0.48
CB MSE A 31 -21.97 35.93 1.97
CG MSE A 31 -21.52 37.08 2.86
SE MSE A 31 -21.35 36.64 4.77
CE MSE A 31 -21.00 38.19 5.32
N THR A 32 -19.31 37.00 0.12
CA THR A 32 -17.86 36.93 0.07
C THR A 32 -17.26 36.63 1.48
N ALA A 33 -16.39 35.62 1.55
CA ALA A 33 -15.70 35.30 2.82
C ALA A 33 -14.27 34.84 2.61
N ASN A 34 -13.37 35.29 3.46
CA ASN A 34 -12.05 34.69 3.51
C ASN A 34 -11.80 33.91 4.82
N ALA A 35 -12.72 34.03 5.76
CA ALA A 35 -12.64 33.27 7.01
C ALA A 35 -13.15 31.86 6.72
N PHE A 36 -12.30 31.11 6.06
CA PHE A 36 -12.59 29.76 5.67
C PHE A 36 -11.34 28.96 5.97
N MSE A 37 -11.55 27.66 6.14
CA MSE A 37 -10.46 26.81 6.56
C MSE A 37 -10.86 25.35 6.34
O MSE A 37 -11.99 24.96 6.61
CB MSE A 37 -10.25 27.08 8.04
CG MSE A 37 -9.14 26.35 8.66
SE MSE A 37 -9.32 26.50 10.62
CE MSE A 37 -10.07 25.01 10.95
N SER A 38 -9.90 24.56 5.87
CA SER A 38 -9.90 23.10 5.96
C SER A 38 -9.79 22.70 7.43
N VAL A 39 -10.64 21.76 7.84
CA VAL A 39 -10.71 21.37 9.25
C VAL A 39 -10.23 19.93 9.51
N SER A 40 -10.83 18.97 8.80
CA SER A 40 -10.63 17.56 9.12
C SER A 40 -10.62 16.71 7.87
N LEU A 41 -9.80 15.66 7.89
CA LEU A 41 -9.74 14.72 6.77
C LEU A 41 -10.74 13.57 6.97
N ASN A 42 -10.81 13.03 8.19
CA ASN A 42 -11.73 11.93 8.54
C ASN A 42 -12.55 12.27 9.77
N PRO A 43 -13.81 12.71 9.61
CA PRO A 43 -14.45 12.91 8.31
C PRO A 43 -13.97 14.19 7.57
N LYS A 44 -14.38 14.37 6.31
CA LYS A 44 -13.98 15.52 5.50
C LYS A 44 -14.74 16.78 5.91
N LEU A 45 -14.09 17.64 6.69
CA LEU A 45 -14.73 18.83 7.25
C LEU A 45 -14.04 20.13 6.91
N VAL A 46 -14.87 21.15 6.87
CA VAL A 46 -14.46 22.45 6.46
C VAL A 46 -15.19 23.38 7.43
N LEU A 47 -14.78 24.63 7.46
CA LEU A 47 -15.43 25.59 8.34
C LEU A 47 -15.44 26.94 7.69
N VAL A 48 -16.54 27.66 7.89
CA VAL A 48 -16.62 29.06 7.52
C VAL A 48 -17.14 29.86 8.71
N SER A 49 -16.76 31.14 8.78
CA SER A 49 -17.11 32.00 9.91
C SER A 49 -17.91 33.18 9.44
N ILE A 50 -19.12 33.31 9.95
CA ILE A 50 -20.04 34.32 9.46
C ILE A 50 -20.41 35.31 10.58
N GLY A 51 -20.39 36.59 10.25
CA GLY A 51 -20.70 37.65 11.19
C GLY A 51 -22.16 37.60 11.63
N GLU A 52 -22.41 37.95 12.89
CA GLU A 52 -23.75 37.87 13.47
C GLU A 52 -24.76 38.78 12.76
N LYS A 53 -24.26 39.82 12.11
CA LYS A 53 -25.12 40.77 11.38
C LYS A 53 -25.33 40.41 9.90
N ALA A 54 -24.65 39.36 9.43
CA ALA A 54 -24.77 38.96 8.04
C ALA A 54 -26.09 38.25 7.75
N LYS A 55 -26.77 38.63 6.67
CA LYS A 55 -27.99 37.97 6.23
C LYS A 55 -27.80 36.48 5.97
N MSE A 56 -26.60 36.14 5.50
CA MSE A 56 -26.22 34.77 5.21
C MSE A 56 -26.31 33.86 6.45
O MSE A 56 -26.58 32.67 6.32
CB MSE A 56 -24.79 34.76 4.64
CG MSE A 56 -24.25 33.39 4.32
SE MSE A 56 -25.29 32.54 2.90
CE MSE A 56 -25.24 33.86 1.68
N LEU A 57 -26.09 34.42 7.64
CA LEU A 57 -26.10 33.60 8.85
C LEU A 57 -27.42 32.81 8.97
N GLU A 58 -28.55 33.51 8.99
CA GLU A 58 -29.85 32.85 9.08
C GLU A 58 -30.13 31.97 7.85
N LYS A 59 -29.66 32.40 6.68
CA LYS A 59 -29.80 31.59 5.47
C LYS A 59 -29.20 30.19 5.63
N ILE A 60 -27.99 30.11 6.18
CA ILE A 60 -27.33 28.82 6.38
C ILE A 60 -28.00 28.06 7.54
N GLN A 61 -28.36 28.77 8.59
CA GLN A 61 -29.06 28.15 9.71
C GLN A 61 -30.31 27.38 9.23
N GLN A 62 -31.03 27.97 8.28
CA GLN A 62 -32.24 27.37 7.73
C GLN A 62 -31.95 26.26 6.72
N SER A 63 -31.09 26.53 5.73
CA SER A 63 -30.80 25.56 4.66
C SER A 63 -29.95 24.41 5.14
N LYS A 64 -29.17 24.66 6.20
CA LYS A 64 -28.22 23.69 6.76
C LYS A 64 -27.23 23.16 5.72
N LYS A 65 -26.92 24.01 4.74
CA LYS A 65 -25.93 23.66 3.74
C LYS A 65 -25.27 24.90 3.15
N TYR A 66 -24.07 24.70 2.60
CA TYR A 66 -23.39 25.76 1.89
C TYR A 66 -22.31 25.23 0.99
N ALA A 67 -22.03 25.98 -0.06
CA ALA A 67 -20.92 25.67 -0.92
C ALA A 67 -19.90 26.79 -0.75
N VAL A 68 -18.63 26.43 -0.87
CA VAL A 68 -17.53 27.36 -0.84
C VAL A 68 -16.97 27.42 -2.25
N ASN A 69 -17.01 28.61 -2.84
CA ASN A 69 -16.48 28.84 -4.19
C ASN A 69 -15.19 29.65 -4.07
N ILE A 70 -14.07 28.96 -4.25
CA ILE A 70 -12.80 29.64 -4.21
C ILE A 70 -12.63 30.38 -5.51
N LEU A 71 -12.33 31.68 -5.37
CA LEU A 71 -12.27 32.59 -6.51
C LEU A 71 -10.90 32.58 -7.16
N SER A 72 -10.95 32.57 -8.49
CA SER A 72 -9.76 32.67 -9.30
C SER A 72 -9.35 34.15 -9.30
N GLN A 73 -8.12 34.37 -9.73
CA GLN A 73 -7.55 35.66 -10.04
C GLN A 73 -8.42 36.58 -10.94
N ASP A 74 -9.27 35.99 -11.77
CA ASP A 74 -10.12 36.73 -12.71
C ASP A 74 -11.47 37.14 -12.12
N GLN A 75 -11.66 36.92 -10.81
CA GLN A 75 -13.00 37.00 -10.23
C GLN A 75 -13.13 38.03 -9.13
N LYS A 76 -12.25 39.03 -9.17
CA LYS A 76 -12.27 40.14 -8.23
C LYS A 76 -13.65 40.83 -8.21
N VAL A 77 -14.26 41.01 -9.38
CA VAL A 77 -15.60 41.65 -9.44
C VAL A 77 -16.66 40.85 -8.69
N LEU A 78 -16.61 39.53 -8.80
CA LEU A 78 -17.46 38.65 -8.01
C LEU A 78 -17.25 38.82 -6.51
N SER A 79 -15.99 38.87 -6.08
CA SER A 79 -15.71 39.14 -4.68
C SER A 79 -16.36 40.47 -4.19
N MSE A 80 -16.22 41.54 -4.97
CA MSE A 80 -16.82 42.82 -4.61
C MSE A 80 -18.35 42.74 -4.61
O MSE A 80 -19.01 43.26 -3.69
CB MSE A 80 -16.33 43.93 -5.53
CG MSE A 80 -14.83 44.20 -5.37
SE MSE A 80 -14.26 45.52 -6.75
CE MSE A 80 -14.12 44.46 -8.15
N ASN A 81 -18.90 42.09 -5.62
CA ASN A 81 -20.35 41.83 -5.71
C ASN A 81 -20.90 41.18 -4.43
N PHE A 82 -20.32 40.05 -4.06
CA PHE A 82 -20.84 39.33 -2.90
C PHE A 82 -20.42 39.91 -1.56
N ALA A 83 -19.65 40.99 -1.60
CA ALA A 83 -19.25 41.71 -0.40
C ALA A 83 -20.09 42.97 -0.21
N GLY A 84 -21.10 43.14 -1.06
CA GLY A 84 -21.99 44.30 -1.00
C GLY A 84 -21.29 45.58 -1.41
N GLN A 85 -20.24 45.46 -2.23
CA GLN A 85 -19.44 46.61 -2.60
C GLN A 85 -19.80 47.24 -3.98
N LEU A 86 -20.70 46.60 -4.73
CA LEU A 86 -21.20 47.16 -6.00
C LEU A 86 -22.58 47.75 -5.78
N GLU A 87 -22.84 48.91 -6.39
CA GLU A 87 -24.13 49.60 -6.28
C GLU A 87 -25.27 48.76 -6.87
N LYS A 88 -24.99 48.08 -7.98
CA LYS A 88 -25.97 47.23 -8.65
C LYS A 88 -25.38 45.82 -8.89
N PRO A 89 -26.07 44.80 -8.38
CA PRO A 89 -25.57 43.43 -8.44
C PRO A 89 -25.36 42.98 -9.88
N VAL A 90 -24.23 42.33 -10.15
CA VAL A 90 -24.04 41.72 -11.46
C VAL A 90 -24.81 40.41 -11.56
N ASP A 91 -25.01 39.98 -12.80
CA ASP A 91 -25.76 38.79 -13.12
C ASP A 91 -24.77 37.64 -13.13
N VAL A 92 -24.87 36.81 -12.09
CA VAL A 92 -23.86 35.78 -11.86
C VAL A 92 -24.30 34.48 -12.50
N GLN A 93 -23.34 33.80 -13.11
CA GLN A 93 -23.57 32.50 -13.73
C GLN A 93 -23.39 31.37 -12.72
N PHE A 94 -24.52 30.76 -12.34
CA PHE A 94 -24.53 29.68 -11.38
C PHE A 94 -24.68 28.33 -12.06
N GLU A 95 -24.03 27.32 -11.49
CA GLU A 95 -24.26 25.95 -11.87
C GLU A 95 -24.54 25.22 -10.58
N GLU A 96 -24.44 23.91 -10.61
CA GLU A 96 -24.95 23.09 -9.51
C GLU A 96 -23.97 22.00 -9.07
N LEU A 97 -23.81 21.83 -7.76
CA LEU A 97 -22.93 20.78 -7.25
C LEU A 97 -23.41 20.30 -5.90
N GLY A 98 -23.65 19.00 -5.78
CA GLY A 98 -24.23 18.43 -4.58
C GLY A 98 -25.50 19.12 -4.11
N GLY A 99 -26.35 19.55 -5.03
CA GLY A 99 -27.60 20.18 -4.68
C GLY A 99 -27.46 21.66 -4.33
N LEU A 100 -26.25 22.21 -4.47
CA LEU A 100 -25.98 23.63 -4.14
C LEU A 100 -25.66 24.45 -5.37
N PRO A 101 -26.11 25.71 -5.39
CA PRO A 101 -25.70 26.63 -6.46
C PRO A 101 -24.21 26.95 -6.26
N VAL A 102 -23.44 26.85 -7.33
CA VAL A 102 -22.01 27.12 -7.27
C VAL A 102 -21.68 28.07 -8.42
N ILE A 103 -20.55 28.76 -8.31
CA ILE A 103 -20.20 29.79 -9.31
C ILE A 103 -19.35 29.20 -10.43
N LYS A 104 -19.82 29.39 -11.66
CA LYS A 104 -19.13 28.92 -12.84
C LYS A 104 -17.73 29.52 -12.93
N ASP A 105 -16.77 28.69 -13.34
CA ASP A 105 -15.39 29.10 -13.53
C ASP A 105 -14.61 29.45 -12.24
N ALA A 106 -15.19 29.17 -11.07
CA ALA A 106 -14.47 29.32 -9.80
C ALA A 106 -13.21 28.49 -9.85
N LEU A 107 -12.18 28.92 -9.15
CA LEU A 107 -10.99 28.09 -8.99
C LEU A 107 -11.34 26.69 -8.44
N ALA A 108 -12.22 26.66 -7.44
CA ALA A 108 -12.66 25.39 -6.89
C ALA A 108 -14.05 25.53 -6.28
N GLN A 109 -14.79 24.42 -6.24
CA GLN A 109 -16.14 24.41 -5.68
C GLN A 109 -16.23 23.25 -4.69
N ILE A 110 -16.75 23.55 -3.51
CA ILE A 110 -16.77 22.59 -2.40
C ILE A 110 -18.15 22.66 -1.77
N SER A 111 -18.93 21.59 -1.89
CA SER A 111 -20.29 21.59 -1.38
C SER A 111 -20.37 20.88 -0.04
N CYS A 112 -21.13 21.48 0.89
CA CYS A 112 -21.09 21.04 2.29
C CYS A 112 -22.47 20.94 2.89
N GLN A 113 -22.59 19.99 3.82
CA GLN A 113 -23.74 19.91 4.70
C GLN A 113 -23.30 20.36 6.10
N VAL A 114 -24.05 21.26 6.72
CA VAL A 114 -23.69 21.75 8.05
C VAL A 114 -23.84 20.64 9.08
N VAL A 115 -22.78 20.36 9.82
CA VAL A 115 -22.84 19.31 10.86
C VAL A 115 -22.69 19.88 12.28
N ASN A 116 -22.22 21.13 12.39
CA ASN A 116 -22.11 21.81 13.69
C ASN A 116 -22.15 23.33 13.54
N GLU A 117 -22.69 24.00 14.56
CA GLU A 117 -22.71 25.45 14.65
C GLU A 117 -22.13 25.88 15.99
N VAL A 118 -21.13 26.76 15.96
CA VAL A 118 -20.48 27.21 17.16
C VAL A 118 -20.41 28.73 17.14
N GLN A 119 -21.12 29.38 18.05
CA GLN A 119 -20.96 30.80 18.24
C GLN A 119 -19.56 31.08 18.85
N ALA A 120 -18.91 32.12 18.35
CA ALA A 120 -17.60 32.54 18.85
C ALA A 120 -17.52 34.04 18.75
N GLY A 121 -17.79 34.71 19.86
CA GLY A 121 -17.89 36.15 19.89
C GLY A 121 -18.86 36.66 18.84
N ASP A 122 -18.38 37.64 18.07
CA ASP A 122 -18.98 38.28 16.90
C ASP A 122 -19.59 37.41 15.81
N HIS A 123 -19.14 36.16 15.75
CA HIS A 123 -19.33 35.34 14.57
C HIS A 123 -19.84 33.99 14.95
N THR A 124 -20.35 33.27 13.96
CA THR A 124 -20.71 31.87 14.12
C THR A 124 -19.90 31.04 13.16
N LEU A 125 -19.32 29.97 13.69
CA LEU A 125 -18.61 28.99 12.89
C LEU A 125 -19.57 27.92 12.41
N PHE A 126 -19.68 27.76 11.09
CA PHE A 126 -20.44 26.67 10.50
C PHE A 126 -19.48 25.63 9.99
N ILE A 127 -19.45 24.49 10.68
CA ILE A 127 -18.64 23.36 10.30
C ILE A 127 -19.47 22.55 9.33
N GLY A 128 -18.87 22.24 8.19
CA GLY A 128 -19.57 21.63 7.08
C GLY A 128 -18.81 20.39 6.65
N GLU A 129 -19.54 19.29 6.49
CA GLU A 129 -19.00 18.07 5.88
C GLU A 129 -19.09 18.15 4.37
N VAL A 130 -17.97 17.90 3.71
CA VAL A 130 -17.88 18.04 2.27
C VAL A 130 -18.49 16.82 1.56
N THR A 131 -19.42 17.06 0.63
CA THR A 131 -20.02 15.96 -0.13
C THR A 131 -19.47 15.87 -1.55
N ASP A 132 -19.08 17.01 -2.12
CA ASP A 132 -18.73 17.09 -3.53
C ASP A 132 -17.69 18.19 -3.71
N ILE A 133 -16.76 17.94 -4.64
CA ILE A 133 -15.68 18.83 -4.94
C ILE A 133 -15.46 18.93 -6.45
N LYS A 134 -15.15 20.14 -6.91
CA LYS A 134 -14.68 20.37 -8.27
C LYS A 134 -13.48 21.32 -8.25
N ILE A 135 -12.43 20.95 -8.97
CA ILE A 135 -11.17 21.70 -8.95
C ILE A 135 -10.75 22.08 -10.36
N THR A 136 -10.12 23.24 -10.50
CA THR A 136 -9.45 23.65 -11.74
C THR A 136 -8.04 24.05 -11.40
N GLU A 137 -7.24 24.35 -12.42
CA GLU A 137 -5.84 24.71 -12.20
C GLU A 137 -5.58 26.21 -12.37
N GLN A 138 -6.58 27.03 -12.02
CA GLN A 138 -6.44 28.46 -12.15
C GLN A 138 -5.61 29.07 -11.02
N ASP A 139 -5.10 30.29 -11.23
CA ASP A 139 -4.38 31.02 -10.21
C ASP A 139 -5.42 31.70 -9.33
N PRO A 140 -5.11 31.88 -8.03
CA PRO A 140 -6.10 32.37 -7.07
C PRO A 140 -6.12 33.88 -6.90
N LEU A 141 -7.30 34.41 -6.61
CA LEU A 141 -7.42 35.72 -6.03
C LEU A 141 -6.90 35.68 -4.60
N LEU A 142 -6.10 36.68 -4.22
CA LEU A 142 -5.58 36.75 -2.87
C LEU A 142 -6.06 38.01 -2.19
N PHE A 143 -6.05 37.96 -0.85
CA PHE A 143 -6.39 39.12 -0.05
C PHE A 143 -5.37 39.23 1.08
N PHE A 144 -4.75 40.39 1.18
CA PHE A 144 -3.68 40.62 2.12
C PHE A 144 -3.63 42.10 2.45
N SER A 145 -3.53 42.40 3.75
CA SER A 145 -3.39 43.79 4.20
C SER A 145 -4.44 44.72 3.56
N GLY A 146 -5.67 44.22 3.44
CA GLY A 146 -6.78 45.03 3.00
C GLY A 146 -6.89 45.21 1.49
N LYS A 147 -6.04 44.54 0.72
CA LYS A 147 -6.03 44.68 -0.73
C LYS A 147 -6.02 43.32 -1.45
N TYR A 148 -6.56 43.31 -2.66
CA TYR A 148 -6.47 42.16 -3.55
C TYR A 148 -5.06 42.00 -4.12
N HIS A 149 -4.67 40.74 -4.32
CA HIS A 149 -3.31 40.44 -4.73
C HIS A 149 -3.29 39.20 -5.61
N GLN A 150 -2.13 38.90 -6.20
CA GLN A 150 -1.90 37.73 -7.02
C GLN A 150 -0.63 37.03 -6.56
N LEU A 151 -0.49 35.75 -6.86
CA LEU A 151 0.76 35.04 -6.64
C LEU A 151 1.83 35.59 -7.59
N ALA A 152 3.07 35.63 -7.14
CA ALA A 152 4.21 35.84 -8.03
C ALA A 152 4.34 34.63 -8.95
N GLN A 153 4.53 34.86 -10.24
CA GLN A 153 4.58 33.74 -11.22
C GLN A 153 6.00 33.37 -11.62
N MSE B 1 -15.49 10.31 -4.09
CA MSE B 1 -14.38 11.28 -3.88
C MSE B 1 -13.43 10.82 -2.77
O MSE B 1 -13.86 10.59 -1.64
CB MSE B 1 -14.93 12.69 -3.59
CG MSE B 1 -13.93 13.67 -2.93
SE MSE B 1 -14.59 14.68 -1.34
CE MSE B 1 -16.22 15.26 -2.08
N ASP B 2 -12.16 10.74 -3.13
CA ASP B 2 -11.09 10.22 -2.30
C ASP B 2 -10.35 11.30 -1.49
N ASP B 3 -9.44 10.86 -0.60
CA ASP B 3 -8.63 11.73 0.24
C ASP B 3 -7.76 12.72 -0.58
N ARG B 4 -7.22 12.23 -1.69
CA ARG B 4 -6.38 13.02 -2.58
C ARG B 4 -7.14 14.19 -3.18
N LEU B 5 -8.36 13.94 -3.65
CA LEU B 5 -9.17 15.00 -4.23
C LEU B 5 -9.51 16.04 -3.17
N PHE B 6 -9.86 15.60 -1.97
CA PHE B 6 -10.14 16.50 -0.87
C PHE B 6 -8.94 17.40 -0.60
N ARG B 7 -7.75 16.80 -0.42
CA ARG B 7 -6.52 17.53 -0.09
C ARG B 7 -6.14 18.48 -1.20
N ASN B 8 -6.28 18.03 -2.44
CA ASN B 8 -6.05 18.90 -3.58
C ASN B 8 -6.95 20.14 -3.53
N ALA B 9 -8.24 19.92 -3.25
CA ALA B 9 -9.20 21.02 -3.14
C ALA B 9 -8.81 22.00 -2.05
N MSE B 10 -8.45 21.49 -0.88
CA MSE B 10 -8.14 22.31 0.29
C MSE B 10 -6.92 23.17 -0.02
O MSE B 10 -6.88 24.34 0.35
CB MSE B 10 -7.91 21.44 1.54
CG MSE B 10 -9.14 20.66 2.02
SE MSE B 10 -10.89 21.63 2.17
CE MSE B 10 -11.78 21.06 0.70
N GLY B 11 -5.95 22.60 -0.76
CA GLY B 11 -4.78 23.32 -1.18
C GLY B 11 -5.06 24.46 -2.18
N LYS B 12 -6.26 24.48 -2.76
CA LYS B 12 -6.66 25.57 -3.65
C LYS B 12 -7.05 26.83 -2.88
N PHE B 13 -7.15 26.73 -1.56
CA PHE B 13 -7.31 27.91 -0.74
C PHE B 13 -5.91 28.34 -0.29
N ALA B 14 -5.43 29.43 -0.88
CA ALA B 14 -4.15 30.01 -0.56
C ALA B 14 -4.14 30.57 0.87
N THR B 15 -3.05 30.40 1.60
CA THR B 15 -2.95 31.06 2.91
C THR B 15 -1.57 31.68 3.14
N GLY B 16 -1.50 32.48 4.19
CA GLY B 16 -0.21 32.73 4.83
C GLY B 16 0.29 31.47 5.53
N VAL B 17 1.38 31.63 6.27
CA VAL B 17 1.92 30.51 7.04
C VAL B 17 2.24 31.02 8.43
N THR B 18 1.88 30.24 9.44
CA THR B 18 2.24 30.61 10.81
C THR B 18 3.04 29.52 11.51
N VAL B 19 3.66 29.90 12.62
CA VAL B 19 4.15 28.95 13.59
C VAL B 19 3.36 29.25 14.87
N ILE B 20 2.71 28.25 15.41
CA ILE B 20 2.06 28.38 16.70
C ILE B 20 3.14 28.05 17.74
N THR B 21 3.29 28.91 18.74
CA THR B 21 4.22 28.65 19.83
C THR B 21 3.50 28.64 21.16
N THR B 22 4.07 27.90 22.07
CA THR B 22 3.63 27.94 23.45
C THR B 22 4.81 27.57 24.36
N GLU B 23 4.59 27.74 25.65
CA GLU B 23 5.61 27.45 26.64
C GLU B 23 5.00 26.54 27.69
N LEU B 24 5.72 25.48 28.01
CA LEU B 24 5.28 24.55 29.04
C LEU B 24 6.44 24.27 29.97
N ASN B 25 6.34 24.81 31.17
CA ASN B 25 7.37 24.68 32.20
C ASN B 25 8.79 24.95 31.69
N GLY B 26 9.00 26.17 31.19
CA GLY B 26 10.29 26.57 30.66
C GLY B 26 10.52 26.29 29.19
N ALA B 27 10.09 25.11 28.71
CA ALA B 27 10.35 24.68 27.33
C ALA B 27 9.41 25.34 26.31
N VAL B 28 10.00 25.88 25.25
CA VAL B 28 9.27 26.48 24.14
C VAL B 28 8.95 25.39 23.13
N HIS B 29 7.68 25.31 22.75
CA HIS B 29 7.28 24.43 21.66
C HIS B 29 6.66 25.20 20.50
N GLY B 30 6.95 24.78 19.28
CA GLY B 30 6.38 25.41 18.09
C GLY B 30 5.82 24.41 17.12
N MSE B 31 4.87 24.83 16.31
CA MSE B 31 4.31 23.98 15.24
C MSE B 31 3.84 24.84 14.09
O MSE B 31 3.10 25.81 14.30
CB MSE B 31 3.15 23.13 15.76
CG MSE B 31 2.72 22.05 14.82
SE MSE B 31 0.92 21.46 15.11
CE MSE B 31 0.88 20.18 13.94
N THR B 32 4.25 24.49 12.87
CA THR B 32 3.79 25.15 11.65
C THR B 32 2.29 24.92 11.42
N ALA B 33 1.57 26.00 11.14
CA ALA B 33 0.15 25.86 10.88
C ALA B 33 -0.34 26.92 9.90
N ASN B 34 -1.12 26.49 8.92
CA ASN B 34 -1.85 27.46 8.09
C ASN B 34 -3.37 27.45 8.33
N ALA B 35 -3.86 26.47 9.10
CA ALA B 35 -5.25 26.43 9.55
C ALA B 35 -5.46 27.43 10.69
N PHE B 36 -5.50 28.70 10.32
CA PHE B 36 -5.58 29.77 11.28
C PHE B 36 -6.60 30.72 10.71
N MSE B 37 -7.25 31.48 11.57
CA MSE B 37 -8.25 32.39 11.11
C MSE B 37 -8.58 33.43 12.18
O MSE B 37 -8.61 33.12 13.40
CB MSE B 37 -9.46 31.56 10.76
CG MSE B 37 -10.69 32.26 10.34
SE MSE B 37 -12.19 30.99 10.59
CE MSE B 37 -12.94 31.73 11.93
N SER B 38 -8.83 34.64 11.70
CA SER B 38 -9.51 35.67 12.49
C SER B 38 -10.97 35.24 12.75
N VAL B 39 -11.41 35.38 13.99
CA VAL B 39 -12.75 34.95 14.35
C VAL B 39 -13.71 36.09 14.71
N SER B 40 -13.31 36.94 15.64
CA SER B 40 -14.23 37.88 16.23
C SER B 40 -13.52 39.18 16.56
N LEU B 41 -14.24 40.29 16.42
CA LEU B 41 -13.74 41.59 16.84
C LEU B 41 -14.08 41.93 18.31
N ASN B 42 -15.32 41.69 18.72
CA ASN B 42 -15.75 41.88 20.10
C ASN B 42 -16.36 40.61 20.64
N PRO B 43 -15.67 39.86 21.50
CA PRO B 43 -14.28 40.15 21.90
C PRO B 43 -13.27 39.76 20.78
N LYS B 44 -11.99 40.09 20.97
CA LYS B 44 -10.96 39.86 19.96
C LYS B 44 -10.52 38.39 19.97
N LEU B 45 -11.03 37.62 19.00
CA LEU B 45 -10.82 36.19 18.98
C LEU B 45 -10.18 35.69 17.69
N VAL B 46 -9.46 34.60 17.85
CA VAL B 46 -8.73 34.01 16.78
C VAL B 46 -8.90 32.51 16.99
N LEU B 47 -8.60 31.72 15.97
CA LEU B 47 -8.72 30.28 16.10
C LEU B 47 -7.59 29.60 15.34
N VAL B 48 -7.09 28.50 15.93
CA VAL B 48 -6.17 27.61 15.24
C VAL B 48 -6.65 26.16 15.34
N SER B 49 -6.37 25.39 14.31
CA SER B 49 -6.87 24.02 14.22
C SER B 49 -5.69 23.08 14.23
N ILE B 50 -5.65 22.18 15.22
CA ILE B 50 -4.54 21.27 15.45
C ILE B 50 -4.94 19.83 15.34
N GLY B 51 -4.20 19.08 14.53
CA GLY B 51 -4.47 17.66 14.36
C GLY B 51 -4.40 16.87 15.65
N GLU B 52 -5.24 15.84 15.77
CA GLU B 52 -5.31 15.01 16.97
C GLU B 52 -4.02 14.27 17.31
N LYS B 53 -3.16 14.06 16.32
CA LYS B 53 -1.89 13.37 16.49
C LYS B 53 -0.71 14.32 16.71
N ALA B 54 -0.96 15.62 16.68
CA ALA B 54 0.10 16.61 16.92
C ALA B 54 0.44 16.73 18.40
N LYS B 55 1.73 16.70 18.71
CA LYS B 55 2.20 16.87 20.11
C LYS B 55 1.75 18.21 20.70
N MSE B 56 1.63 19.21 19.83
CA MSE B 56 1.19 20.54 20.17
C MSE B 56 -0.19 20.56 20.83
O MSE B 56 -0.46 21.39 21.68
CB MSE B 56 1.20 21.45 18.91
CG MSE B 56 0.77 22.87 19.18
SE MSE B 56 1.92 23.77 20.53
CE MSE B 56 3.55 23.47 19.65
N LEU B 57 -1.05 19.62 20.43
CA LEU B 57 -2.41 19.61 20.94
C LEU B 57 -2.43 19.58 22.47
N GLU B 58 -1.83 18.54 23.04
CA GLU B 58 -1.76 18.40 24.50
C GLU B 58 -0.97 19.54 25.14
N LYS B 59 0.06 20.06 24.45
CA LYS B 59 0.79 21.23 24.96
C LYS B 59 -0.15 22.42 25.23
N ILE B 60 -1.03 22.71 24.25
CA ILE B 60 -1.92 23.87 24.36
C ILE B 60 -3.03 23.59 25.38
N GLN B 61 -3.49 22.35 25.40
CA GLN B 61 -4.47 21.91 26.39
C GLN B 61 -3.99 22.16 27.81
N GLN B 62 -2.70 21.95 28.05
CA GLN B 62 -2.11 22.22 29.36
C GLN B 62 -1.83 23.69 29.63
N SER B 63 -1.13 24.35 28.70
CA SER B 63 -0.72 25.74 28.89
C SER B 63 -1.90 26.70 28.81
N LYS B 64 -2.93 26.30 28.07
CA LYS B 64 -4.10 27.15 27.81
C LYS B 64 -3.76 28.48 27.15
N LYS B 65 -2.68 28.49 26.36
CA LYS B 65 -2.24 29.70 25.68
C LYS B 65 -1.40 29.38 24.46
N TYR B 66 -1.41 30.31 23.52
CA TYR B 66 -0.57 30.18 22.35
C TYR B 66 -0.39 31.53 21.69
N ALA B 67 0.71 31.62 20.96
CA ALA B 67 0.94 32.75 20.11
C ALA B 67 0.95 32.24 18.67
N VAL B 68 0.45 33.07 17.75
CA VAL B 68 0.51 32.83 16.32
C VAL B 68 1.57 33.76 15.77
N ASN B 69 2.59 33.17 15.14
CA ASN B 69 3.66 33.92 14.51
C ASN B 69 3.46 33.84 12.99
N ILE B 70 2.99 34.92 12.39
CA ILE B 70 2.79 34.95 10.93
C ILE B 70 4.15 35.16 10.29
N LEU B 71 4.46 34.27 9.36
CA LEU B 71 5.79 34.19 8.80
C LEU B 71 5.93 35.14 7.61
N SER B 72 7.05 35.84 7.60
CA SER B 72 7.45 36.63 6.48
C SER B 72 7.96 35.72 5.36
N GLN B 73 8.03 36.27 4.17
CA GLN B 73 8.64 35.72 2.97
C GLN B 73 10.04 35.17 3.20
N ASP B 74 10.74 35.71 4.20
CA ASP B 74 12.11 35.30 4.50
C ASP B 74 12.22 34.14 5.48
N GLN B 75 11.10 33.52 5.80
CA GLN B 75 11.07 32.56 6.90
C GLN B 75 10.63 31.15 6.52
N LYS B 76 10.90 30.77 5.27
CA LYS B 76 10.50 29.49 4.74
C LYS B 76 11.18 28.37 5.53
N VAL B 77 12.44 28.59 5.91
CA VAL B 77 13.19 27.60 6.67
C VAL B 77 12.56 27.36 8.04
N LEU B 78 12.03 28.42 8.65
CA LEU B 78 11.31 28.26 9.92
C LEU B 78 10.07 27.42 9.73
N SER B 79 9.37 27.66 8.62
CA SER B 79 8.16 26.89 8.32
C SER B 79 8.50 25.40 8.23
N MSE B 80 9.55 25.09 7.49
CA MSE B 80 9.98 23.70 7.37
C MSE B 80 10.42 23.10 8.70
O MSE B 80 10.02 21.99 9.04
CB MSE B 80 11.04 23.55 6.31
CG MSE B 80 10.49 23.89 4.92
SE MSE B 80 11.83 23.91 3.53
CE MSE B 80 12.80 25.38 4.03
N ASN B 81 11.19 23.86 9.46
CA ASN B 81 11.60 23.46 10.79
C ASN B 81 10.42 23.03 11.65
N PHE B 82 9.44 23.93 11.81
CA PHE B 82 8.33 23.66 12.72
C PHE B 82 7.27 22.73 12.13
N ALA B 83 7.52 22.28 10.91
CA ALA B 83 6.68 21.30 10.24
C ALA B 83 7.30 19.89 10.32
N GLY B 84 8.44 19.79 10.99
CA GLY B 84 9.11 18.51 11.10
C GLY B 84 9.70 18.01 9.78
N GLN B 85 9.98 18.89 8.82
CA GLN B 85 10.46 18.51 7.47
C GLN B 85 11.97 18.64 7.16
N LEU B 86 12.72 19.12 8.14
CA LEU B 86 14.16 19.17 8.04
C LEU B 86 14.71 18.04 8.89
N GLU B 87 15.75 17.37 8.41
CA GLU B 87 16.46 16.36 9.17
C GLU B 87 17.24 16.98 10.33
N LYS B 88 17.62 18.24 10.21
CA LYS B 88 18.43 18.89 11.23
C LYS B 88 17.69 20.09 11.82
N PRO B 89 17.41 20.08 13.13
CA PRO B 89 16.72 21.20 13.80
C PRO B 89 17.49 22.50 13.60
N VAL B 90 16.84 23.65 13.81
CA VAL B 90 17.54 24.93 13.72
C VAL B 90 17.40 25.72 15.02
N ASP B 91 18.37 26.57 15.29
CA ASP B 91 18.39 27.35 16.53
C ASP B 91 17.58 28.61 16.29
N VAL B 92 16.40 28.64 16.90
CA VAL B 92 15.42 29.70 16.60
C VAL B 92 15.57 30.83 17.61
N GLN B 93 15.53 32.06 17.11
CA GLN B 93 15.56 33.22 17.98
C GLN B 93 14.16 33.54 18.47
N PHE B 94 13.95 33.35 19.76
CA PHE B 94 12.68 33.69 20.43
C PHE B 94 12.77 34.97 21.23
N GLU B 95 11.70 35.75 21.20
CA GLU B 95 11.51 36.85 22.12
C GLU B 95 10.19 36.57 22.84
N GLU B 96 9.62 37.60 23.43
CA GLU B 96 8.50 37.43 24.35
C GLU B 96 7.41 38.44 24.09
N LEU B 97 6.15 37.99 24.16
CA LEU B 97 4.97 38.85 24.01
C LEU B 97 3.76 38.27 24.74
N GLY B 98 3.18 39.06 25.66
CA GLY B 98 2.09 38.61 26.49
C GLY B 98 2.38 37.33 27.27
N GLY B 99 3.63 37.17 27.72
CA GLY B 99 4.04 35.99 28.46
C GLY B 99 4.25 34.76 27.59
N LEU B 100 4.19 34.90 26.27
CA LEU B 100 4.43 33.79 25.34
C LEU B 100 5.73 33.96 24.55
N PRO B 101 6.41 32.85 24.25
CA PRO B 101 7.57 32.90 23.34
C PRO B 101 7.06 33.20 21.92
N VAL B 102 7.72 34.15 21.25
CA VAL B 102 7.33 34.53 19.89
C VAL B 102 8.58 34.52 19.06
N ILE B 103 8.42 34.44 17.74
CA ILE B 103 9.57 34.36 16.83
C ILE B 103 10.07 35.73 16.38
N LYS B 104 11.35 36.00 16.62
CA LYS B 104 11.95 37.27 16.19
C LYS B 104 11.81 37.47 14.68
N ASP B 105 11.49 38.70 14.28
CA ASP B 105 11.35 39.08 12.86
C ASP B 105 10.15 38.48 12.12
N ALA B 106 9.22 37.85 12.83
CA ALA B 106 7.96 37.40 12.21
C ALA B 106 7.24 38.56 11.55
N LEU B 107 6.51 38.31 10.48
CA LEU B 107 5.65 39.35 9.93
C LEU B 107 4.72 39.95 11.02
N ALA B 108 4.16 39.08 11.85
CA ALA B 108 3.28 39.52 12.95
C ALA B 108 3.27 38.48 14.07
N GLN B 109 3.03 38.97 15.28
CA GLN B 109 3.01 38.15 16.47
C GLN B 109 1.70 38.45 17.21
N ILE B 110 0.97 37.39 17.56
CA ILE B 110 -0.36 37.52 18.15
C ILE B 110 -0.43 36.57 19.35
N SER B 111 -0.48 37.10 20.55
CA SER B 111 -0.51 36.26 21.76
C SER B 111 -1.93 36.08 22.23
N CYS B 112 -2.26 34.84 22.59
CA CYS B 112 -3.63 34.45 22.90
C CYS B 112 -3.76 33.63 24.14
N GLN B 113 -4.91 33.77 24.79
CA GLN B 113 -5.29 32.86 25.87
C GLN B 113 -6.44 32.00 25.35
N VAL B 114 -6.35 30.70 25.56
CA VAL B 114 -7.41 29.81 25.10
C VAL B 114 -8.70 30.07 25.90
N VAL B 115 -9.82 30.32 25.19
CA VAL B 115 -11.13 30.52 25.82
C VAL B 115 -12.14 29.42 25.46
N ASN B 116 -11.81 28.59 24.47
CA ASN B 116 -12.66 27.49 24.03
C ASN B 116 -11.90 26.44 23.25
N GLU B 117 -12.35 25.21 23.36
CA GLU B 117 -11.82 24.07 22.65
C GLU B 117 -13.00 23.35 22.02
N VAL B 118 -12.92 23.11 20.71
CA VAL B 118 -13.98 22.40 20.03
C VAL B 118 -13.38 21.32 19.15
N GLN B 119 -13.69 20.07 19.46
CA GLN B 119 -13.27 18.96 18.62
C GLN B 119 -14.06 19.02 17.31
N ALA B 120 -13.39 18.81 16.20
CA ALA B 120 -14.07 18.78 14.90
C ALA B 120 -13.40 17.73 14.04
N GLY B 121 -14.02 16.55 13.97
CA GLY B 121 -13.41 15.40 13.32
C GLY B 121 -11.99 15.16 13.81
N ASP B 122 -11.06 15.09 12.85
CA ASP B 122 -9.58 14.94 12.96
C ASP B 122 -8.81 15.90 13.88
N HIS B 123 -9.43 17.03 14.19
CA HIS B 123 -8.68 18.18 14.68
C HIS B 123 -9.42 18.77 15.84
N THR B 124 -8.72 19.62 16.60
CA THR B 124 -9.33 20.42 17.63
C THR B 124 -9.10 21.91 17.34
N LEU B 125 -10.18 22.67 17.44
CA LEU B 125 -10.16 24.11 17.28
C LEU B 125 -9.88 24.77 18.62
N PHE B 126 -8.79 25.52 18.67
CA PHE B 126 -8.49 26.28 19.87
C PHE B 126 -8.80 27.74 19.61
N ILE B 127 -9.88 28.19 20.20
CA ILE B 127 -10.30 29.57 20.08
C ILE B 127 -9.52 30.37 21.13
N GLY B 128 -8.81 31.40 20.65
CA GLY B 128 -7.95 32.21 21.49
C GLY B 128 -8.36 33.67 21.53
N GLU B 129 -8.39 34.25 22.74
CA GLU B 129 -8.58 35.67 22.90
C GLU B 129 -7.22 36.35 22.87
N VAL B 130 -7.11 37.34 22.00
CA VAL B 130 -5.86 38.02 21.75
C VAL B 130 -5.60 39.04 22.84
N THR B 131 -4.44 38.96 23.48
CA THR B 131 -4.05 39.91 24.51
C THR B 131 -3.03 40.93 24.02
N ASP B 132 -2.17 40.53 23.09
CA ASP B 132 -1.10 41.38 22.61
C ASP B 132 -0.82 41.12 21.13
N ILE B 133 -0.46 42.19 20.43
CA ILE B 133 -0.15 42.14 19.02
C ILE B 133 1.11 42.94 18.68
N LYS B 134 1.93 42.39 17.81
CA LYS B 134 3.02 43.13 17.20
C LYS B 134 3.00 42.91 15.69
N ILE B 135 3.12 44.00 14.93
CA ILE B 135 3.02 43.96 13.47
C ILE B 135 4.26 44.61 12.82
N THR B 136 4.65 44.11 11.65
CA THR B 136 5.67 44.74 10.80
C THR B 136 5.08 44.84 9.39
N GLU B 137 5.78 45.53 8.49
CA GLU B 137 5.31 45.70 7.13
C GLU B 137 6.00 44.78 6.14
N GLN B 138 6.45 43.61 6.58
CA GLN B 138 7.09 42.64 5.69
C GLN B 138 6.10 41.96 4.73
N ASP B 139 6.64 41.37 3.67
CA ASP B 139 5.85 40.59 2.72
C ASP B 139 5.69 39.18 3.29
N PRO B 140 4.57 38.54 3.00
CA PRO B 140 4.25 37.25 3.63
C PRO B 140 4.70 36.01 2.86
N LEU B 141 5.12 35.02 3.62
CA LEU B 141 5.21 33.66 3.11
C LEU B 141 3.80 33.17 2.82
N LEU B 142 3.62 32.56 1.64
CA LEU B 142 2.35 32.05 1.17
C LEU B 142 2.47 30.57 0.97
N PHE B 143 1.33 29.90 1.02
CA PHE B 143 1.25 28.49 0.74
C PHE B 143 -0.01 28.27 -0.08
N PHE B 144 0.15 27.60 -1.22
CA PHE B 144 -0.94 27.38 -2.17
C PHE B 144 -0.58 26.17 -3.00
N SER B 145 -1.55 25.28 -3.19
CA SER B 145 -1.38 24.06 -4.01
C SER B 145 -0.16 23.21 -3.63
N GLY B 146 0.08 23.09 -2.33
CA GLY B 146 1.19 22.32 -1.83
C GLY B 146 2.58 22.92 -1.94
N LYS B 147 2.68 24.18 -2.37
CA LYS B 147 3.98 24.85 -2.53
C LYS B 147 4.05 26.20 -1.81
N TYR B 148 5.26 26.63 -1.47
CA TYR B 148 5.49 27.97 -0.96
C TYR B 148 5.45 28.98 -2.10
N HIS B 149 4.95 30.18 -1.80
CA HIS B 149 4.77 31.21 -2.83
C HIS B 149 4.98 32.60 -2.22
N GLN B 150 5.01 33.61 -3.10
CA GLN B 150 5.12 35.00 -2.72
C GLN B 150 4.01 35.81 -3.38
N LEU B 151 3.71 36.99 -2.84
CA LEU B 151 2.86 37.96 -3.52
C LEU B 151 3.55 38.52 -4.76
N ALA B 152 2.80 38.72 -5.84
CA ALA B 152 3.27 39.50 -6.98
C ALA B 152 3.51 40.95 -6.53
N GLN B 153 4.64 41.54 -6.91
CA GLN B 153 4.98 42.89 -6.42
C GLN B 153 4.70 43.98 -7.45
N MSE C 1 -47.81 -16.17 11.64
CA MSE C 1 -46.94 -17.39 11.55
C MSE C 1 -46.58 -17.90 12.95
O MSE C 1 -46.52 -17.12 13.91
CB MSE C 1 -45.67 -17.06 10.76
CG MSE C 1 -44.74 -18.26 10.52
SE MSE C 1 -42.89 -17.73 10.18
CE MSE C 1 -43.19 -16.56 8.68
N ASP C 2 -46.34 -19.20 13.05
CA ASP C 2 -46.01 -19.82 14.33
C ASP C 2 -44.78 -19.19 14.96
N ASP C 3 -44.92 -18.70 16.18
CA ASP C 3 -43.77 -18.22 16.93
C ASP C 3 -42.75 -19.35 17.07
N ARG C 4 -43.25 -20.56 17.32
CA ARG C 4 -42.42 -21.74 17.46
C ARG C 4 -41.61 -22.04 16.20
N LEU C 5 -42.27 -22.00 15.04
CA LEU C 5 -41.59 -22.26 13.78
C LEU C 5 -40.51 -21.20 13.53
N PHE C 6 -40.85 -19.93 13.78
CA PHE C 6 -39.88 -18.86 13.63
C PHE C 6 -38.65 -19.10 14.52
N ARG C 7 -38.87 -19.35 15.81
CA ARG C 7 -37.77 -19.58 16.76
C ARG C 7 -36.93 -20.79 16.36
N ASN C 8 -37.60 -21.85 15.92
CA ASN C 8 -36.92 -23.03 15.47
C ASN C 8 -36.01 -22.72 14.29
N ALA C 9 -36.53 -21.95 13.33
CA ALA C 9 -35.77 -21.52 12.17
C ALA C 9 -34.55 -20.67 12.55
N MSE C 10 -34.76 -19.69 13.42
CA MSE C 10 -33.68 -18.85 13.89
C MSE C 10 -32.56 -19.66 14.53
O MSE C 10 -31.37 -19.38 14.29
CB MSE C 10 -34.21 -17.78 14.84
CG MSE C 10 -35.23 -16.84 14.19
SE MSE C 10 -34.64 -16.11 12.44
CE MSE C 10 -35.82 -16.95 11.27
N GLY C 11 -32.93 -20.70 15.30
CA GLY C 11 -31.97 -21.55 15.96
C GLY C 11 -31.16 -22.40 14.97
N LYS C 12 -31.60 -22.49 13.71
CA LYS C 12 -30.80 -23.16 12.69
C LYS C 12 -29.59 -22.34 12.24
N PHE C 13 -29.52 -21.07 12.65
CA PHE C 13 -28.32 -20.33 12.47
C PHE C 13 -27.40 -20.45 13.67
N ALA C 14 -26.34 -21.24 13.49
CA ALA C 14 -25.37 -21.48 14.55
C ALA C 14 -24.58 -20.20 14.85
N THR C 15 -24.23 -20.00 16.12
CA THR C 15 -23.45 -18.84 16.51
C THR C 15 -22.49 -19.19 17.62
N GLY C 16 -21.51 -18.33 17.80
CA GLY C 16 -20.82 -18.24 19.08
C GLY C 16 -21.76 -17.71 20.16
N VAL C 17 -21.20 -17.48 21.35
CA VAL C 17 -21.96 -16.95 22.47
C VAL C 17 -21.12 -15.82 23.07
N THR C 18 -21.77 -14.70 23.35
CA THR C 18 -21.10 -13.59 24.04
C THR C 18 -21.77 -13.22 25.34
N VAL C 19 -21.04 -12.48 26.16
CA VAL C 19 -21.65 -11.73 27.24
C VAL C 19 -21.40 -10.27 26.93
N ILE C 20 -22.47 -9.48 26.93
CA ILE C 20 -22.33 -8.03 26.76
C ILE C 20 -22.15 -7.46 28.16
N THR C 21 -21.09 -6.68 28.36
CA THR C 21 -20.88 -6.00 29.62
C THR C 21 -20.89 -4.48 29.49
N THR C 22 -21.27 -3.85 30.57
CA THR C 22 -21.13 -2.41 30.69
C THR C 22 -20.99 -2.02 32.15
N GLU C 23 -20.65 -0.76 32.35
CA GLU C 23 -20.52 -0.23 33.69
C GLU C 23 -21.38 1.02 33.83
N LEU C 24 -22.12 1.08 34.93
CA LEU C 24 -22.97 2.23 35.20
C LEU C 24 -22.80 2.66 36.62
N ASN C 25 -22.03 3.73 36.80
CA ASN C 25 -21.72 4.30 38.11
C ASN C 25 -21.18 3.26 39.10
N GLY C 26 -20.02 2.68 38.77
CA GLY C 26 -19.40 1.66 39.60
C GLY C 26 -19.85 0.23 39.33
N ALA C 27 -21.16 0.03 39.20
CA ALA C 27 -21.73 -1.31 39.02
C ALA C 27 -21.53 -1.90 37.62
N VAL C 28 -21.03 -3.14 37.58
CA VAL C 28 -20.85 -3.90 36.34
C VAL C 28 -22.13 -4.66 36.01
N HIS C 29 -22.61 -4.51 34.78
CA HIS C 29 -23.75 -5.32 34.33
C HIS C 29 -23.38 -6.16 33.13
N GLY C 30 -23.90 -7.39 33.09
CA GLY C 30 -23.67 -8.29 31.98
C GLY C 30 -24.94 -8.89 31.43
N MSE C 31 -24.92 -9.32 30.18
CA MSE C 31 -26.05 -10.04 29.60
C MSE C 31 -25.56 -10.98 28.50
O MSE C 31 -24.73 -10.62 27.67
CB MSE C 31 -27.09 -9.07 29.05
CG MSE C 31 -28.44 -9.71 28.73
SE MSE C 31 -29.43 -8.64 27.43
CE MSE C 31 -30.87 -9.68 27.36
N THR C 32 -26.05 -12.22 28.53
CA THR C 32 -25.71 -13.18 27.51
C THR C 32 -26.41 -12.80 26.19
N ALA C 33 -25.66 -12.82 25.10
CA ALA C 33 -26.22 -12.50 23.81
C ALA C 33 -25.50 -13.28 22.71
N ASN C 34 -26.27 -13.81 21.77
CA ASN C 34 -25.70 -14.34 20.53
C ASN C 34 -26.11 -13.56 19.28
N ALA C 35 -27.04 -12.62 19.45
CA ALA C 35 -27.41 -11.67 18.40
C ALA C 35 -26.34 -10.58 18.36
N PHE C 36 -25.21 -10.96 17.79
CA PHE C 36 -24.06 -10.10 17.66
C PHE C 36 -23.55 -10.26 16.25
N MSE C 37 -22.85 -9.25 15.77
CA MSE C 37 -22.36 -9.27 14.42
C MSE C 37 -21.29 -8.21 14.17
O MSE C 37 -21.38 -7.09 14.63
CB MSE C 37 -23.57 -8.99 13.52
CG MSE C 37 -23.35 -9.02 12.06
SE MSE C 37 -24.94 -8.12 11.30
CE MSE C 37 -24.32 -6.58 10.95
N SER C 38 -20.27 -8.60 13.40
CA SER C 38 -19.39 -7.68 12.75
C SER C 38 -20.14 -6.87 11.71
N VAL C 39 -19.95 -5.55 11.72
CA VAL C 39 -20.69 -4.66 10.82
C VAL C 39 -19.83 -4.01 9.73
N SER C 40 -18.76 -3.32 10.14
CA SER C 40 -18.03 -2.44 9.26
C SER C 40 -16.52 -2.48 9.57
N LEU C 41 -15.72 -2.39 8.52
CA LEU C 41 -14.27 -2.30 8.68
C LEU C 41 -13.81 -0.84 8.82
N ASN C 42 -14.34 0.04 7.98
CA ASN C 42 -14.00 1.48 8.01
C ASN C 42 -15.28 2.30 8.07
N PRO C 43 -15.65 2.85 9.23
CA PRO C 43 -14.94 2.65 10.50
C PRO C 43 -15.21 1.24 11.12
N LYS C 44 -14.52 0.89 12.20
CA LYS C 44 -14.60 -0.45 12.79
C LYS C 44 -15.85 -0.54 13.63
N LEU C 45 -16.89 -1.15 13.08
CA LEU C 45 -18.19 -1.20 13.77
C LEU C 45 -18.70 -2.61 14.05
N VAL C 46 -19.50 -2.67 15.07
CA VAL C 46 -20.03 -3.92 15.51
C VAL C 46 -21.46 -3.62 15.88
N LEU C 47 -22.25 -4.65 16.14
CA LEU C 47 -23.65 -4.46 16.49
C LEU C 47 -24.12 -5.58 17.43
N VAL C 48 -24.93 -5.20 18.40
CA VAL C 48 -25.61 -6.15 19.26
C VAL C 48 -27.10 -5.77 19.29
N SER C 49 -27.94 -6.76 19.52
CA SER C 49 -29.36 -6.57 19.46
C SER C 49 -29.93 -6.99 20.80
N ILE C 50 -30.60 -6.05 21.46
CA ILE C 50 -31.08 -6.23 22.83
C ILE C 50 -32.59 -6.14 22.91
N GLY C 51 -33.22 -7.13 23.52
CA GLY C 51 -34.67 -7.13 23.65
C GLY C 51 -35.19 -5.96 24.47
N GLU C 52 -36.40 -5.51 24.15
CA GLU C 52 -36.97 -4.29 24.75
C GLU C 52 -37.23 -4.45 26.24
N LYS C 53 -37.35 -5.71 26.69
CA LYS C 53 -37.63 -6.00 28.08
C LYS C 53 -36.36 -6.25 28.92
N ALA C 54 -35.19 -6.21 28.28
CA ALA C 54 -33.96 -6.50 28.98
C ALA C 54 -33.47 -5.27 29.74
N LYS C 55 -33.07 -5.48 30.99
CA LYS C 55 -32.52 -4.42 31.84
C LYS C 55 -31.31 -3.79 31.21
N MSE C 56 -30.53 -4.61 30.50
CA MSE C 56 -29.35 -4.14 29.80
C MSE C 56 -29.65 -2.99 28.84
O MSE C 56 -28.82 -2.13 28.65
CB MSE C 56 -28.68 -5.31 29.06
CG MSE C 56 -27.41 -4.94 28.32
SE MSE C 56 -25.93 -4.30 29.50
CE MSE C 56 -25.93 -5.70 30.65
N LEU C 57 -30.85 -2.98 28.25
CA LEU C 57 -31.17 -1.96 27.24
C LEU C 57 -30.89 -0.55 27.78
N GLU C 58 -31.55 -0.22 28.89
CA GLU C 58 -31.45 1.10 29.46
C GLU C 58 -30.05 1.35 30.03
N LYS C 59 -29.40 0.31 30.51
CA LYS C 59 -28.00 0.39 30.93
C LYS C 59 -27.09 0.91 29.80
N ILE C 60 -27.20 0.34 28.61
CA ILE C 60 -26.38 0.77 27.48
C ILE C 60 -26.78 2.16 26.98
N GLN C 61 -28.08 2.43 27.03
CA GLN C 61 -28.61 3.72 26.60
C GLN C 61 -27.99 4.83 27.42
N GLN C 62 -27.83 4.58 28.73
CA GLN C 62 -27.21 5.54 29.64
C GLN C 62 -25.69 5.61 29.55
N SER C 63 -25.02 4.47 29.59
CA SER C 63 -23.56 4.40 29.55
C SER C 63 -23.00 4.75 28.18
N LYS C 64 -23.81 4.50 27.14
CA LYS C 64 -23.37 4.65 25.74
C LYS C 64 -22.11 3.87 25.39
N LYS C 65 -21.89 2.76 26.09
CA LYS C 65 -20.77 1.90 25.78
C LYS C 65 -21.07 0.45 26.13
N TYR C 66 -20.32 -0.47 25.52
CA TYR C 66 -20.44 -1.88 25.85
C TYR C 66 -19.26 -2.65 25.34
N ALA C 67 -18.95 -3.74 26.04
CA ALA C 67 -17.93 -4.68 25.60
C ALA C 67 -18.64 -5.99 25.24
N VAL C 68 -18.13 -6.67 24.23
CA VAL C 68 -18.63 -7.96 23.80
C VAL C 68 -17.57 -8.94 24.21
N ASN C 69 -17.95 -9.89 25.05
CA ASN C 69 -17.03 -10.91 25.54
C ASN C 69 -17.41 -12.22 24.87
N ILE C 70 -16.62 -12.65 23.89
CA ILE C 70 -16.85 -13.90 23.22
C ILE C 70 -16.40 -15.03 24.12
N LEU C 71 -17.30 -15.99 24.35
CA LEU C 71 -17.08 -17.05 25.31
C LEU C 71 -16.36 -18.23 24.70
N SER C 72 -15.41 -18.74 25.47
CA SER C 72 -14.72 -19.95 25.13
C SER C 72 -15.63 -21.13 25.43
N GLN C 73 -15.28 -22.25 24.85
CA GLN C 73 -15.82 -23.58 25.16
C GLN C 73 -15.94 -23.92 26.66
N ASP C 74 -15.07 -23.33 27.49
CA ASP C 74 -15.05 -23.61 28.93
C ASP C 74 -16.00 -22.73 29.76
N GLN C 75 -16.83 -21.92 29.08
CA GLN C 75 -17.49 -20.80 29.76
C GLN C 75 -19.00 -20.86 29.68
N LYS C 76 -19.51 -22.09 29.55
CA LYS C 76 -20.91 -22.36 29.48
C LYS C 76 -21.68 -21.87 30.72
N VAL C 77 -21.10 -22.08 31.89
CA VAL C 77 -21.67 -21.56 33.13
C VAL C 77 -21.80 -20.02 33.12
N LEU C 78 -20.81 -19.31 32.60
CA LEU C 78 -20.95 -17.86 32.43
C LEU C 78 -22.11 -17.50 31.49
N SER C 79 -22.28 -18.28 30.43
CA SER C 79 -23.41 -18.08 29.55
C SER C 79 -24.74 -18.16 30.28
N MSE C 80 -24.91 -19.24 31.03
CA MSE C 80 -26.12 -19.44 31.82
C MSE C 80 -26.29 -18.34 32.91
O MSE C 80 -27.40 -17.80 33.12
CB MSE C 80 -26.07 -20.81 32.45
CG MSE C 80 -26.11 -21.93 31.43
SE MSE C 80 -25.95 -23.65 32.31
CE MSE C 80 -24.27 -23.74 32.53
N ASN C 81 -25.20 -18.02 33.60
CA ASN C 81 -25.20 -16.94 34.57
C ASN C 81 -25.77 -15.63 34.01
N PHE C 82 -25.17 -15.13 32.95
CA PHE C 82 -25.63 -13.88 32.33
C PHE C 82 -26.91 -13.97 31.50
N ALA C 83 -27.50 -15.16 31.41
CA ALA C 83 -28.80 -15.37 30.79
C ALA C 83 -29.91 -15.51 31.85
N GLY C 84 -29.58 -15.26 33.11
CA GLY C 84 -30.55 -15.36 34.20
C GLY C 84 -31.01 -16.77 34.52
N GLN C 85 -30.15 -17.74 34.26
CA GLN C 85 -30.61 -19.11 34.37
C GLN C 85 -30.17 -19.76 35.65
N LEU C 86 -29.36 -19.07 36.45
CA LEU C 86 -28.90 -19.64 37.72
C LEU C 86 -29.62 -18.98 38.90
N GLU C 87 -29.87 -19.74 39.96
CA GLU C 87 -30.45 -19.16 41.18
C GLU C 87 -29.48 -18.24 41.93
N LYS C 88 -28.21 -18.65 42.03
CA LYS C 88 -27.18 -17.82 42.62
C LYS C 88 -26.12 -17.40 41.59
N PRO C 89 -26.11 -16.12 41.19
CA PRO C 89 -25.09 -15.64 40.25
C PRO C 89 -23.68 -16.02 40.69
N VAL C 90 -22.85 -16.36 39.71
CA VAL C 90 -21.48 -16.68 40.03
C VAL C 90 -20.69 -15.40 40.33
N ASP C 91 -19.64 -15.56 41.12
CA ASP C 91 -18.71 -14.48 41.34
C ASP C 91 -17.79 -14.44 40.12
N VAL C 92 -18.02 -13.46 39.26
CA VAL C 92 -17.31 -13.39 38.00
C VAL C 92 -16.04 -12.57 38.12
N GLN C 93 -14.96 -13.09 37.52
CA GLN C 93 -13.69 -12.38 37.45
C GLN C 93 -13.68 -11.37 36.28
N PHE C 94 -13.71 -10.09 36.62
CA PHE C 94 -13.65 -9.02 35.63
C PHE C 94 -12.28 -8.38 35.59
N GLU C 95 -11.88 -7.98 34.40
CA GLU C 95 -10.72 -7.13 34.23
C GLU C 95 -11.22 -5.93 33.45
N GLU C 96 -10.32 -5.22 32.79
CA GLU C 96 -10.66 -3.94 32.20
C GLU C 96 -10.10 -3.76 30.79
N LEU C 97 -10.88 -3.18 29.89
CA LEU C 97 -10.40 -2.91 28.52
C LEU C 97 -11.15 -1.74 27.92
N GLY C 98 -10.42 -0.69 27.55
CA GLY C 98 -11.00 0.52 26.97
C GLY C 98 -12.01 1.16 27.90
N GLY C 99 -11.73 1.08 29.19
CA GLY C 99 -12.61 1.66 30.18
C GLY C 99 -13.81 0.81 30.54
N LEU C 100 -13.93 -0.39 29.96
CA LEU C 100 -15.08 -1.27 30.19
C LEU C 100 -14.70 -2.53 30.97
N PRO C 101 -15.61 -3.02 31.79
CA PRO C 101 -15.39 -4.29 32.48
C PRO C 101 -15.48 -5.40 31.46
N VAL C 102 -14.54 -6.33 31.46
CA VAL C 102 -14.51 -7.43 30.51
C VAL C 102 -14.25 -8.71 31.31
N ILE C 103 -14.60 -9.85 30.72
CA ILE C 103 -14.50 -11.13 31.40
C ILE C 103 -13.18 -11.82 31.17
N LYS C 104 -12.50 -12.14 32.28
CA LYS C 104 -11.21 -12.79 32.28
C LYS C 104 -11.33 -14.12 31.59
N ASP C 105 -10.34 -14.43 30.75
CA ASP C 105 -10.25 -15.70 30.05
C ASP C 105 -11.30 -15.90 28.95
N ALA C 106 -12.03 -14.84 28.59
CA ALA C 106 -12.93 -14.91 27.41
C ALA C 106 -12.11 -15.25 26.17
N LEU C 107 -12.74 -15.89 25.20
CA LEU C 107 -12.10 -16.14 23.92
C LEU C 107 -11.59 -14.82 23.29
N ALA C 108 -12.42 -13.79 23.34
CA ALA C 108 -12.07 -12.46 22.85
C ALA C 108 -12.83 -11.37 23.59
N GLN C 109 -12.22 -10.20 23.66
CA GLN C 109 -12.82 -9.04 24.30
C GLN C 109 -12.78 -7.86 23.32
N ILE C 110 -13.91 -7.20 23.16
CA ILE C 110 -14.07 -6.14 22.16
C ILE C 110 -14.83 -5.00 22.83
N SER C 111 -14.15 -3.88 23.05
CA SER C 111 -14.74 -2.73 23.72
C SER C 111 -15.23 -1.72 22.70
N CYS C 112 -16.41 -1.18 22.96
CA CYS C 112 -17.13 -0.39 21.98
C CYS C 112 -17.75 0.84 22.59
N GLN C 113 -17.82 1.90 21.79
CA GLN C 113 -18.61 3.10 22.13
C GLN C 113 -19.83 3.15 21.22
N VAL C 114 -21.02 3.33 21.77
CA VAL C 114 -22.23 3.35 20.97
C VAL C 114 -22.23 4.57 20.05
N VAL C 115 -22.43 4.34 18.75
CA VAL C 115 -22.51 5.43 17.78
C VAL C 115 -23.90 5.56 17.11
N ASN C 116 -24.74 4.54 17.26
CA ASN C 116 -26.10 4.57 16.72
C ASN C 116 -27.01 3.63 17.49
N GLU C 117 -28.30 3.96 17.56
CA GLU C 117 -29.34 3.12 18.15
C GLU C 117 -30.47 3.05 17.15
N VAL C 118 -30.91 1.83 16.83
CA VAL C 118 -31.97 1.62 15.86
C VAL C 118 -32.94 0.62 16.43
N GLN C 119 -34.18 1.06 16.62
CA GLN C 119 -35.22 0.15 17.06
C GLN C 119 -35.59 -0.73 15.88
N ALA C 120 -35.80 -2.02 16.15
CA ALA C 120 -36.26 -2.94 15.11
C ALA C 120 -37.18 -3.97 15.74
N GLY C 121 -38.48 -3.77 15.54
CA GLY C 121 -39.50 -4.50 16.27
C GLY C 121 -39.20 -4.60 17.77
N ASP C 122 -39.23 -5.83 18.25
CA ASP C 122 -38.91 -6.32 19.61
C ASP C 122 -37.64 -5.82 20.28
N HIS C 123 -36.69 -5.39 19.47
CA HIS C 123 -35.31 -5.25 19.92
C HIS C 123 -34.78 -3.94 19.49
N THR C 124 -33.65 -3.55 20.10
CA THR C 124 -32.90 -2.38 19.68
C THR C 124 -31.48 -2.79 19.28
N LEU C 125 -31.07 -2.36 18.10
CA LEU C 125 -29.72 -2.55 17.64
C LEU C 125 -28.82 -1.44 18.16
N PHE C 126 -27.75 -1.80 18.88
CA PHE C 126 -26.77 -0.83 19.31
C PHE C 126 -25.53 -1.03 18.48
N ILE C 127 -25.25 -0.04 17.63
CA ILE C 127 -24.11 -0.10 16.77
C ILE C 127 -22.96 0.52 17.54
N GLY C 128 -21.86 -0.24 17.65
CA GLY C 128 -20.74 0.15 18.48
C GLY C 128 -19.47 0.29 17.65
N GLU C 129 -18.73 1.38 17.89
CA GLU C 129 -17.40 1.52 17.29
C GLU C 129 -16.38 0.91 18.24
N VAL C 130 -15.55 0.04 17.69
CA VAL C 130 -14.59 -0.71 18.47
C VAL C 130 -13.35 0.12 18.78
N THR C 131 -13.02 0.27 20.06
CA THR C 131 -11.85 1.05 20.48
C THR C 131 -10.67 0.16 20.86
N ASP C 132 -10.98 -1.05 21.34
CA ASP C 132 -9.96 -1.94 21.90
C ASP C 132 -10.36 -3.41 21.71
N ILE C 133 -9.37 -4.23 21.40
CA ILE C 133 -9.57 -5.65 21.21
C ILE C 133 -8.50 -6.44 21.94
N LYS C 134 -8.91 -7.60 22.47
CA LYS C 134 -7.99 -8.61 22.98
C LYS C 134 -8.48 -9.98 22.51
N ILE C 135 -7.55 -10.77 21.97
CA ILE C 135 -7.85 -12.07 21.37
C ILE C 135 -7.00 -13.19 22.02
N THR C 136 -7.58 -14.39 22.12
CA THR C 136 -6.84 -15.61 22.47
C THR C 136 -7.15 -16.69 21.44
N GLU C 137 -6.43 -17.81 21.53
CA GLU C 137 -6.60 -18.90 20.57
C GLU C 137 -7.46 -20.05 21.12
N GLN C 138 -8.40 -19.73 21.99
CA GLN C 138 -9.27 -20.75 22.54
C GLN C 138 -10.37 -21.22 21.58
N ASP C 139 -10.89 -22.41 21.85
CA ASP C 139 -12.03 -22.94 21.10
C ASP C 139 -13.34 -22.31 21.61
N PRO C 140 -14.29 -22.05 20.71
CA PRO C 140 -15.49 -21.30 21.09
C PRO C 140 -16.62 -22.14 21.66
N LEU C 141 -17.38 -21.53 22.55
CA LEU C 141 -18.72 -22.01 22.88
C LEU C 141 -19.68 -21.73 21.71
N LEU C 142 -20.43 -22.73 21.30
CA LEU C 142 -21.38 -22.59 20.22
C LEU C 142 -22.79 -22.76 20.72
N PHE C 143 -23.73 -22.19 19.96
CA PHE C 143 -25.13 -22.37 20.24
C PHE C 143 -25.81 -22.62 18.93
N PHE C 144 -26.57 -23.70 18.88
CA PHE C 144 -27.25 -24.18 17.70
C PHE C 144 -28.43 -25.04 18.08
N SER C 145 -29.57 -24.78 17.44
CA SER C 145 -30.80 -25.54 17.68
C SER C 145 -31.16 -25.62 19.16
N GLY C 146 -30.96 -24.52 19.90
CA GLY C 146 -31.33 -24.42 21.31
C GLY C 146 -30.38 -25.07 22.29
N LYS C 147 -29.24 -25.56 21.81
CA LYS C 147 -28.28 -26.28 22.67
C LYS C 147 -26.86 -25.72 22.54
N TYR C 148 -26.09 -25.88 23.60
CA TYR C 148 -24.67 -25.59 23.56
C TYR C 148 -23.91 -26.67 22.77
N HIS C 149 -22.90 -26.24 22.03
CA HIS C 149 -22.12 -27.13 21.17
C HIS C 149 -20.65 -26.73 21.10
N GLN C 150 -19.84 -27.62 20.52
CA GLN C 150 -18.42 -27.38 20.31
C GLN C 150 -18.08 -27.57 18.82
N LEU C 151 -16.97 -27.01 18.38
CA LEU C 151 -16.42 -27.35 17.07
C LEU C 151 -15.89 -28.80 17.06
N ALA C 152 -16.07 -29.48 15.92
CA ALA C 152 -15.36 -30.75 15.67
C ALA C 152 -13.86 -30.47 15.58
N GLN C 153 -13.06 -31.29 16.25
CA GLN C 153 -11.61 -31.04 16.30
C GLN C 153 -10.82 -31.94 15.36
N MSE D 1 -5.72 1.34 15.19
CA MSE D 1 -5.86 -0.14 15.41
C MSE D 1 -5.82 -0.89 14.08
O MSE D 1 -6.54 -0.55 13.13
CB MSE D 1 -7.16 -0.44 16.15
CG MSE D 1 -7.32 -1.91 16.58
SE MSE D 1 -9.19 -2.41 16.78
CE MSE D 1 -9.62 -1.30 18.21
N ASP D 2 -4.96 -1.91 14.02
CA ASP D 2 -4.77 -2.69 12.80
C ASP D 2 -6.09 -3.30 12.34
N ASP D 3 -6.42 -3.04 11.07
CA ASP D 3 -7.48 -3.75 10.38
C ASP D 3 -7.36 -5.27 10.62
N ARG D 4 -6.13 -5.78 10.61
CA ARG D 4 -5.86 -7.19 10.82
C ARG D 4 -6.31 -7.68 12.20
N LEU D 5 -6.03 -6.90 13.23
CA LEU D 5 -6.43 -7.24 14.59
C LEU D 5 -7.95 -7.26 14.69
N PHE D 6 -8.59 -6.24 14.09
CA PHE D 6 -10.05 -6.15 14.04
C PHE D 6 -10.64 -7.39 13.38
N ARG D 7 -10.16 -7.71 12.18
CA ARG D 7 -10.66 -8.85 11.42
C ARG D 7 -10.44 -10.17 12.14
N ASN D 8 -9.25 -10.35 12.70
CA ASN D 8 -8.99 -11.50 13.55
C ASN D 8 -9.99 -11.64 14.70
N ALA D 9 -10.27 -10.53 15.38
CA ALA D 9 -11.23 -10.50 16.49
C ALA D 9 -12.62 -10.91 16.04
N MSE D 10 -13.09 -10.28 14.96
CA MSE D 10 -14.40 -10.59 14.39
C MSE D 10 -14.52 -12.07 14.06
O MSE D 10 -15.58 -12.67 14.26
CB MSE D 10 -14.66 -9.74 13.15
CG MSE D 10 -14.71 -8.23 13.45
SE MSE D 10 -15.86 -7.71 14.98
CE MSE D 10 -14.51 -7.26 16.30
N GLY D 11 -13.44 -12.67 13.57
CA GLY D 11 -13.45 -14.10 13.20
C GLY D 11 -13.48 -15.03 14.40
N LYS D 12 -13.28 -14.48 15.59
CA LYS D 12 -13.45 -15.27 16.82
C LYS D 12 -14.92 -15.44 17.21
N PHE D 13 -15.80 -14.74 16.51
CA PHE D 13 -17.23 -15.04 16.65
C PHE D 13 -17.66 -16.06 15.59
N ALA D 14 -17.89 -17.29 16.02
CA ALA D 14 -18.29 -18.38 15.14
C ALA D 14 -19.68 -18.14 14.60
N THR D 15 -19.92 -18.54 13.34
CA THR D 15 -21.28 -18.45 12.80
C THR D 15 -21.60 -19.62 11.89
N GLY D 16 -22.86 -19.79 11.61
CA GLY D 16 -23.30 -20.54 10.44
C GLY D 16 -22.93 -19.75 9.18
N VAL D 17 -23.41 -20.21 8.04
CA VAL D 17 -23.07 -19.61 6.77
C VAL D 17 -24.35 -19.62 5.98
N THR D 18 -24.66 -18.51 5.33
CA THR D 18 -25.85 -18.44 4.49
C THR D 18 -25.47 -18.00 3.11
N VAL D 19 -26.40 -18.18 2.19
CA VAL D 19 -26.37 -17.47 0.92
C VAL D 19 -27.62 -16.63 0.93
N ILE D 20 -27.49 -15.33 0.64
CA ILE D 20 -28.62 -14.44 0.45
C ILE D 20 -28.97 -14.49 -1.02
N THR D 21 -30.24 -14.76 -1.31
CA THR D 21 -30.71 -14.74 -2.69
C THR D 21 -31.80 -13.72 -2.88
N THR D 22 -31.87 -13.24 -4.11
CA THR D 22 -32.99 -12.44 -4.54
C THR D 22 -33.18 -12.65 -6.05
N GLU D 23 -34.24 -12.06 -6.57
CA GLU D 23 -34.56 -12.15 -7.98
C GLU D 23 -34.82 -10.73 -8.48
N LEU D 24 -34.21 -10.39 -9.61
CA LEU D 24 -34.42 -9.10 -10.21
C LEU D 24 -34.68 -9.26 -11.69
N ASN D 25 -35.97 -9.15 -12.05
CA ASN D 25 -36.44 -9.30 -13.44
C ASN D 25 -35.94 -10.60 -14.10
N GLY D 26 -36.43 -11.73 -13.59
CA GLY D 26 -36.04 -13.04 -14.11
C GLY D 26 -34.76 -13.62 -13.51
N ALA D 27 -33.70 -12.79 -13.45
CA ALA D 27 -32.39 -13.25 -12.97
C ALA D 27 -32.26 -13.49 -11.44
N VAL D 28 -31.72 -14.63 -11.07
CA VAL D 28 -31.46 -14.98 -9.67
C VAL D 28 -30.05 -14.55 -9.28
N HIS D 29 -29.96 -13.79 -8.20
CA HIS D 29 -28.67 -13.39 -7.68
C HIS D 29 -28.46 -13.93 -6.27
N GLY D 30 -27.21 -14.28 -5.95
CA GLY D 30 -26.86 -14.85 -4.67
C GLY D 30 -25.58 -14.28 -4.11
N MSE D 31 -25.45 -14.25 -2.78
CA MSE D 31 -24.22 -13.77 -2.17
C MSE D 31 -24.03 -14.48 -0.82
O MSE D 31 -24.95 -14.55 0.02
CB MSE D 31 -24.26 -12.25 -1.98
CG MSE D 31 -22.91 -11.63 -1.61
SE MSE D 31 -23.08 -9.92 -0.62
CE MSE D 31 -21.34 -9.64 -0.48
N THR D 32 -22.83 -14.98 -0.60
CA THR D 32 -22.47 -15.62 0.65
C THR D 32 -22.40 -14.60 1.78
N ALA D 33 -23.08 -14.89 2.88
CA ALA D 33 -23.04 -13.99 4.02
C ALA D 33 -23.08 -14.71 5.36
N ASN D 34 -22.24 -14.27 6.30
CA ASN D 34 -22.41 -14.76 7.67
C ASN D 34 -22.81 -13.66 8.61
N ALA D 35 -22.88 -12.44 8.09
CA ALA D 35 -23.40 -11.30 8.85
C ALA D 35 -24.94 -11.29 8.77
N PHE D 36 -25.54 -12.23 9.49
CA PHE D 36 -26.95 -12.44 9.52
C PHE D 36 -27.35 -12.62 10.99
N MSE D 37 -28.60 -12.33 11.29
CA MSE D 37 -29.02 -12.37 12.67
C MSE D 37 -30.54 -12.32 12.74
O MSE D 37 -31.21 -11.64 11.96
CB MSE D 37 -28.40 -11.16 13.36
CG MSE D 37 -28.76 -10.96 14.79
SE MSE D 37 -28.38 -9.05 15.16
CE MSE D 37 -29.96 -8.53 15.31
N SER D 38 -31.06 -13.09 13.70
CA SER D 38 -32.42 -12.97 14.14
C SER D 38 -32.59 -11.65 14.90
N VAL D 39 -33.66 -10.93 14.59
CA VAL D 39 -33.84 -9.59 15.17
C VAL D 39 -35.02 -9.47 16.13
N SER D 40 -36.20 -9.88 15.68
CA SER D 40 -37.42 -9.60 16.41
C SER D 40 -38.41 -10.76 16.23
N LEU D 41 -39.17 -11.04 17.30
CA LEU D 41 -40.25 -12.03 17.26
C LEU D 41 -41.60 -11.43 16.84
N ASN D 42 -41.96 -10.30 17.45
CA ASN D 42 -43.15 -9.54 17.05
C ASN D 42 -42.80 -8.12 16.65
N PRO D 43 -42.81 -7.79 15.37
CA PRO D 43 -43.02 -8.72 14.26
C PRO D 43 -41.76 -9.58 13.98
N LYS D 44 -41.90 -10.58 13.09
CA LYS D 44 -40.84 -11.54 12.81
C LYS D 44 -39.80 -10.90 11.89
N LEU D 45 -38.68 -10.50 12.48
CA LEU D 45 -37.67 -9.76 11.74
C LEU D 45 -36.30 -10.38 11.81
N VAL D 46 -35.59 -10.17 10.73
CA VAL D 46 -34.28 -10.70 10.57
C VAL D 46 -33.46 -9.55 9.97
N LEU D 47 -32.14 -9.72 9.93
CA LEU D 47 -31.27 -8.68 9.41
C LEU D 47 -30.06 -9.30 8.72
N VAL D 48 -29.68 -8.73 7.59
CA VAL D 48 -28.44 -9.06 6.91
C VAL D 48 -27.64 -7.79 6.64
N SER D 49 -26.33 -7.92 6.63
CA SER D 49 -25.45 -6.79 6.48
C SER D 49 -24.63 -6.97 5.22
N ILE D 50 -24.71 -6.01 4.30
CA ILE D 50 -24.11 -6.13 2.97
C ILE D 50 -23.12 -4.99 2.72
N GLY D 51 -21.94 -5.34 2.24
CA GLY D 51 -20.90 -4.37 2.00
C GLY D 51 -21.32 -3.40 0.92
N GLU D 52 -20.87 -2.15 1.05
CA GLU D 52 -21.18 -1.08 0.10
C GLU D 52 -20.71 -1.35 -1.33
N LYS D 53 -19.68 -2.17 -1.49
CA LYS D 53 -19.15 -2.52 -2.82
C LYS D 53 -19.76 -3.80 -3.43
N ALA D 54 -20.65 -4.46 -2.69
CA ALA D 54 -21.27 -5.69 -3.15
C ALA D 54 -22.37 -5.40 -4.18
N LYS D 55 -22.36 -6.12 -5.29
CA LYS D 55 -23.40 -6.00 -6.32
C LYS D 55 -24.77 -6.29 -5.75
N MSE D 56 -24.82 -7.21 -4.78
CA MSE D 56 -26.05 -7.59 -4.10
C MSE D 56 -26.77 -6.40 -3.48
O MSE D 56 -27.99 -6.40 -3.37
CB MSE D 56 -25.75 -8.63 -3.03
CG MSE D 56 -26.96 -9.15 -2.25
SE MSE D 56 -28.33 -9.98 -3.42
CE MSE D 56 -27.24 -11.15 -4.25
N LEU D 57 -26.02 -5.37 -3.05
CA LEU D 57 -26.62 -4.24 -2.32
C LEU D 57 -27.73 -3.61 -3.15
N GLU D 58 -27.39 -3.18 -4.36
CA GLU D 58 -28.36 -2.53 -5.24
C GLU D 58 -29.46 -3.52 -5.66
N LYS D 59 -29.10 -4.79 -5.81
CA LYS D 59 -30.09 -5.83 -6.14
C LYS D 59 -31.21 -5.90 -5.10
N ILE D 60 -30.85 -5.85 -3.82
CA ILE D 60 -31.86 -5.86 -2.76
C ILE D 60 -32.59 -4.53 -2.64
N GLN D 61 -31.87 -3.43 -2.82
CA GLN D 61 -32.50 -2.12 -2.83
C GLN D 61 -33.63 -2.05 -3.87
N GLN D 62 -33.40 -2.66 -5.04
CA GLN D 62 -34.40 -2.70 -6.12
C GLN D 62 -35.53 -3.68 -5.90
N SER D 63 -35.17 -4.92 -5.57
CA SER D 63 -36.18 -5.96 -5.40
C SER D 63 -36.96 -5.82 -4.11
N LYS D 64 -36.35 -5.16 -3.12
CA LYS D 64 -36.94 -5.00 -1.78
C LYS D 64 -37.30 -6.34 -1.13
N LYS D 65 -36.57 -7.38 -1.47
CA LYS D 65 -36.77 -8.67 -0.84
C LYS D 65 -35.50 -9.50 -0.88
N TYR D 66 -35.44 -10.50 -0.01
CA TYR D 66 -34.34 -11.45 -0.01
C TYR D 66 -34.71 -12.68 0.77
N ALA D 67 -34.05 -13.78 0.42
CA ALA D 67 -34.15 -15.01 1.16
C ALA D 67 -32.78 -15.30 1.76
N VAL D 68 -32.81 -15.91 2.94
CA VAL D 68 -31.60 -16.36 3.63
C VAL D 68 -31.60 -17.86 3.57
N ASN D 69 -30.56 -18.43 2.93
CA ASN D 69 -30.43 -19.86 2.82
C ASN D 69 -29.31 -20.32 3.71
N ILE D 70 -29.68 -20.91 4.84
CA ILE D 70 -28.69 -21.42 5.79
C ILE D 70 -28.10 -22.70 5.25
N LEU D 71 -26.78 -22.70 5.13
CA LEU D 71 -26.09 -23.80 4.48
C LEU D 71 -25.84 -24.98 5.42
N SER D 72 -26.07 -26.16 4.87
CA SER D 72 -25.74 -27.39 5.54
C SER D 72 -24.25 -27.65 5.43
N GLN D 73 -23.79 -28.57 6.26
CA GLN D 73 -22.42 -29.07 6.28
C GLN D 73 -21.92 -29.52 4.90
N ASP D 74 -22.86 -29.88 4.03
CA ASP D 74 -22.55 -30.44 2.71
C ASP D 74 -22.47 -29.40 1.61
N GLN D 75 -22.49 -28.11 1.97
CA GLN D 75 -22.67 -27.05 0.96
C GLN D 75 -21.53 -26.02 0.96
N LYS D 76 -20.35 -26.49 1.36
CA LYS D 76 -19.15 -25.66 1.40
C LYS D 76 -18.87 -25.09 0.00
N VAL D 77 -19.12 -25.89 -1.03
CA VAL D 77 -18.87 -25.46 -2.40
C VAL D 77 -19.80 -24.30 -2.79
N LEU D 78 -21.06 -24.40 -2.38
CA LEU D 78 -22.00 -23.28 -2.60
C LEU D 78 -21.51 -22.02 -1.89
N SER D 79 -21.00 -22.18 -0.67
CA SER D 79 -20.47 -21.03 0.04
C SER D 79 -19.35 -20.32 -0.74
N MSE D 80 -18.39 -21.11 -1.20
CA MSE D 80 -17.32 -20.61 -2.04
C MSE D 80 -17.82 -20.00 -3.33
O MSE D 80 -17.35 -18.90 -3.71
CB MSE D 80 -16.32 -21.72 -2.32
CG MSE D 80 -15.58 -22.12 -1.03
SE MSE D 80 -14.32 -23.56 -1.27
CE MSE D 80 -15.55 -25.00 -1.63
N ASN D 81 -18.77 -20.68 -4.00
CA ASN D 81 -19.40 -20.15 -5.20
C ASN D 81 -19.92 -18.72 -5.00
N PHE D 82 -20.84 -18.56 -4.05
CA PHE D 82 -21.50 -17.28 -3.87
C PHE D 82 -20.65 -16.23 -3.14
N ALA D 83 -19.42 -16.61 -2.83
CA ALA D 83 -18.42 -15.70 -2.27
C ALA D 83 -17.44 -15.23 -3.33
N GLY D 84 -17.65 -15.65 -4.57
CA GLY D 84 -16.78 -15.23 -5.67
C GLY D 84 -15.40 -15.80 -5.53
N GLN D 85 -15.23 -16.78 -4.65
CA GLN D 85 -13.93 -17.44 -4.46
C GLN D 85 -13.68 -18.61 -5.42
N LEU D 86 -14.60 -18.81 -6.38
CA LEU D 86 -14.44 -19.81 -7.45
C LEU D 86 -14.41 -19.13 -8.82
N GLU D 87 -13.34 -19.38 -9.57
CA GLU D 87 -13.19 -18.81 -10.90
C GLU D 87 -14.29 -19.29 -11.86
N LYS D 88 -14.63 -20.59 -11.78
CA LYS D 88 -15.70 -21.22 -12.57
C LYS D 88 -16.99 -21.34 -11.74
N PRO D 89 -18.03 -20.59 -12.11
CA PRO D 89 -19.36 -20.71 -11.46
C PRO D 89 -19.98 -22.12 -11.52
N VAL D 90 -20.75 -22.49 -10.50
CA VAL D 90 -21.42 -23.80 -10.48
C VAL D 90 -22.90 -23.65 -10.83
N ASP D 91 -23.51 -24.71 -11.36
CA ASP D 91 -24.92 -24.71 -11.74
C ASP D 91 -25.73 -25.06 -10.50
N VAL D 92 -26.38 -24.05 -9.93
CA VAL D 92 -27.07 -24.20 -8.66
C VAL D 92 -28.53 -24.55 -8.87
N GLN D 93 -29.01 -25.51 -8.06
CA GLN D 93 -30.41 -25.91 -8.06
C GLN D 93 -31.25 -24.99 -7.19
N PHE D 94 -32.09 -24.18 -7.84
CA PHE D 94 -33.01 -23.28 -7.13
C PHE D 94 -34.42 -23.82 -7.11
N GLU D 95 -35.13 -23.54 -6.02
CA GLU D 95 -36.56 -23.77 -5.94
C GLU D 95 -37.12 -22.43 -5.50
N GLU D 96 -38.34 -22.44 -4.98
CA GLU D 96 -39.09 -21.22 -4.72
C GLU D 96 -39.75 -21.19 -3.35
N LEU D 97 -39.73 -20.01 -2.70
CA LEU D 97 -40.39 -19.85 -1.40
C LEU D 97 -40.75 -18.39 -1.15
N GLY D 98 -42.06 -18.15 -0.97
CA GLY D 98 -42.56 -16.79 -0.79
C GLY D 98 -42.23 -15.85 -1.94
N GLY D 99 -42.16 -16.41 -3.15
CA GLY D 99 -41.85 -15.61 -4.32
C GLY D 99 -40.36 -15.41 -4.55
N LEU D 100 -39.52 -16.05 -3.74
CA LEU D 100 -38.06 -15.86 -3.85
C LEU D 100 -37.35 -17.14 -4.26
N PRO D 101 -36.29 -17.01 -5.06
CA PRO D 101 -35.46 -18.17 -5.36
C PRO D 101 -34.69 -18.59 -4.09
N VAL D 102 -34.72 -19.87 -3.78
CA VAL D 102 -34.05 -20.40 -2.58
C VAL D 102 -33.24 -21.60 -3.02
N ILE D 103 -32.27 -22.02 -2.21
CA ILE D 103 -31.39 -23.10 -2.62
C ILE D 103 -31.87 -24.45 -2.13
N LYS D 104 -32.03 -25.40 -3.06
CA LYS D 104 -32.46 -26.75 -2.74
C LYS D 104 -31.50 -27.40 -1.75
N ASP D 105 -32.06 -28.10 -0.77
CA ASP D 105 -31.30 -28.83 0.24
C ASP D 105 -30.56 -27.96 1.28
N ALA D 106 -30.84 -26.66 1.31
CA ALA D 106 -30.32 -25.82 2.37
C ALA D 106 -30.75 -26.37 3.75
N LEU D 107 -29.96 -26.10 4.76
CA LEU D 107 -30.37 -26.44 6.11
C LEU D 107 -31.71 -25.76 6.43
N ALA D 108 -31.85 -24.49 6.03
CA ALA D 108 -33.09 -23.75 6.24
C ALA D 108 -33.23 -22.66 5.20
N GLN D 109 -34.48 -22.31 4.92
CA GLN D 109 -34.79 -21.24 3.97
C GLN D 109 -35.76 -20.25 4.61
N ILE D 110 -35.42 -18.97 4.52
CA ILE D 110 -36.18 -17.93 5.21
C ILE D 110 -36.39 -16.80 4.22
N SER D 111 -37.64 -16.59 3.81
CA SER D 111 -37.94 -15.55 2.83
C SER D 111 -38.42 -14.27 3.53
N CYS D 112 -37.91 -13.14 3.06
CA CYS D 112 -38.12 -11.85 3.72
C CYS D 112 -38.50 -10.75 2.75
N GLN D 113 -39.30 -9.82 3.25
CA GLN D 113 -39.53 -8.54 2.58
C GLN D 113 -38.79 -7.44 3.36
N VAL D 114 -38.04 -6.60 2.66
CA VAL D 114 -37.28 -5.52 3.30
C VAL D 114 -38.24 -4.50 3.87
N VAL D 115 -38.10 -4.22 5.17
CA VAL D 115 -38.92 -3.21 5.83
C VAL D 115 -38.09 -2.01 6.31
N ASN D 116 -36.76 -2.12 6.25
CA ASN D 116 -35.87 -1.02 6.68
C ASN D 116 -34.48 -1.19 6.11
N GLU D 117 -33.81 -0.06 5.89
CA GLU D 117 -32.44 -0.02 5.40
C GLU D 117 -31.68 0.98 6.24
N VAL D 118 -30.58 0.53 6.84
CA VAL D 118 -29.78 1.39 7.72
C VAL D 118 -28.33 1.30 7.31
N GLN D 119 -27.78 2.41 6.85
CA GLN D 119 -26.35 2.46 6.58
C GLN D 119 -25.57 2.45 7.89
N ALA D 120 -24.48 1.69 7.92
CA ALA D 120 -23.66 1.60 9.11
C ALA D 120 -22.22 1.41 8.65
N GLY D 121 -21.47 2.52 8.69
CA GLY D 121 -20.14 2.56 8.09
C GLY D 121 -20.11 1.94 6.71
N ASP D 122 -19.18 1.00 6.55
CA ASP D 122 -18.92 0.15 5.37
C ASP D 122 -20.10 -0.57 4.72
N HIS D 123 -21.17 -0.77 5.48
CA HIS D 123 -22.18 -1.75 5.15
C HIS D 123 -23.57 -1.15 5.26
N THR D 124 -24.53 -1.85 4.67
CA THR D 124 -25.92 -1.52 4.88
C THR D 124 -26.64 -2.72 5.48
N LEU D 125 -27.42 -2.45 6.53
CA LEU D 125 -28.23 -3.43 7.18
C LEU D 125 -29.59 -3.42 6.52
N PHE D 126 -29.99 -4.59 6.02
CA PHE D 126 -31.33 -4.76 5.48
C PHE D 126 -32.15 -5.57 6.45
N ILE D 127 -33.10 -4.90 7.08
CA ILE D 127 -34.00 -5.55 8.02
C ILE D 127 -35.15 -6.14 7.20
N GLY D 128 -35.37 -7.43 7.38
CA GLY D 128 -36.37 -8.16 6.61
C GLY D 128 -37.44 -8.77 7.49
N GLU D 129 -38.68 -8.62 7.07
CA GLU D 129 -39.78 -9.31 7.74
C GLU D 129 -39.98 -10.65 7.08
N VAL D 130 -40.03 -11.68 7.90
CA VAL D 130 -40.06 -13.06 7.43
C VAL D 130 -41.48 -13.45 7.03
N THR D 131 -41.65 -13.89 5.79
CA THR D 131 -42.99 -14.29 5.31
C THR D 131 -43.16 -15.81 5.28
N ASP D 132 -42.04 -16.53 5.10
CA ASP D 132 -42.05 -17.97 4.85
C ASP D 132 -40.77 -18.61 5.34
N ILE D 133 -40.92 -19.81 5.90
CA ILE D 133 -39.82 -20.56 6.44
C ILE D 133 -39.90 -22.03 6.02
N LYS D 134 -38.74 -22.60 5.71
CA LYS D 134 -38.60 -24.05 5.56
C LYS D 134 -37.36 -24.53 6.31
N ILE D 135 -37.52 -25.60 7.08
CA ILE D 135 -36.48 -26.11 7.98
C ILE D 135 -36.22 -27.60 7.71
N THR D 136 -34.95 -28.01 7.85
CA THR D 136 -34.56 -29.43 7.85
C THR D 136 -33.71 -29.70 9.08
N GLU D 137 -33.42 -30.98 9.34
CA GLU D 137 -32.63 -31.32 10.52
C GLU D 137 -31.18 -31.61 10.18
N GLN D 138 -30.62 -30.92 9.20
CA GLN D 138 -29.23 -31.14 8.78
C GLN D 138 -28.23 -30.49 9.72
N ASP D 139 -26.98 -30.93 9.63
CA ASP D 139 -25.92 -30.31 10.39
C ASP D 139 -25.43 -29.07 9.64
N PRO D 140 -25.00 -28.05 10.36
CA PRO D 140 -24.66 -26.78 9.70
C PRO D 140 -23.20 -26.67 9.27
N LEU D 141 -22.98 -25.96 8.18
CA LEU D 141 -21.70 -25.41 7.86
C LEU D 141 -21.38 -24.27 8.82
N LEU D 142 -20.18 -24.31 9.38
CA LEU D 142 -19.70 -23.29 10.30
C LEU D 142 -18.53 -22.49 9.73
N PHE D 143 -18.40 -21.27 10.19
CA PHE D 143 -17.24 -20.48 9.87
C PHE D 143 -16.69 -19.89 11.13
N PHE D 144 -15.39 -20.05 11.34
CA PHE D 144 -14.74 -19.60 12.57
C PHE D 144 -13.27 -19.41 12.30
N SER D 145 -12.75 -18.26 12.71
CA SER D 145 -11.32 -17.96 12.57
C SER D 145 -10.83 -18.13 11.14
N GLY D 146 -11.66 -17.67 10.19
CA GLY D 146 -11.31 -17.70 8.79
C GLY D 146 -11.36 -19.04 8.11
N LYS D 147 -11.87 -20.08 8.78
CA LYS D 147 -11.95 -21.41 8.17
C LYS D 147 -13.35 -22.01 8.31
N TYR D 148 -13.70 -22.92 7.39
CA TYR D 148 -14.90 -23.75 7.51
C TYR D 148 -14.77 -24.84 8.56
N HIS D 149 -15.86 -25.11 9.28
CA HIS D 149 -15.84 -26.03 10.40
C HIS D 149 -17.14 -26.81 10.46
N GLN D 150 -17.19 -27.80 11.36
CA GLN D 150 -18.40 -28.57 11.64
C GLN D 150 -18.63 -28.63 13.15
N LEU D 151 -19.86 -28.92 13.55
CA LEU D 151 -20.17 -29.24 14.95
C LEU D 151 -19.52 -30.56 15.36
N ALA D 152 -19.07 -30.64 16.61
CA ALA D 152 -18.64 -31.92 17.19
C ALA D 152 -19.91 -32.77 17.36
N GLN D 153 -19.83 -34.03 16.97
CA GLN D 153 -21.01 -34.90 17.04
C GLN D 153 -21.01 -35.80 18.27
N MSE E 1 46.26 9.93 -4.36
CA MSE E 1 44.84 9.56 -4.68
C MSE E 1 44.76 8.72 -5.96
O MSE E 1 44.89 9.25 -7.08
CB MSE E 1 43.93 10.81 -4.77
CG MSE E 1 42.43 10.50 -5.11
SE MSE E 1 41.65 11.21 -6.80
CE MSE E 1 41.96 13.06 -6.44
N ASP E 2 44.53 7.43 -5.78
CA ASP E 2 44.48 6.50 -6.91
C ASP E 2 43.05 6.20 -7.39
N ASP E 3 42.93 5.14 -8.19
CA ASP E 3 41.73 4.82 -8.95
C ASP E 3 40.52 4.42 -8.09
N ARG E 4 40.78 3.61 -7.07
CA ARG E 4 39.75 3.16 -6.15
C ARG E 4 39.05 4.34 -5.45
N LEU E 5 39.84 5.29 -4.94
CA LEU E 5 39.28 6.43 -4.24
C LEU E 5 38.43 7.28 -5.19
N PHE E 6 38.92 7.48 -6.41
CA PHE E 6 38.16 8.17 -7.44
C PHE E 6 36.81 7.47 -7.72
N ARG E 7 36.86 6.17 -7.98
CA ARG E 7 35.65 5.39 -8.28
C ARG E 7 34.65 5.38 -7.10
N ASN E 8 35.18 5.22 -5.90
CA ASN E 8 34.36 5.34 -4.71
C ASN E 8 33.65 6.69 -4.59
N ALA E 9 34.37 7.77 -4.89
CA ALA E 9 33.82 9.12 -4.87
C ALA E 9 32.74 9.31 -5.92
N MSE E 10 33.02 8.85 -7.13
CA MSE E 10 32.08 8.94 -8.23
C MSE E 10 30.77 8.23 -7.89
O MSE E 10 29.70 8.77 -8.17
CB MSE E 10 32.68 8.42 -9.53
CG MSE E 10 33.82 9.27 -10.09
SE MSE E 10 33.48 11.18 -10.05
CE MSE E 10 34.72 11.69 -8.60
N GLY E 11 30.87 7.05 -7.30
CA GLY E 11 29.71 6.30 -6.85
C GLY E 11 28.88 6.97 -5.73
N LYS E 12 29.42 8.02 -5.10
CA LYS E 12 28.66 8.79 -4.12
C LYS E 12 27.68 9.74 -4.78
N PHE E 13 27.78 9.91 -6.10
CA PHE E 13 26.74 10.59 -6.83
C PHE E 13 25.72 9.56 -7.30
N ALA E 14 24.56 9.58 -6.65
CA ALA E 14 23.43 8.68 -6.98
C ALA E 14 22.86 9.04 -8.35
N THR E 15 22.39 8.05 -9.10
CA THR E 15 21.76 8.34 -10.40
C THR E 15 20.63 7.37 -10.65
N GLY E 16 19.81 7.70 -11.64
CA GLY E 16 19.00 6.71 -12.30
C GLY E 16 19.90 5.80 -13.13
N VAL E 17 19.26 4.98 -13.97
CA VAL E 17 19.96 4.05 -14.80
C VAL E 17 19.28 4.07 -16.14
N THR E 18 20.07 4.16 -17.21
CA THR E 18 19.51 4.09 -18.55
C THR E 18 20.09 2.96 -19.33
N VAL E 19 19.45 2.65 -20.45
CA VAL E 19 20.04 1.85 -21.50
C VAL E 19 20.06 2.76 -22.72
N ILE E 20 21.24 2.88 -23.33
CA ILE E 20 21.34 3.66 -24.56
C ILE E 20 21.12 2.67 -25.70
N THR E 21 20.20 2.99 -26.60
CA THR E 21 19.98 2.14 -27.76
C THR E 21 20.23 2.86 -29.06
N THR E 22 20.60 2.09 -30.06
CA THR E 22 20.68 2.59 -31.40
C THR E 22 20.48 1.44 -32.39
N GLU E 23 20.37 1.81 -33.66
CA GLU E 23 20.15 0.82 -34.69
C GLU E 23 21.17 1.07 -35.80
N LEU E 24 21.79 -0.01 -36.24
CA LEU E 24 22.80 0.08 -37.29
C LEU E 24 22.54 -1.04 -38.27
N ASN E 25 21.97 -0.64 -39.41
CA ASN E 25 21.61 -1.56 -40.50
C ASN E 25 20.83 -2.77 -40.03
N GLY E 26 19.62 -2.52 -39.54
CA GLY E 26 18.75 -3.59 -39.04
C GLY E 26 18.96 -3.98 -37.59
N ALA E 27 20.22 -4.14 -37.18
CA ALA E 27 20.56 -4.63 -35.84
C ALA E 27 20.44 -3.56 -34.72
N VAL E 28 19.78 -3.95 -33.64
CA VAL E 28 19.58 -3.09 -32.47
C VAL E 28 20.73 -3.33 -31.50
N HIS E 29 21.37 -2.25 -31.06
CA HIS E 29 22.39 -2.33 -30.04
C HIS E 29 22.01 -1.52 -28.80
N GLY E 30 22.28 -2.08 -27.63
CA GLY E 30 22.02 -1.38 -26.37
C GLY E 30 23.24 -1.36 -25.46
N MSE E 31 23.29 -0.39 -24.55
CA MSE E 31 24.35 -0.31 -23.54
C MSE E 31 23.85 0.39 -22.28
O MSE E 31 23.29 1.48 -22.35
CB MSE E 31 25.58 0.43 -24.08
CG MSE E 31 26.87 0.17 -23.29
SE MSE E 31 28.16 1.64 -23.47
CE MSE E 31 29.32 0.92 -22.36
N THR E 32 24.07 -0.23 -21.14
CA THR E 32 23.70 0.38 -19.89
C THR E 32 24.59 1.57 -19.61
N ALA E 33 23.99 2.70 -19.24
CA ALA E 33 24.75 3.89 -18.90
C ALA E 33 24.07 4.67 -17.80
N ASN E 34 24.82 5.13 -16.81
CA ASN E 34 24.30 6.16 -15.90
C ASN E 34 24.94 7.54 -16.10
N ALA E 35 25.97 7.58 -16.95
CA ALA E 35 26.62 8.85 -17.31
C ALA E 35 25.76 9.57 -18.35
N PHE E 36 24.65 10.12 -17.88
CA PHE E 36 23.70 10.75 -18.74
C PHE E 36 23.30 12.00 -18.03
N MSE E 37 22.82 12.97 -18.80
CA MSE E 37 22.51 14.26 -18.24
C MSE E 37 21.65 15.06 -19.20
O MSE E 37 21.84 15.04 -20.42
CB MSE E 37 23.86 14.95 -18.01
CG MSE E 37 23.79 16.32 -17.42
SE MSE E 37 25.56 17.12 -17.67
CE MSE E 37 25.19 18.29 -18.88
N SER E 38 20.70 15.79 -18.63
CA SER E 38 20.05 16.90 -19.32
C SER E 38 21.04 18.06 -19.54
N VAL E 39 21.05 18.64 -20.73
CA VAL E 39 22.02 19.66 -21.08
C VAL E 39 21.44 21.05 -21.35
N SER E 40 20.45 21.12 -22.23
CA SER E 40 19.97 22.40 -22.71
C SER E 40 18.47 22.38 -22.96
N LEU E 41 17.81 23.50 -22.69
CA LEU E 41 16.38 23.62 -22.99
C LEU E 41 16.14 24.15 -24.42
N ASN E 42 16.89 25.18 -24.82
CA ASN E 42 16.82 25.74 -26.16
C ASN E 42 18.21 25.82 -26.79
N PRO E 43 18.55 24.91 -27.70
CA PRO E 43 17.67 23.81 -28.14
C PRO E 43 17.62 22.65 -27.12
N LYS E 44 16.75 21.68 -27.32
CA LYS E 44 16.57 20.56 -26.39
C LYS E 44 17.71 19.55 -26.51
N LEU E 45 18.66 19.61 -25.57
CA LEU E 45 19.85 18.78 -25.68
C LEU E 45 20.10 17.93 -24.47
N VAL E 46 20.75 16.82 -24.74
CA VAL E 46 21.00 15.80 -23.76
C VAL E 46 22.41 15.34 -24.06
N LEU E 47 23.03 14.62 -23.14
CA LEU E 47 24.37 14.11 -23.36
C LEU E 47 24.54 12.77 -22.68
N VAL E 48 25.28 11.89 -23.34
CA VAL E 48 25.69 10.61 -22.77
C VAL E 48 27.19 10.45 -22.97
N SER E 49 27.83 9.75 -22.04
CA SER E 49 29.27 9.59 -22.05
C SER E 49 29.63 8.13 -22.15
N ILE E 50 30.38 7.78 -23.19
CA ILE E 50 30.66 6.40 -23.55
C ILE E 50 32.16 6.11 -23.51
N GLY E 51 32.52 5.01 -22.85
CA GLY E 51 33.91 4.62 -22.75
C GLY E 51 34.53 4.34 -24.13
N GLU E 52 35.83 4.64 -24.27
CA GLU E 52 36.55 4.50 -25.54
C GLU E 52 36.63 3.05 -25.98
N LYS E 53 36.50 2.12 -25.04
CA LYS E 53 36.57 0.69 -25.33
C LYS E 53 35.19 0.07 -25.62
N ALA E 54 34.13 0.87 -25.45
CA ALA E 54 32.78 0.36 -25.64
C ALA E 54 32.44 0.19 -27.11
N LYS E 55 31.97 -0.99 -27.47
CA LYS E 55 31.44 -1.23 -28.83
C LYS E 55 30.42 -0.22 -29.27
N MSE E 56 29.58 0.23 -28.33
CA MSE E 56 28.57 1.25 -28.60
C MSE E 56 29.14 2.55 -29.18
O MSE E 56 28.45 3.24 -29.92
CB MSE E 56 27.81 1.57 -27.30
CG MSE E 56 26.74 2.64 -27.42
SE MSE E 56 25.24 2.12 -28.64
CE MSE E 56 24.93 0.47 -27.93
N LEU E 57 30.38 2.90 -28.81
CA LEU E 57 30.97 4.16 -29.25
C LEU E 57 30.93 4.29 -30.77
N GLU E 58 31.51 3.32 -31.48
CA GLU E 58 31.54 3.33 -32.94
C GLU E 58 30.13 3.17 -33.54
N LYS E 59 29.27 2.41 -32.85
CA LYS E 59 27.88 2.29 -33.27
C LYS E 59 27.20 3.65 -33.38
N ILE E 60 27.36 4.50 -32.35
CA ILE E 60 26.72 5.83 -32.34
C ILE E 60 27.40 6.77 -33.32
N GLN E 61 28.73 6.64 -33.44
CA GLN E 61 29.50 7.43 -34.40
C GLN E 61 29.01 7.21 -35.84
N GLN E 62 28.64 5.97 -36.16
CA GLN E 62 28.10 5.65 -37.49
C GLN E 62 26.63 6.01 -37.68
N SER E 63 25.77 5.64 -36.72
CA SER E 63 24.33 5.91 -36.82
C SER E 63 23.99 7.36 -36.58
N LYS E 64 24.84 8.06 -35.83
CA LYS E 64 24.62 9.46 -35.44
C LYS E 64 23.29 9.69 -34.74
N LYS E 65 22.78 8.63 -34.13
CA LYS E 65 21.58 8.77 -33.32
C LYS E 65 21.59 7.78 -32.15
N TYR E 66 20.80 8.07 -31.11
CA TYR E 66 20.65 7.21 -29.94
C TYR E 66 19.41 7.60 -29.15
N ALA E 67 18.87 6.62 -28.43
CA ALA E 67 17.75 6.81 -27.56
C ALA E 67 18.22 6.48 -26.16
N VAL E 68 17.72 7.23 -25.18
CA VAL E 68 17.99 6.99 -23.78
C VAL E 68 16.73 6.37 -23.19
N ASN E 69 16.85 5.16 -22.67
CA ASN E 69 15.77 4.46 -22.00
C ASN E 69 16.05 4.48 -20.52
N ILE E 70 15.34 5.35 -19.81
CA ILE E 70 15.45 5.41 -18.37
C ILE E 70 14.71 4.22 -17.81
N LEU E 71 15.40 3.47 -16.95
CA LEU E 71 14.88 2.23 -16.41
C LEU E 71 14.00 2.42 -15.18
N SER E 72 12.92 1.66 -15.14
CA SER E 72 12.09 1.59 -13.98
C SER E 72 12.72 0.67 -12.95
N GLN E 73 12.21 0.80 -11.74
CA GLN E 73 12.52 -0.06 -10.60
C GLN E 73 12.41 -1.55 -10.91
N ASP E 74 11.60 -1.93 -11.92
CA ASP E 74 11.36 -3.33 -12.28
C ASP E 74 12.35 -3.86 -13.33
N GLN E 75 13.33 -3.05 -13.72
CA GLN E 75 14.14 -3.36 -14.89
C GLN E 75 15.63 -3.58 -14.57
N LYS E 76 15.90 -4.07 -13.37
CA LYS E 76 17.25 -4.32 -12.92
C LYS E 76 17.92 -5.35 -13.84
N VAL E 77 17.15 -6.34 -14.30
CA VAL E 77 17.68 -7.40 -15.17
C VAL E 77 18.12 -6.84 -16.51
N LEU E 78 17.36 -5.91 -17.06
CA LEU E 78 17.76 -5.20 -18.27
C LEU E 78 19.07 -4.41 -18.07
N SER E 79 19.23 -3.80 -16.91
CA SER E 79 20.45 -3.05 -16.60
C SER E 79 21.65 -3.97 -16.66
N MSE E 80 21.53 -5.12 -16.00
CA MSE E 80 22.56 -6.13 -16.02
C MSE E 80 22.82 -6.71 -17.43
O MSE E 80 23.98 -6.92 -17.83
CB MSE E 80 22.24 -7.24 -15.04
CG MSE E 80 22.19 -6.79 -13.60
SE MSE E 80 21.72 -8.27 -12.42
CE MSE E 80 19.94 -8.25 -12.70
N ASN E 81 21.75 -7.00 -18.14
CA ASN E 81 21.84 -7.46 -19.53
C ASN E 81 22.66 -6.54 -20.39
N PHE E 82 22.30 -5.26 -20.40
CA PHE E 82 23.01 -4.31 -21.27
C PHE E 82 24.33 -3.81 -20.70
N ALA E 83 24.70 -4.33 -19.53
CA ALA E 83 26.01 -4.05 -18.93
C ALA E 83 26.99 -5.20 -19.17
N GLY E 84 26.55 -6.20 -19.94
CA GLY E 84 27.36 -7.37 -20.22
C GLY E 84 27.52 -8.29 -19.01
N GLN E 85 26.54 -8.25 -18.10
CA GLN E 85 26.70 -9.00 -16.87
C GLN E 85 26.06 -10.38 -16.85
N LEU E 86 25.36 -10.75 -17.91
CA LEU E 86 24.66 -12.04 -18.00
C LEU E 86 25.28 -12.96 -19.05
N GLU E 87 25.18 -14.27 -18.83
CA GLU E 87 25.73 -15.22 -19.80
C GLU E 87 24.91 -15.32 -21.08
N LYS E 88 23.58 -15.39 -20.95
CA LYS E 88 22.70 -15.45 -22.12
C LYS E 88 21.88 -14.18 -22.18
N PRO E 89 21.92 -13.47 -23.31
CA PRO E 89 21.19 -12.20 -23.44
C PRO E 89 19.70 -12.46 -23.42
N VAL E 90 19.01 -11.76 -22.51
CA VAL E 90 17.58 -11.88 -22.47
C VAL E 90 17.00 -11.34 -23.77
N ASP E 91 15.86 -11.89 -24.11
CA ASP E 91 15.14 -11.48 -25.29
C ASP E 91 14.39 -10.20 -24.93
N VAL E 92 14.86 -9.07 -25.46
CA VAL E 92 14.34 -7.78 -25.03
C VAL E 92 13.22 -7.32 -25.95
N GLN E 93 12.16 -6.81 -25.35
CA GLN E 93 11.03 -6.26 -26.09
C GLN E 93 11.28 -4.81 -26.51
N PHE E 94 11.49 -4.63 -27.81
CA PHE E 94 11.74 -3.30 -28.37
C PHE E 94 10.50 -2.75 -29.08
N GLU E 95 10.32 -1.45 -28.96
CA GLU E 95 9.36 -0.74 -29.78
C GLU E 95 10.15 0.34 -30.48
N GLU E 96 9.47 1.35 -30.95
CA GLU E 96 10.08 2.35 -31.80
C GLU E 96 9.67 3.77 -31.40
N LEU E 97 10.62 4.71 -31.47
CA LEU E 97 10.35 6.12 -31.18
C LEU E 97 11.35 7.02 -31.94
N GLY E 98 10.82 7.91 -32.77
CA GLY E 98 11.65 8.78 -33.59
C GLY E 98 12.66 8.03 -34.46
N GLY E 99 12.26 6.85 -34.93
CA GLY E 99 13.12 6.06 -35.80
C GLY E 99 14.12 5.22 -35.05
N LEU E 100 14.09 5.25 -33.71
CA LEU E 100 15.04 4.48 -32.90
C LEU E 100 14.35 3.33 -32.16
N PRO E 101 15.07 2.22 -31.96
CA PRO E 101 14.58 1.16 -31.09
C PRO E 101 14.60 1.62 -29.64
N VAL E 102 13.50 1.45 -28.92
CA VAL E 102 13.39 1.84 -27.53
C VAL E 102 12.86 0.65 -26.76
N ILE E 103 13.03 0.66 -25.44
CA ILE E 103 12.65 -0.47 -24.61
C ILE E 103 11.25 -0.32 -24.04
N LYS E 104 10.43 -1.35 -24.31
CA LYS E 104 9.05 -1.38 -23.82
C LYS E 104 9.03 -1.27 -22.32
N ASP E 105 8.08 -0.49 -21.82
CA ASP E 105 7.86 -0.32 -20.39
C ASP E 105 8.95 0.45 -19.61
N ALA E 106 9.85 1.12 -20.33
CA ALA E 106 10.87 1.92 -19.68
C ALA E 106 10.15 3.03 -18.90
N LEU E 107 10.79 3.53 -17.86
CA LEU E 107 10.27 4.71 -17.16
C LEU E 107 10.10 5.88 -18.11
N ALA E 108 11.08 6.10 -18.97
CA ALA E 108 10.99 7.13 -20.00
C ALA E 108 11.84 6.76 -21.23
N GLN E 109 11.41 7.25 -22.37
CA GLN E 109 12.16 7.04 -23.62
C GLN E 109 12.43 8.40 -24.29
N ILE E 110 13.70 8.64 -24.63
CA ILE E 110 14.10 9.91 -25.19
C ILE E 110 14.95 9.64 -26.44
N SER E 111 14.44 10.04 -27.61
CA SER E 111 15.15 9.77 -28.86
C SER E 111 15.93 11.00 -29.29
N CYS E 112 17.17 10.79 -29.74
CA CYS E 112 18.08 11.89 -29.99
C CYS E 112 18.82 11.73 -31.31
N GLN E 113 19.16 12.86 -31.92
CA GLN E 113 20.11 12.90 -33.04
C GLN E 113 21.40 13.52 -32.54
N VAL E 114 22.53 12.91 -32.84
CA VAL E 114 23.83 13.42 -32.38
C VAL E 114 24.11 14.74 -33.09
N VAL E 115 24.42 15.78 -32.33
CA VAL E 115 24.79 17.08 -32.91
C VAL E 115 26.24 17.51 -32.59
N ASN E 116 26.90 16.76 -31.69
CA ASN E 116 28.28 17.04 -31.29
C ASN E 116 28.92 15.83 -30.63
N GLU E 117 30.23 15.69 -30.84
CA GLU E 117 31.06 14.66 -30.21
C GLU E 117 32.26 15.36 -29.61
N VAL E 118 32.54 15.06 -28.35
CA VAL E 118 33.63 15.69 -27.63
C VAL E 118 34.35 14.61 -26.88
N GLN E 119 35.60 14.38 -27.26
CA GLN E 119 36.44 13.47 -26.49
C GLN E 119 36.82 14.11 -25.13
N ALA E 120 36.81 13.30 -24.09
CA ALA E 120 37.14 13.80 -22.75
C ALA E 120 37.81 12.69 -21.99
N GLY E 121 39.14 12.71 -21.98
CA GLY E 121 39.92 11.60 -21.49
C GLY E 121 39.46 10.28 -22.05
N ASP E 122 39.24 9.33 -21.13
CA ASP E 122 38.69 7.98 -21.30
C ASP E 122 37.43 7.80 -22.15
N HIS E 123 36.67 8.88 -22.35
CA HIS E 123 35.30 8.76 -22.80
C HIS E 123 35.05 9.75 -23.89
N THR E 124 33.96 9.52 -24.63
CA THR E 124 33.43 10.49 -25.57
C THR E 124 32.04 10.93 -25.16
N LEU E 125 31.82 12.24 -25.15
CA LEU E 125 30.51 12.79 -24.90
C LEU E 125 29.76 12.93 -26.21
N PHE E 126 28.58 12.30 -26.28
CA PHE E 126 27.70 12.48 -27.42
C PHE E 126 26.55 13.36 -27.02
N ILE E 127 26.56 14.56 -27.58
CA ILE E 127 25.52 15.52 -27.32
C ILE E 127 24.41 15.23 -28.31
N GLY E 128 23.19 15.10 -27.79
CA GLY E 128 22.06 14.66 -28.59
C GLY E 128 20.92 15.65 -28.52
N GLU E 129 20.37 16.04 -29.69
CA GLU E 129 19.15 16.84 -29.72
C GLU E 129 17.96 15.91 -29.67
N VAL E 130 17.04 16.21 -28.78
CA VAL E 130 15.93 15.35 -28.51
C VAL E 130 14.83 15.60 -29.54
N THR E 131 14.38 14.55 -30.22
CA THR E 131 13.29 14.69 -31.21
C THR E 131 11.93 14.22 -30.68
N ASP E 132 11.96 13.24 -29.78
CA ASP E 132 10.77 12.55 -29.33
C ASP E 132 10.94 12.11 -27.90
N ILE E 133 9.85 12.18 -27.14
CA ILE E 133 9.82 11.78 -25.75
C ILE E 133 8.57 10.96 -25.42
N LYS E 134 8.74 9.94 -24.60
CA LYS E 134 7.62 9.21 -23.99
C LYS E 134 7.89 9.02 -22.50
N ILE E 135 6.89 9.28 -21.68
CA ILE E 135 7.04 9.29 -20.21
C ILE E 135 5.97 8.40 -19.57
N THR E 136 6.31 7.78 -18.44
CA THR E 136 5.36 7.06 -17.60
C THR E 136 5.60 7.50 -16.19
N GLU E 137 4.72 7.08 -15.27
CA GLU E 137 4.82 7.50 -13.87
C GLU E 137 5.38 6.41 -12.98
N GLN E 138 6.27 5.58 -13.53
CA GLN E 138 6.87 4.52 -12.74
C GLN E 138 7.95 5.01 -11.77
N ASP E 139 8.26 4.20 -10.77
CA ASP E 139 9.37 4.50 -9.88
C ASP E 139 10.69 4.07 -10.55
N PRO E 140 11.78 4.81 -10.28
CA PRO E 140 13.04 4.59 -10.99
C PRO E 140 13.98 3.59 -10.34
N LEU E 141 14.71 2.87 -11.17
CA LEU E 141 15.87 2.12 -10.72
C LEU E 141 16.97 3.16 -10.39
N LEU E 142 17.62 2.99 -9.25
CA LEU E 142 18.66 3.89 -8.82
C LEU E 142 19.99 3.13 -8.69
N PHE E 143 21.09 3.87 -8.81
CA PHE E 143 22.40 3.28 -8.61
C PHE E 143 23.18 4.24 -7.75
N PHE E 144 23.74 3.71 -6.66
CA PHE E 144 24.46 4.49 -5.68
C PHE E 144 25.44 3.59 -4.95
N SER E 145 26.67 4.07 -4.80
CA SER E 145 27.73 3.35 -4.09
C SER E 145 27.88 1.91 -4.61
N GLY E 146 27.77 1.74 -5.92
CA GLY E 146 28.03 0.46 -6.55
C GLY E 146 26.90 -0.54 -6.44
N LYS E 147 25.74 -0.12 -5.95
CA LYS E 147 24.61 -1.03 -5.80
C LYS E 147 23.34 -0.42 -6.39
N TYR E 148 22.41 -1.28 -6.79
CA TYR E 148 21.07 -0.87 -7.20
C TYR E 148 20.24 -0.48 -5.95
N HIS E 149 19.35 0.49 -6.12
CA HIS E 149 18.53 1.01 -5.01
C HIS E 149 17.17 1.46 -5.50
N GLN E 150 16.30 1.78 -4.54
CA GLN E 150 14.98 2.34 -4.83
C GLN E 150 14.76 3.65 -4.04
N LEU E 151 13.84 4.48 -4.50
CA LEU E 151 13.38 5.62 -3.70
C LEU E 151 12.64 5.14 -2.45
N ALA E 152 12.81 5.84 -1.34
CA ALA E 152 11.95 5.67 -0.19
C ALA E 152 10.53 6.14 -0.57
N GLN E 153 9.53 5.34 -0.21
CA GLN E 153 8.13 5.65 -0.59
C GLN E 153 7.33 6.28 0.54
N MSE F 1 7.53 19.17 -29.49
CA MSE F 1 7.11 18.99 -28.07
C MSE F 1 7.23 20.27 -27.23
O MSE F 1 8.10 21.11 -27.47
CB MSE F 1 7.96 17.91 -27.42
CG MSE F 1 9.32 18.42 -26.96
SE MSE F 1 10.64 17.05 -26.96
CE MSE F 1 10.11 16.12 -28.58
N ASP F 2 6.33 20.38 -26.24
CA ASP F 2 6.41 21.44 -25.24
C ASP F 2 7.78 21.39 -24.53
N ASP F 3 8.20 22.54 -24.02
CA ASP F 3 9.24 22.65 -23.02
C ASP F 3 8.88 21.85 -21.78
N ARG F 4 7.59 21.82 -21.44
CA ARG F 4 7.08 21.12 -20.26
C ARG F 4 7.30 19.62 -20.36
N LEU F 5 7.07 19.05 -21.54
CA LEU F 5 7.23 17.63 -21.73
C LEU F 5 8.70 17.24 -21.61
N PHE F 6 9.57 18.06 -22.20
CA PHE F 6 11.02 17.88 -22.09
C PHE F 6 11.47 17.89 -20.63
N ARG F 7 11.11 18.95 -19.90
CA ARG F 7 11.50 19.11 -18.50
C ARG F 7 10.97 17.93 -17.65
N ASN F 8 9.73 17.53 -17.91
CA ASN F 8 9.16 16.40 -17.19
C ASN F 8 9.99 15.13 -17.44
N ALA F 9 10.35 14.89 -18.70
CA ALA F 9 11.18 13.75 -19.09
C ALA F 9 12.55 13.76 -18.40
N MSE F 10 13.23 14.91 -18.47
CA MSE F 10 14.52 15.10 -17.81
C MSE F 10 14.45 14.83 -16.31
O MSE F 10 15.37 14.23 -15.75
CB MSE F 10 15.06 16.52 -18.05
CG MSE F 10 15.36 16.83 -19.52
SE MSE F 10 16.35 15.44 -20.46
CE MSE F 10 14.96 14.69 -21.67
N GLY F 11 13.36 15.24 -15.67
CA GLY F 11 13.12 14.97 -14.25
C GLY F 11 12.89 13.49 -13.92
N LYS F 12 12.68 12.66 -14.94
CA LYS F 12 12.56 11.21 -14.73
C LYS F 12 13.92 10.54 -14.55
N PHE F 13 14.99 11.30 -14.81
CA PHE F 13 16.31 10.80 -14.47
C PHE F 13 16.66 11.28 -13.06
N ALA F 14 16.60 10.35 -12.11
CA ALA F 14 16.95 10.62 -10.74
C ALA F 14 18.44 10.97 -10.59
N THR F 15 18.76 11.88 -9.65
CA THR F 15 20.15 12.15 -9.37
C THR F 15 20.37 12.44 -7.88
N GLY F 16 21.65 12.48 -7.50
CA GLY F 16 22.06 13.15 -6.28
C GLY F 16 21.91 14.65 -6.48
N VAL F 17 22.44 15.42 -5.52
CA VAL F 17 22.40 16.86 -5.59
C VAL F 17 23.78 17.37 -5.15
N THR F 18 24.31 18.33 -5.88
CA THR F 18 25.56 18.92 -5.45
C THR F 18 25.43 20.41 -5.29
N VAL F 19 26.41 20.99 -4.64
CA VAL F 19 26.66 22.42 -4.74
C VAL F 19 28.05 22.55 -5.39
N ILE F 20 28.14 23.34 -6.45
CA ILE F 20 29.42 23.64 -7.08
C ILE F 20 29.93 24.88 -6.38
N THR F 21 31.17 24.83 -5.90
CA THR F 21 31.76 26.01 -5.28
C THR F 21 33.02 26.45 -5.98
N THR F 22 33.31 27.72 -5.84
CA THR F 22 34.58 28.23 -6.29
C THR F 22 34.93 29.46 -5.49
N GLU F 23 36.15 29.95 -5.68
CA GLU F 23 36.59 31.14 -4.98
C GLU F 23 37.15 32.12 -6.01
N LEU F 24 36.75 33.37 -5.90
CA LEU F 24 37.22 34.40 -6.80
C LEU F 24 37.62 35.61 -5.99
N ASN F 25 38.94 35.75 -5.79
CA ASN F 25 39.52 36.87 -5.04
C ASN F 25 38.91 37.05 -3.64
N GLY F 26 39.11 36.03 -2.82
CA GLY F 26 38.58 36.00 -1.46
C GLY F 26 37.16 35.48 -1.31
N ALA F 27 36.26 35.94 -2.18
CA ALA F 27 34.83 35.59 -2.09
C ALA F 27 34.49 34.16 -2.56
N VAL F 28 33.75 33.44 -1.71
CA VAL F 28 33.27 32.09 -2.04
C VAL F 28 31.94 32.17 -2.77
N HIS F 29 31.85 31.45 -3.89
CA HIS F 29 30.57 31.37 -4.59
C HIS F 29 30.11 29.93 -4.71
N GLY F 30 28.82 29.71 -4.53
CA GLY F 30 28.22 28.39 -4.66
C GLY F 30 27.02 28.37 -5.61
N MSE F 31 26.69 27.19 -6.14
CA MSE F 31 25.51 27.02 -6.99
C MSE F 31 25.05 25.57 -6.97
O MSE F 31 25.85 24.64 -7.19
CB MSE F 31 25.79 27.43 -8.44
CG MSE F 31 24.53 27.57 -9.29
SE MSE F 31 24.80 27.32 -11.26
CE MSE F 31 23.16 27.79 -11.69
N THR F 32 23.77 25.38 -6.66
CA THR F 32 23.19 24.06 -6.67
C THR F 32 23.15 23.49 -8.11
N ALA F 33 23.63 22.26 -8.27
CA ALA F 33 23.56 21.60 -9.58
C ALA F 33 23.36 20.10 -9.43
N ASN F 34 22.54 19.53 -10.32
CA ASN F 34 22.48 18.08 -10.46
C ASN F 34 22.97 17.61 -11.81
N ALA F 35 23.23 18.56 -12.70
CA ALA F 35 23.85 18.23 -13.99
C ALA F 35 25.35 18.05 -13.81
N PHE F 36 25.70 16.93 -13.17
CA PHE F 36 27.07 16.60 -12.90
C PHE F 36 27.24 15.18 -13.32
N MSE F 37 28.47 14.79 -13.56
CA MSE F 37 28.73 13.45 -14.01
C MSE F 37 30.23 13.13 -13.91
O MSE F 37 31.09 13.98 -14.16
CB MSE F 37 28.23 13.37 -15.46
CG MSE F 37 28.50 12.14 -16.23
SE MSE F 37 28.38 12.67 -18.15
CE MSE F 37 30.02 12.46 -18.57
N SER F 38 30.52 11.89 -13.56
CA SER F 38 31.81 11.29 -13.74
C SER F 38 32.06 11.12 -15.25
N VAL F 39 33.27 11.50 -15.71
CA VAL F 39 33.58 11.48 -17.14
C VAL F 39 34.66 10.47 -17.53
N SER F 40 35.80 10.52 -16.85
CA SER F 40 36.96 9.73 -17.22
C SER F 40 37.71 9.23 -16.00
N LEU F 41 38.27 8.02 -16.12
CA LEU F 41 39.21 7.49 -15.13
C LEU F 41 40.67 7.92 -15.37
N ASN F 42 41.13 7.81 -16.61
CA ASN F 42 42.51 8.20 -16.98
C ASN F 42 42.46 9.16 -18.15
N PRO F 43 42.66 10.46 -17.91
CA PRO F 43 42.84 11.07 -16.58
C PRO F 43 41.51 11.16 -15.77
N LYS F 44 41.60 11.51 -14.49
CA LYS F 44 40.41 11.57 -13.61
C LYS F 44 39.61 12.82 -13.91
N LEU F 45 38.54 12.67 -14.67
CA LEU F 45 37.75 13.82 -15.14
C LEU F 45 36.31 13.77 -14.73
N VAL F 46 35.75 14.95 -14.62
CA VAL F 46 34.42 15.12 -14.14
C VAL F 46 33.87 16.25 -14.97
N LEU F 47 32.54 16.41 -14.97
CA LEU F 47 31.91 17.46 -15.76
C LEU F 47 30.71 18.04 -15.04
N VAL F 48 30.54 19.35 -15.13
CA VAL F 48 29.35 20.02 -14.63
C VAL F 48 28.82 20.92 -15.73
N SER F 49 27.50 21.09 -15.76
CA SER F 49 26.86 21.85 -16.80
C SER F 49 26.17 23.07 -16.20
N ILE F 50 26.56 24.26 -16.67
CA ILE F 50 26.06 25.50 -16.08
C ILE F 50 25.29 26.33 -17.07
N GLY F 51 24.12 26.82 -16.66
CA GLY F 51 23.29 27.63 -17.53
C GLY F 51 23.98 28.92 -17.92
N GLU F 52 23.71 29.40 -19.14
CA GLU F 52 24.36 30.61 -19.67
C GLU F 52 23.99 31.85 -18.85
N LYS F 53 22.87 31.80 -18.13
CA LYS F 53 22.42 32.96 -17.36
C LYS F 53 22.87 32.90 -15.89
N ALA F 54 23.58 31.84 -15.54
CA ALA F 54 24.05 31.67 -14.17
C ALA F 54 25.29 32.50 -13.89
N LYS F 55 25.25 33.27 -12.80
CA LYS F 55 26.42 34.04 -12.36
C LYS F 55 27.64 33.16 -12.16
N MSE F 56 27.43 31.90 -11.78
CA MSE F 56 28.52 30.92 -11.59
C MSE F 56 29.34 30.68 -12.85
O MSE F 56 30.53 30.32 -12.75
CB MSE F 56 27.95 29.58 -11.12
CG MSE F 56 29.00 28.47 -10.89
SE MSE F 56 30.28 28.84 -9.39
CE MSE F 56 29.12 29.56 -8.22
N LEU F 57 28.71 30.82 -14.03
CA LEU F 57 29.41 30.56 -15.28
C LEU F 57 30.70 31.41 -15.38
N GLU F 58 30.56 32.73 -15.30
CA GLU F 58 31.72 33.62 -15.41
C GLU F 58 32.69 33.42 -14.25
N LYS F 59 32.16 33.12 -13.07
CA LYS F 59 33.00 32.77 -11.92
C LYS F 59 33.94 31.62 -12.19
N ILE F 60 33.47 30.56 -12.84
CA ILE F 60 34.35 29.43 -13.14
C ILE F 60 35.27 29.74 -14.33
N GLN F 61 34.75 30.49 -15.29
CA GLN F 61 35.56 30.91 -16.42
C GLN F 61 36.81 31.65 -15.94
N GLN F 62 36.63 32.52 -14.95
CA GLN F 62 37.74 33.29 -14.38
C GLN F 62 38.65 32.48 -13.46
N SER F 63 38.07 31.74 -12.51
CA SER F 63 38.87 31.02 -11.51
C SER F 63 39.49 29.79 -12.12
N LYS F 64 38.86 29.27 -13.19
CA LYS F 64 39.28 28.03 -13.84
C LYS F 64 39.37 26.83 -12.88
N LYS F 65 38.51 26.84 -11.87
CA LYS F 65 38.45 25.72 -10.93
C LYS F 65 37.08 25.62 -10.29
N TYR F 66 36.77 24.45 -9.76
CA TYR F 66 35.56 24.32 -8.98
C TYR F 66 35.63 23.06 -8.18
N ALA F 67 34.80 23.03 -7.13
CA ALA F 67 34.65 21.84 -6.32
C ALA F 67 33.19 21.42 -6.39
N VAL F 68 32.99 20.11 -6.41
CA VAL F 68 31.67 19.52 -6.39
C VAL F 68 31.42 18.98 -5.01
N ASN F 69 30.41 19.52 -4.33
CA ASN F 69 30.02 19.07 -3.00
C ASN F 69 28.75 18.26 -3.09
N ILE F 70 28.88 16.93 -3.02
CA ILE F 70 27.72 16.06 -3.03
C ILE F 70 27.02 16.15 -1.69
N LEU F 71 25.72 16.44 -1.76
CA LEU F 71 24.92 16.71 -0.58
C LEU F 71 24.38 15.44 0.05
N SER F 72 24.49 15.41 1.37
CA SER F 72 23.89 14.37 2.15
C SER F 72 22.39 14.64 2.29
N GLN F 73 21.69 13.60 2.70
CA GLN F 73 20.26 13.61 3.05
C GLN F 73 19.88 14.75 4.01
N ASP F 74 20.84 15.22 4.80
CA ASP F 74 20.59 16.24 5.81
C ASP F 74 20.79 17.65 5.31
N GLN F 75 21.00 17.82 4.00
CA GLN F 75 21.46 19.12 3.48
C GLN F 75 20.53 19.75 2.46
N LYS F 76 19.25 19.39 2.55
CA LYS F 76 18.23 19.94 1.70
C LYS F 76 18.21 21.48 1.75
N VAL F 77 18.44 22.04 2.93
CA VAL F 77 18.43 23.50 3.10
C VAL F 77 19.57 24.15 2.33
N LEU F 78 20.74 23.50 2.33
CA LEU F 78 21.86 23.97 1.52
C LEU F 78 21.52 23.94 0.04
N SER F 79 20.83 22.89 -0.40
CA SER F 79 20.43 22.80 -1.80
C SER F 79 19.53 23.98 -2.18
N MSE F 80 18.56 24.28 -1.31
CA MSE F 80 17.67 25.39 -1.56
C MSE F 80 18.42 26.74 -1.53
O MSE F 80 18.18 27.60 -2.38
CB MSE F 80 16.51 25.36 -0.58
CG MSE F 80 15.61 24.13 -0.76
SE MSE F 80 14.23 24.10 0.65
CE MSE F 80 15.16 23.49 2.02
N ASN F 81 19.31 26.90 -0.55
CA ASN F 81 20.16 28.10 -0.44
C ASN F 81 20.92 28.39 -1.73
N PHE F 82 21.66 27.41 -2.22
CA PHE F 82 22.50 27.62 -3.40
C PHE F 82 21.73 27.53 -4.73
N ALA F 83 20.41 27.39 -4.63
CA ALA F 83 19.50 27.38 -5.78
C ALA F 83 18.72 28.69 -5.86
N GLY F 84 19.09 29.66 -5.02
CA GLY F 84 18.38 30.92 -4.97
C GLY F 84 16.94 30.80 -4.51
N GLN F 85 16.58 29.69 -3.89
CA GLN F 85 15.21 29.48 -3.41
C GLN F 85 14.91 30.03 -2.02
N LEU F 86 15.93 30.59 -1.37
CA LEU F 86 15.69 31.26 -0.10
C LEU F 86 15.96 32.76 -0.23
N GLU F 87 14.99 33.56 0.19
CA GLU F 87 15.14 35.01 0.29
C GLU F 87 16.34 35.44 1.15
N LYS F 88 16.61 34.71 2.23
CA LYS F 88 17.71 35.05 3.13
C LYS F 88 18.74 33.93 3.08
N PRO F 89 19.95 34.23 2.63
CA PRO F 89 21.04 33.25 2.53
C PRO F 89 21.40 32.68 3.88
N VAL F 90 21.71 31.39 3.95
CA VAL F 90 22.18 30.83 5.21
C VAL F 90 23.69 31.05 5.37
N ASP F 91 24.14 31.10 6.62
CA ASP F 91 25.56 31.18 6.94
C ASP F 91 26.14 29.78 6.83
N VAL F 92 26.87 29.54 5.74
CA VAL F 92 27.36 28.22 5.41
C VAL F 92 28.76 28.03 5.98
N GLN F 93 28.98 26.83 6.53
CA GLN F 93 30.28 26.44 7.03
C GLN F 93 31.16 25.87 5.92
N PHE F 94 32.19 26.63 5.57
CA PHE F 94 33.14 26.21 4.54
C PHE F 94 34.46 25.73 5.14
N GLU F 95 35.03 24.72 4.52
CA GLU F 95 36.39 24.31 4.80
C GLU F 95 37.12 24.34 3.46
N GLU F 96 38.27 23.67 3.40
CA GLU F 96 39.16 23.83 2.24
C GLU F 96 39.68 22.51 1.71
N LEU F 97 39.72 22.36 0.38
CA LEU F 97 40.26 21.14 -0.23
C LEU F 97 40.82 21.44 -1.62
N GLY F 98 42.09 21.12 -1.82
CA GLY F 98 42.78 21.45 -3.06
C GLY F 98 42.75 22.94 -3.44
N GLY F 99 42.73 23.81 -2.44
CA GLY F 99 42.71 25.24 -2.72
C GLY F 99 41.31 25.76 -2.92
N LEU F 100 40.30 24.90 -2.76
CA LEU F 100 38.90 25.28 -3.04
C LEU F 100 38.05 25.29 -1.78
N PRO F 101 37.14 26.24 -1.67
CA PRO F 101 36.17 26.22 -0.55
C PRO F 101 35.20 25.05 -0.76
N VAL F 102 35.00 24.24 0.27
CA VAL F 102 34.15 23.07 0.18
C VAL F 102 33.20 23.10 1.36
N ILE F 103 32.07 22.38 1.26
CA ILE F 103 31.07 22.43 2.30
C ILE F 103 31.29 21.37 3.40
N LYS F 104 31.40 21.83 4.63
CA LYS F 104 31.52 20.94 5.77
C LYS F 104 30.37 19.94 5.80
N ASP F 105 30.71 18.68 6.11
CA ASP F 105 29.74 17.60 6.29
C ASP F 105 29.03 17.14 4.99
N ALA F 106 29.47 17.65 3.85
CA ALA F 106 29.00 17.12 2.56
C ALA F 106 29.20 15.62 2.54
N LEU F 107 28.32 14.91 1.82
CA LEU F 107 28.54 13.49 1.56
C LEU F 107 29.94 13.27 0.94
N ALA F 108 30.29 14.09 -0.03
CA ALA F 108 31.59 13.99 -0.68
C ALA F 108 32.04 15.33 -1.20
N GLN F 109 33.35 15.51 -1.28
CA GLN F 109 33.93 16.75 -1.77
C GLN F 109 34.95 16.40 -2.85
N ILE F 110 34.83 17.04 -4.00
CA ILE F 110 35.69 16.73 -5.15
C ILE F 110 36.21 18.04 -5.72
N SER F 111 37.51 18.29 -5.59
CA SER F 111 38.09 19.54 -6.12
C SER F 111 38.69 19.32 -7.48
N CYS F 112 38.50 20.30 -8.35
CA CYS F 112 38.79 20.16 -9.78
C CYS F 112 39.45 21.40 -10.35
N GLN F 113 40.31 21.17 -11.34
CA GLN F 113 40.81 22.24 -12.18
C GLN F 113 40.16 22.11 -13.56
N VAL F 114 39.66 23.23 -14.10
CA VAL F 114 39.01 23.19 -15.41
C VAL F 114 40.05 22.89 -16.49
N VAL F 115 39.79 21.86 -17.31
CA VAL F 115 40.69 21.52 -18.42
C VAL F 115 40.05 21.74 -19.80
N ASN F 116 38.74 21.96 -19.83
CA ASN F 116 38.00 22.17 -21.08
C ASN F 116 36.65 22.85 -20.83
N GLU F 117 36.23 23.66 -21.79
CA GLU F 117 34.95 24.33 -21.77
C GLU F 117 34.27 24.06 -23.11
N VAL F 118 33.03 23.60 -23.08
CA VAL F 118 32.28 23.26 -24.29
C VAL F 118 30.88 23.85 -24.16
N GLN F 119 30.58 24.82 -25.02
CA GLN F 119 29.23 25.32 -25.11
C GLN F 119 28.31 24.25 -25.73
N ALA F 120 27.12 24.11 -25.16
CA ALA F 120 26.15 23.12 -25.64
C ALA F 120 24.76 23.72 -25.44
N GLY F 121 24.24 24.32 -26.50
CA GLY F 121 22.99 25.06 -26.45
C GLY F 121 22.99 26.07 -25.32
N ASP F 122 21.97 25.98 -24.47
CA ASP F 122 21.72 26.73 -23.23
C ASP F 122 22.84 26.82 -22.20
N HIS F 123 23.76 25.88 -22.25
CA HIS F 123 24.61 25.60 -21.11
C HIS F 123 26.05 25.50 -21.58
N THR F 124 26.95 25.56 -20.62
CA THR F 124 28.35 25.29 -20.86
C THR F 124 28.81 24.13 -19.97
N LEU F 125 29.48 23.17 -20.58
CA LEU F 125 30.08 22.06 -19.89
C LEU F 125 31.50 22.44 -19.45
N PHE F 126 31.76 22.37 -18.15
CA PHE F 126 33.07 22.56 -17.62
C PHE F 126 33.59 21.22 -17.19
N ILE F 127 34.55 20.71 -17.97
CA ILE F 127 35.21 19.47 -17.70
C ILE F 127 36.35 19.81 -16.74
N GLY F 128 36.39 19.08 -15.62
CA GLY F 128 37.32 19.32 -14.55
C GLY F 128 38.16 18.09 -14.26
N GLU F 129 39.47 18.30 -14.08
CA GLU F 129 40.34 17.23 -13.66
C GLU F 129 40.35 17.28 -12.15
N VAL F 130 40.18 16.12 -11.53
CA VAL F 130 40.07 16.00 -10.09
C VAL F 130 41.46 15.96 -9.44
N THR F 131 41.70 16.90 -8.53
CA THR F 131 42.97 16.94 -7.80
C THR F 131 42.90 16.34 -6.39
N ASP F 132 41.72 16.40 -5.77
CA ASP F 132 41.53 16.00 -4.39
C ASP F 132 40.11 15.52 -4.16
N ILE F 133 39.98 14.52 -3.31
CA ILE F 133 38.71 13.91 -2.96
C ILE F 133 38.59 13.68 -1.46
N LYS F 134 37.40 13.93 -0.92
CA LYS F 134 37.07 13.50 0.44
C LYS F 134 35.71 12.83 0.43
N ILE F 135 35.59 11.70 1.12
CA ILE F 135 34.36 10.88 1.09
C ILE F 135 33.89 10.58 2.51
N THR F 136 32.57 10.51 2.70
CA THR F 136 31.96 10.00 3.94
C THR F 136 30.97 8.92 3.56
N GLU F 137 30.45 8.21 4.55
CA GLU F 137 29.46 7.16 4.31
C GLU F 137 28.05 7.61 4.61
N GLN F 138 27.74 8.89 4.36
CA GLN F 138 26.37 9.41 4.60
C GLN F 138 25.42 9.00 3.49
N ASP F 139 24.12 9.06 3.77
CA ASP F 139 23.08 8.80 2.77
C ASP F 139 22.88 10.06 1.94
N PRO F 140 22.54 9.89 0.66
CA PRO F 140 22.47 11.04 -0.24
C PRO F 140 21.14 11.74 -0.32
N LEU F 141 21.16 13.05 -0.50
CA LEU F 141 20.02 13.80 -0.98
C LEU F 141 19.77 13.41 -2.44
N LEU F 142 18.51 13.13 -2.78
CA LEU F 142 18.12 12.74 -4.13
C LEU F 142 17.16 13.76 -4.69
N PHE F 143 17.12 13.83 -6.00
CA PHE F 143 16.18 14.68 -6.67
C PHE F 143 15.60 13.89 -7.82
N PHE F 144 14.27 13.87 -7.89
CA PHE F 144 13.56 13.05 -8.90
C PHE F 144 12.17 13.63 -9.12
N SER F 145 11.80 13.81 -10.39
CA SER F 145 10.46 14.33 -10.74
C SER F 145 10.14 15.63 -10.01
N GLY F 146 11.14 16.51 -9.89
CA GLY F 146 10.94 17.83 -9.35
C GLY F 146 10.88 17.91 -7.84
N LYS F 147 11.11 16.79 -7.15
CA LYS F 147 11.07 16.76 -5.68
C LYS F 147 12.33 16.13 -5.04
N TYR F 148 12.59 16.50 -3.78
CA TYR F 148 13.67 15.90 -3.00
C TYR F 148 13.23 14.54 -2.45
N HIS F 149 14.19 13.60 -2.38
CA HIS F 149 13.88 12.22 -2.05
C HIS F 149 15.02 11.61 -1.26
N GLN F 150 14.81 10.42 -0.74
CA GLN F 150 15.83 9.69 -0.04
C GLN F 150 15.88 8.27 -0.61
N LEU F 151 16.97 7.57 -0.39
CA LEU F 151 17.03 6.13 -0.68
C LEU F 151 16.14 5.33 0.28
N ALA F 152 15.54 4.26 -0.21
CA ALA F 152 14.87 3.28 0.66
C ALA F 152 15.94 2.57 1.49
N GLN F 153 15.70 2.43 2.79
CA GLN F 153 16.71 1.83 3.68
C GLN F 153 16.47 0.36 3.98
N MSE G 1 6.00 -36.58 -29.77
CA MSE G 1 6.49 -35.82 -28.59
C MSE G 1 8.00 -35.54 -28.65
O MSE G 1 8.82 -36.46 -28.62
CB MSE G 1 6.13 -36.54 -27.30
CG MSE G 1 6.71 -35.92 -26.02
SE MSE G 1 6.23 -36.92 -24.42
CE MSE G 1 4.55 -37.59 -25.05
N ASP G 2 8.33 -34.26 -28.74
CA ASP G 2 9.71 -33.78 -28.70
C ASP G 2 10.21 -33.71 -27.25
N ASP G 3 11.53 -33.50 -27.10
CA ASP G 3 12.12 -32.97 -25.88
C ASP G 3 11.45 -31.64 -25.50
N ARG G 4 11.13 -30.84 -26.51
CA ARG G 4 10.53 -29.51 -26.33
C ARG G 4 9.15 -29.63 -25.68
N LEU G 5 8.34 -30.57 -26.15
CA LEU G 5 7.01 -30.78 -25.61
C LEU G 5 7.09 -31.25 -24.15
N PHE G 6 8.01 -32.17 -23.88
CA PHE G 6 8.27 -32.61 -22.51
C PHE G 6 8.62 -31.44 -21.59
N ARG G 7 9.63 -30.64 -21.98
CA ARG G 7 10.13 -29.53 -21.17
C ARG G 7 9.03 -28.49 -20.93
N ASN G 8 8.26 -28.22 -21.98
CA ASN G 8 7.13 -27.31 -21.91
C ASN G 8 6.11 -27.79 -20.87
N ALA G 9 5.81 -29.08 -20.90
CA ALA G 9 4.91 -29.72 -19.93
C ALA G 9 5.42 -29.59 -18.53
N MSE G 10 6.68 -29.93 -18.35
CA MSE G 10 7.31 -29.86 -17.04
C MSE G 10 7.26 -28.43 -16.47
O MSE G 10 7.04 -28.24 -15.26
CB MSE G 10 8.74 -30.36 -17.11
CG MSE G 10 8.88 -31.84 -17.43
SE MSE G 10 7.66 -33.03 -16.43
CE MSE G 10 6.44 -33.51 -17.81
N GLY G 11 7.44 -27.43 -17.32
CA GLY G 11 7.34 -26.05 -16.88
C GLY G 11 5.93 -25.58 -16.50
N LYS G 12 4.91 -26.36 -16.85
CA LYS G 12 3.54 -26.06 -16.42
C LYS G 12 3.30 -26.39 -14.92
N PHE G 13 4.25 -27.09 -14.29
CA PHE G 13 4.18 -27.27 -12.86
C PHE G 13 4.99 -26.13 -12.24
N ALA G 14 4.25 -25.21 -11.64
CA ALA G 14 4.82 -24.06 -10.97
C ALA G 14 5.59 -24.49 -9.73
N THR G 15 6.72 -23.83 -9.42
CA THR G 15 7.44 -24.11 -8.18
C THR G 15 8.00 -22.87 -7.54
N GLY G 16 8.37 -22.98 -6.28
CA GLY G 16 9.33 -22.06 -5.71
C GLY G 16 10.71 -22.26 -6.32
N VAL G 17 11.72 -21.61 -5.75
CA VAL G 17 13.05 -21.70 -6.27
C VAL G 17 13.99 -21.82 -5.10
N THR G 18 14.91 -22.77 -5.18
CA THR G 18 15.90 -22.93 -4.13
C THR G 18 17.31 -22.77 -4.62
N VAL G 19 18.25 -22.57 -3.69
CA VAL G 19 19.66 -22.83 -3.97
C VAL G 19 20.07 -23.97 -3.02
N ILE G 20 20.68 -25.01 -3.57
CA ILE G 20 21.23 -26.08 -2.78
C ILE G 20 22.66 -25.71 -2.49
N THR G 21 23.03 -25.74 -1.22
CA THR G 21 24.38 -25.44 -0.82
C THR G 21 25.00 -26.61 -0.08
N THR G 22 26.31 -26.67 -0.19
CA THR G 22 27.08 -27.59 0.63
C THR G 22 28.50 -27.05 0.84
N GLU G 23 29.24 -27.72 1.68
CA GLU G 23 30.60 -27.30 1.97
C GLU G 23 31.51 -28.50 1.79
N LEU G 24 32.61 -28.29 1.09
CA LEU G 24 33.55 -29.37 0.85
C LEU G 24 34.93 -28.80 1.09
N ASN G 25 35.50 -29.19 2.23
CA ASN G 25 36.83 -28.75 2.67
C ASN G 25 37.04 -27.25 2.60
N GLY G 26 36.26 -26.51 3.39
CA GLY G 26 36.33 -25.05 3.43
C GLY G 26 35.45 -24.34 2.41
N ALA G 27 35.47 -24.81 1.15
CA ALA G 27 34.76 -24.17 0.05
C ALA G 27 33.25 -24.40 0.03
N VAL G 28 32.52 -23.30 -0.12
CA VAL G 28 31.06 -23.35 -0.23
C VAL G 28 30.66 -23.46 -1.68
N HIS G 29 29.80 -24.44 -1.97
CA HIS G 29 29.24 -24.61 -3.32
C HIS G 29 27.71 -24.51 -3.27
N GLY G 30 27.15 -23.86 -4.27
CA GLY G 30 25.70 -23.71 -4.39
C GLY G 30 25.25 -24.04 -5.81
N MSE G 31 23.98 -24.41 -5.94
CA MSE G 31 23.38 -24.63 -7.24
C MSE G 31 21.88 -24.33 -7.15
O MSE G 31 21.23 -24.78 -6.23
CB MSE G 31 23.59 -26.10 -7.65
CG MSE G 31 23.23 -26.39 -9.10
SE MSE G 31 22.76 -28.27 -9.42
CE MSE G 31 22.55 -28.07 -11.16
N THR G 32 21.36 -23.57 -8.12
CA THR G 32 19.93 -23.32 -8.22
C THR G 32 19.16 -24.58 -8.59
N ALA G 33 18.10 -24.86 -7.85
CA ALA G 33 17.26 -26.03 -8.18
C ALA G 33 15.81 -25.74 -7.84
N ASN G 34 14.88 -26.21 -8.68
CA ASN G 34 13.48 -26.23 -8.30
C ASN G 34 12.94 -27.64 -8.21
N ALA G 35 13.75 -28.63 -8.61
CA ALA G 35 13.42 -30.03 -8.40
C ALA G 35 13.72 -30.37 -6.98
N PHE G 36 12.83 -29.90 -6.11
CA PHE G 36 12.88 -30.19 -4.70
C PHE G 36 11.48 -30.61 -4.21
N MSE G 37 11.44 -31.29 -3.08
CA MSE G 37 10.17 -31.83 -2.63
C MSE G 37 10.30 -32.30 -1.19
O MSE G 37 11.30 -32.91 -0.79
CB MSE G 37 9.85 -33.01 -3.54
CG MSE G 37 8.52 -33.66 -3.32
SE MSE G 37 8.51 -35.45 -4.17
CE MSE G 37 8.95 -36.43 -2.91
N SER G 38 9.25 -32.03 -0.42
CA SER G 38 9.03 -32.65 0.85
C SER G 38 8.66 -34.12 0.65
N VAL G 39 9.28 -35.01 1.42
CA VAL G 39 9.09 -36.42 1.20
C VAL G 39 8.36 -37.12 2.35
N SER G 40 8.83 -36.91 3.58
CA SER G 40 8.41 -37.73 4.69
C SER G 40 8.34 -36.92 5.96
N LEU G 41 7.40 -37.27 6.83
CA LEU G 41 7.27 -36.61 8.13
C LEU G 41 8.00 -37.41 9.20
N ASN G 42 7.83 -38.72 9.22
CA ASN G 42 8.54 -39.62 10.14
C ASN G 42 9.25 -40.73 9.38
N PRO G 43 10.58 -40.65 9.21
CA PRO G 43 11.40 -39.51 9.68
C PRO G 43 11.24 -38.26 8.78
N LYS G 44 11.82 -37.13 9.19
CA LYS G 44 11.71 -35.89 8.45
C LYS G 44 12.63 -35.91 7.22
N LEU G 45 12.05 -36.10 6.03
CA LEU G 45 12.84 -36.30 4.82
C LEU G 45 12.45 -35.40 3.71
N VAL G 46 13.44 -35.08 2.90
CA VAL G 46 13.32 -34.14 1.84
C VAL G 46 14.08 -34.78 0.67
N LEU G 47 13.95 -34.21 -0.53
CA LEU G 47 14.66 -34.74 -1.68
C LEU G 47 14.99 -33.64 -2.67
N VAL G 48 16.18 -33.74 -3.25
CA VAL G 48 16.56 -32.90 -4.33
C VAL G 48 17.08 -33.76 -5.48
N SER G 49 16.88 -33.27 -6.71
CA SER G 49 17.22 -34.00 -7.90
C SER G 49 18.29 -33.23 -8.68
N ILE G 50 19.45 -33.85 -8.87
CA ILE G 50 20.58 -33.18 -9.47
C ILE G 50 21.00 -33.87 -10.76
N GLY G 51 21.19 -33.09 -11.83
CA GLY G 51 21.60 -33.60 -13.11
C GLY G 51 22.98 -34.25 -13.07
N GLU G 52 23.19 -35.23 -13.94
CA GLU G 52 24.39 -36.06 -13.92
C GLU G 52 25.61 -35.25 -14.33
N LYS G 53 25.38 -34.14 -15.03
CA LYS G 53 26.46 -33.28 -15.51
C LYS G 53 26.78 -32.14 -14.56
N ALA G 54 26.03 -32.02 -13.47
CA ALA G 54 26.19 -30.92 -12.54
C ALA G 54 27.37 -31.18 -11.62
N LYS G 55 28.26 -30.19 -11.48
CA LYS G 55 29.36 -30.24 -10.53
C LYS G 55 28.92 -30.52 -9.09
N MSE G 56 27.75 -30.00 -8.73
CA MSE G 56 27.15 -30.25 -7.41
C MSE G 56 26.94 -31.73 -7.09
O MSE G 56 26.99 -32.10 -5.92
CB MSE G 56 25.79 -29.51 -7.33
CG MSE G 56 25.06 -29.63 -6.02
SE MSE G 56 26.08 -28.75 -4.54
CE MSE G 56 26.44 -27.23 -5.26
N LEU G 57 26.70 -32.55 -8.11
CA LEU G 57 26.43 -33.98 -7.85
C LEU G 57 27.54 -34.60 -7.01
N GLU G 58 28.77 -34.56 -7.52
CA GLU G 58 29.92 -35.13 -6.81
C GLU G 58 30.18 -34.41 -5.47
N LYS G 59 29.91 -33.11 -5.43
CA LYS G 59 30.05 -32.34 -4.18
C LYS G 59 29.20 -32.90 -3.07
N ILE G 60 27.93 -33.20 -3.35
CA ILE G 60 27.03 -33.82 -2.37
C ILE G 60 27.37 -35.28 -2.08
N GLN G 61 27.78 -36.02 -3.11
CA GLN G 61 28.22 -37.42 -2.92
C GLN G 61 29.35 -37.48 -1.90
N GLN G 62 30.29 -36.55 -1.98
CA GLN G 62 31.42 -36.51 -1.05
C GLN G 62 31.06 -35.96 0.34
N SER G 63 30.39 -34.80 0.38
CA SER G 63 30.03 -34.16 1.65
C SER G 63 28.95 -34.95 2.39
N LYS G 64 28.09 -35.64 1.63
CA LYS G 64 26.93 -36.35 2.17
C LYS G 64 25.98 -35.43 2.96
N LYS G 65 25.91 -34.18 2.56
CA LYS G 65 25.01 -33.23 3.20
C LYS G 65 24.67 -32.12 2.26
N TYR G 66 23.56 -31.44 2.54
CA TYR G 66 23.16 -30.29 1.76
C TYR G 66 22.12 -29.48 2.51
N ALA G 67 22.06 -28.19 2.21
CA ALA G 67 21.02 -27.32 2.71
C ALA G 67 20.21 -26.85 1.49
N VAL G 68 18.90 -26.69 1.71
CA VAL G 68 18.00 -26.14 0.72
C VAL G 68 17.65 -24.74 1.21
N ASN G 69 17.99 -23.74 0.41
CA ASN G 69 17.64 -22.36 0.67
C ASN G 69 16.51 -21.93 -0.22
N ILE G 70 15.30 -21.89 0.32
CA ILE G 70 14.17 -21.39 -0.44
C ILE G 70 14.26 -19.88 -0.63
N LEU G 71 14.19 -19.47 -1.89
CA LEU G 71 14.43 -18.07 -2.26
C LEU G 71 13.20 -17.20 -2.16
N SER G 72 13.41 -16.00 -1.60
CA SER G 72 12.35 -15.04 -1.50
C SER G 72 12.21 -14.37 -2.86
N GLN G 73 11.11 -13.66 -3.00
CA GLN G 73 10.80 -12.81 -4.13
C GLN G 73 11.93 -11.83 -4.47
N ASP G 74 12.75 -11.46 -3.48
CA ASP G 74 13.83 -10.48 -3.69
C ASP G 74 15.14 -11.11 -4.15
N GLN G 75 15.12 -12.39 -4.50
CA GLN G 75 16.38 -13.14 -4.64
C GLN G 75 16.60 -13.74 -6.02
N LYS G 76 16.00 -13.10 -7.02
CA LYS G 76 16.05 -13.53 -8.39
C LYS G 76 17.50 -13.54 -8.89
N VAL G 77 18.29 -12.56 -8.45
CA VAL G 77 19.69 -12.48 -8.86
C VAL G 77 20.50 -13.64 -8.31
N LEU G 78 20.16 -14.07 -7.09
CA LEU G 78 20.80 -15.25 -6.52
C LEU G 78 20.41 -16.50 -7.29
N SER G 79 19.16 -16.60 -7.71
CA SER G 79 18.76 -17.73 -8.53
C SER G 79 19.62 -17.79 -9.81
N MSE G 80 19.75 -16.66 -10.47
CA MSE G 80 20.53 -16.60 -11.70
C MSE G 80 22.01 -16.91 -11.45
O MSE G 80 22.63 -17.65 -12.20
CB MSE G 80 20.35 -15.25 -12.39
CG MSE G 80 18.94 -15.02 -12.91
SE MSE G 80 18.76 -13.18 -13.56
CE MSE G 80 18.58 -12.28 -12.05
N ASN G 81 22.56 -16.32 -10.41
CA ASN G 81 23.92 -16.61 -9.97
C ASN G 81 24.21 -18.11 -9.82
N PHE G 82 23.42 -18.78 -9.02
CA PHE G 82 23.64 -20.20 -8.78
C PHE G 82 23.15 -21.12 -9.90
N ALA G 83 22.59 -20.52 -10.96
CA ALA G 83 22.21 -21.23 -12.19
C ALA G 83 23.26 -21.04 -13.28
N GLY G 84 24.35 -20.36 -12.97
CA GLY G 84 25.45 -20.20 -13.92
C GLY G 84 25.16 -19.15 -14.97
N GLN G 85 24.33 -18.18 -14.63
CA GLN G 85 23.79 -17.30 -15.65
C GLN G 85 24.39 -15.91 -15.61
N LEU G 86 25.29 -15.67 -14.69
CA LEU G 86 25.90 -14.37 -14.60
C LEU G 86 27.29 -14.45 -15.19
N GLU G 87 27.76 -13.35 -15.77
CA GLU G 87 29.15 -13.31 -16.22
C GLU G 87 30.15 -13.46 -15.08
N LYS G 88 29.83 -12.84 -13.95
CA LYS G 88 30.69 -12.85 -12.79
C LYS G 88 29.79 -13.10 -11.58
N PRO G 89 30.19 -14.01 -10.69
CA PRO G 89 29.33 -14.43 -9.60
C PRO G 89 29.23 -13.38 -8.51
N VAL G 90 28.04 -13.29 -7.91
CA VAL G 90 27.81 -12.32 -6.86
C VAL G 90 28.59 -12.74 -5.61
N ASP G 91 28.95 -11.75 -4.82
CA ASP G 91 29.52 -12.02 -3.52
C ASP G 91 28.34 -12.30 -2.60
N VAL G 92 28.15 -13.57 -2.27
CA VAL G 92 26.97 -14.02 -1.56
C VAL G 92 27.23 -14.02 -0.07
N GLN G 93 26.23 -13.58 0.68
CA GLN G 93 26.31 -13.57 2.15
C GLN G 93 25.84 -14.90 2.70
N PHE G 94 26.80 -15.67 3.24
CA PHE G 94 26.50 -16.96 3.85
C PHE G 94 26.47 -16.90 5.35
N GLU G 95 25.58 -17.66 5.95
CA GLU G 95 25.62 -17.90 7.37
C GLU G 95 25.62 -19.40 7.52
N GLU G 96 25.31 -19.89 8.71
CA GLU G 96 25.51 -21.29 9.03
C GLU G 96 24.30 -21.91 9.73
N LEU G 97 23.96 -23.16 9.38
CA LEU G 97 22.84 -23.87 9.99
C LEU G 97 23.06 -25.38 9.89
N GLY G 98 23.12 -26.04 11.06
CA GLY G 98 23.37 -27.46 11.12
C GLY G 98 24.69 -27.86 10.50
N GLY G 99 25.67 -26.97 10.53
CA GLY G 99 26.99 -27.27 9.98
C GLY G 99 27.08 -26.99 8.49
N LEU G 100 26.02 -26.42 7.91
CA LEU G 100 25.96 -26.14 6.48
C LEU G 100 25.96 -24.66 6.22
N PRO G 101 26.61 -24.22 5.14
CA PRO G 101 26.49 -22.84 4.69
C PRO G 101 25.07 -22.63 4.15
N VAL G 102 24.43 -21.53 4.55
CA VAL G 102 23.06 -21.23 4.14
C VAL G 102 23.03 -19.79 3.72
N ILE G 103 22.06 -19.41 2.90
CA ILE G 103 22.01 -18.05 2.38
C ILE G 103 21.22 -17.11 3.27
N LYS G 104 21.87 -16.01 3.68
CA LYS G 104 21.25 -14.99 4.50
C LYS G 104 20.00 -14.46 3.81
N ASP G 105 18.94 -14.25 4.59
CA ASP G 105 17.70 -13.64 4.12
C ASP G 105 16.84 -14.52 3.18
N ALA G 106 17.22 -15.78 3.03
CA ALA G 106 16.41 -16.72 2.28
C ALA G 106 15.02 -16.78 2.91
N LEU G 107 14.02 -17.11 2.12
CA LEU G 107 12.69 -17.35 2.67
C LEU G 107 12.73 -18.44 3.75
N ALA G 108 13.48 -19.51 3.51
CA ALA G 108 13.61 -20.61 4.47
C ALA G 108 14.94 -21.31 4.27
N GLN G 109 15.46 -21.88 5.34
CA GLN G 109 16.71 -22.64 5.26
C GLN G 109 16.47 -24.00 5.89
N ILE G 110 16.90 -25.06 5.19
CA ILE G 110 16.61 -26.43 5.62
C ILE G 110 17.90 -27.24 5.45
N SER G 111 18.51 -27.65 6.55
CA SER G 111 19.76 -28.39 6.51
C SER G 111 19.53 -29.87 6.63
N CYS G 112 20.28 -30.62 5.81
CA CYS G 112 20.00 -32.06 5.65
C CYS G 112 21.26 -32.89 5.63
N GLN G 113 21.10 -34.14 6.07
CA GLN G 113 22.14 -35.17 5.90
C GLN G 113 21.63 -36.21 4.90
N VAL G 114 22.42 -36.49 3.87
CA VAL G 114 22.04 -37.47 2.87
C VAL G 114 21.86 -38.84 3.51
N VAL G 115 20.70 -39.46 3.29
CA VAL G 115 20.44 -40.80 3.82
C VAL G 115 20.25 -41.85 2.70
N ASN G 116 20.06 -41.39 1.46
CA ASN G 116 19.88 -42.27 0.29
C ASN G 116 20.21 -41.53 -0.99
N GLU G 117 20.72 -42.29 -1.97
CA GLU G 117 20.98 -41.81 -3.32
C GLU G 117 20.31 -42.76 -4.29
N VAL G 118 19.53 -42.22 -5.24
CA VAL G 118 18.82 -43.03 -6.22
C VAL G 118 19.01 -42.40 -7.58
N GLN G 119 19.69 -43.12 -8.46
CA GLN G 119 19.80 -42.69 -9.83
C GLN G 119 18.45 -42.87 -10.51
N ALA G 120 18.07 -41.89 -11.34
CA ALA G 120 16.81 -41.93 -12.08
C ALA G 120 17.00 -41.23 -13.40
N GLY G 121 17.25 -42.02 -14.44
CA GLY G 121 17.63 -41.51 -15.73
C GLY G 121 18.77 -40.51 -15.63
N ASP G 122 18.55 -39.34 -16.23
CA ASP G 122 19.41 -38.14 -16.26
C ASP G 122 19.96 -37.60 -14.95
N HIS G 123 19.29 -37.93 -13.86
CA HIS G 123 19.48 -37.24 -12.59
C HIS G 123 19.67 -38.23 -11.47
N THR G 124 20.18 -37.72 -10.35
CA THR G 124 20.28 -38.48 -9.10
C THR G 124 19.44 -37.78 -8.03
N LEU G 125 18.58 -38.55 -7.38
CA LEU G 125 17.82 -38.10 -6.25
C LEU G 125 18.63 -38.26 -4.97
N PHE G 126 18.85 -37.15 -4.26
CA PHE G 126 19.46 -37.20 -2.94
C PHE G 126 18.38 -36.96 -1.90
N ILE G 127 18.08 -38.03 -1.16
CA ILE G 127 17.12 -38.00 -0.08
C ILE G 127 17.85 -37.58 1.19
N GLY G 128 17.38 -36.50 1.79
CA GLY G 128 18.06 -35.91 2.93
C GLY G 128 17.16 -35.89 4.15
N GLU G 129 17.70 -36.31 5.29
CA GLU G 129 17.01 -36.13 6.56
C GLU G 129 17.30 -34.73 7.10
N VAL G 130 16.23 -34.01 7.44
CA VAL G 130 16.34 -32.66 7.94
C VAL G 130 16.80 -32.60 9.40
N THR G 131 17.86 -31.85 9.67
CA THR G 131 18.34 -31.68 11.05
C THR G 131 17.99 -30.33 11.63
N ASP G 132 17.83 -29.32 10.79
CA ASP G 132 17.65 -27.94 11.25
C ASP G 132 16.84 -27.17 10.22
N ILE G 133 15.99 -26.27 10.74
CA ILE G 133 15.14 -25.42 9.93
C ILE G 133 15.11 -23.99 10.45
N LYS G 134 15.12 -23.04 9.52
CA LYS G 134 14.83 -21.65 9.82
C LYS G 134 13.86 -21.12 8.79
N ILE G 135 12.82 -20.43 9.27
CA ILE G 135 11.75 -19.92 8.45
C ILE G 135 11.55 -18.40 8.65
N THR G 136 11.15 -17.71 7.59
CA THR G 136 10.69 -16.32 7.65
C THR G 136 9.33 -16.23 6.93
N GLU G 137 8.69 -15.08 7.03
CA GLU G 137 7.37 -14.88 6.43
C GLU G 137 7.43 -14.07 5.14
N GLN G 138 8.52 -14.24 4.39
CA GLN G 138 8.65 -13.54 3.11
C GLN G 138 7.81 -14.17 1.99
N ASP G 139 7.59 -13.42 0.93
CA ASP G 139 6.90 -13.93 -0.25
C ASP G 139 7.95 -14.63 -1.14
N PRO G 140 7.52 -15.66 -1.86
CA PRO G 140 8.45 -16.54 -2.57
C PRO G 140 8.71 -16.12 -4.01
N LEU G 141 9.94 -16.38 -4.44
CA LEU G 141 10.25 -16.40 -5.86
C LEU G 141 9.57 -17.65 -6.42
N LEU G 142 8.91 -17.49 -7.58
CA LEU G 142 8.23 -18.58 -8.26
C LEU G 142 8.84 -18.76 -9.63
N PHE G 143 8.72 -19.97 -10.16
CA PHE G 143 9.15 -20.26 -11.51
C PHE G 143 8.03 -21.06 -12.21
N PHE G 144 7.63 -20.60 -13.38
CA PHE G 144 6.53 -21.22 -14.09
C PHE G 144 6.68 -20.88 -15.54
N SER G 145 6.51 -21.88 -16.39
CA SER G 145 6.57 -21.69 -17.84
C SER G 145 7.85 -20.99 -18.28
N GLY G 146 8.97 -21.32 -17.63
CA GLY G 146 10.28 -20.80 -18.02
C GLY G 146 10.55 -19.37 -17.59
N LYS G 147 9.66 -18.78 -16.78
CA LYS G 147 9.84 -17.42 -16.29
C LYS G 147 9.69 -17.29 -14.77
N TYR G 148 10.32 -16.25 -14.21
CA TYR G 148 10.18 -15.92 -12.80
C TYR G 148 8.84 -15.23 -12.57
N HIS G 149 8.24 -15.46 -11.39
CA HIS G 149 6.89 -14.98 -11.13
C HIS G 149 6.74 -14.71 -9.66
N GLN G 150 5.62 -14.08 -9.29
CA GLN G 150 5.31 -13.75 -7.91
C GLN G 150 3.88 -14.25 -7.60
N LEU G 151 3.58 -14.41 -6.33
CA LEU G 151 2.20 -14.66 -5.92
C LEU G 151 1.35 -13.40 -6.12
N ALA G 152 0.10 -13.57 -6.53
CA ALA G 152 -0.87 -12.48 -6.51
C ALA G 152 -1.09 -12.10 -5.05
N GLN G 153 -1.11 -10.81 -4.76
CA GLN G 153 -1.27 -10.33 -3.36
C GLN G 153 -2.67 -9.83 -3.05
N MSE H 1 13.24 -33.06 16.46
CA MSE H 1 12.62 -31.82 15.91
C MSE H 1 11.10 -31.94 15.85
O MSE H 1 10.54 -33.04 15.83
CB MSE H 1 13.18 -31.52 14.51
CG MSE H 1 12.85 -30.11 14.01
SE MSE H 1 12.99 -29.91 12.07
CE MSE H 1 14.77 -30.43 11.88
N ASP H 2 10.42 -30.78 15.80
CA ASP H 2 8.97 -30.75 15.91
C ASP H 2 8.25 -30.79 14.55
N ASP H 3 7.05 -31.38 14.57
CA ASP H 3 6.32 -31.66 13.33
C ASP H 3 5.75 -30.41 12.71
N ARG H 4 5.23 -29.51 13.55
CA ARG H 4 4.66 -28.25 13.08
C ARG H 4 5.70 -27.39 12.36
N LEU H 5 6.90 -27.30 12.93
CA LEU H 5 7.96 -26.48 12.35
C LEU H 5 8.38 -27.05 10.99
N PHE H 6 8.52 -28.38 10.93
CA PHE H 6 8.80 -29.08 9.69
C PHE H 6 7.73 -28.80 8.62
N ARG H 7 6.46 -29.01 8.97
CA ARG H 7 5.35 -28.76 8.03
C ARG H 7 5.29 -27.31 7.57
N ASN H 8 5.50 -26.38 8.51
CA ASN H 8 5.52 -24.97 8.17
C ASN H 8 6.61 -24.67 7.14
N ALA H 9 7.79 -25.26 7.35
CA ALA H 9 8.93 -25.08 6.46
C ALA H 9 8.65 -25.62 5.08
N MSE H 10 8.07 -26.82 5.03
CA MSE H 10 7.76 -27.49 3.77
C MSE H 10 6.77 -26.68 2.97
O MSE H 10 6.88 -26.60 1.76
CB MSE H 10 7.22 -28.90 3.99
CG MSE H 10 8.22 -29.84 4.60
SE MSE H 10 10.04 -29.88 3.77
CE MSE H 10 11.05 -29.04 5.21
N GLY H 11 5.81 -26.05 3.67
CA GLY H 11 4.86 -25.15 3.04
C GLY H 11 5.45 -23.86 2.47
N LYS H 12 6.70 -23.56 2.86
CA LYS H 12 7.39 -22.37 2.29
C LYS H 12 7.90 -22.67 0.89
N PHE H 13 7.80 -23.94 0.49
CA PHE H 13 8.07 -24.24 -0.92
C PHE H 13 6.79 -24.22 -1.71
N ALA H 14 6.58 -23.16 -2.48
CA ALA H 14 5.40 -23.02 -3.35
C ALA H 14 5.36 -24.06 -4.47
N THR H 15 4.17 -24.50 -4.84
CA THR H 15 4.04 -25.47 -5.90
C THR H 15 2.77 -25.24 -6.67
N GLY H 16 2.67 -25.88 -7.82
CA GLY H 16 1.38 -26.04 -8.46
C GLY H 16 0.60 -27.11 -7.72
N VAL H 17 -0.51 -27.53 -8.29
CA VAL H 17 -1.32 -28.58 -7.70
C VAL H 17 -1.67 -29.56 -8.77
N THR H 18 -1.57 -30.86 -8.45
CA THR H 18 -1.99 -31.86 -9.40
C THR H 18 -3.03 -32.78 -8.82
N VAL H 19 -3.68 -33.54 -9.71
CA VAL H 19 -4.42 -34.71 -9.28
C VAL H 19 -3.74 -35.87 -9.96
N ILE H 20 -3.33 -36.88 -9.19
CA ILE H 20 -2.82 -38.10 -9.77
C ILE H 20 -4.03 -39.01 -10.03
N THR H 21 -4.14 -39.53 -11.25
CA THR H 21 -5.20 -40.45 -11.59
C THR H 21 -4.65 -41.78 -12.07
N THR H 22 -5.45 -42.81 -11.87
CA THR H 22 -5.16 -44.10 -12.44
C THR H 22 -6.46 -44.87 -12.62
N GLU H 23 -6.36 -46.02 -13.26
CA GLU H 23 -7.53 -46.84 -13.52
C GLU H 23 -7.18 -48.26 -13.09
N LEU H 24 -8.14 -48.88 -12.41
CA LEU H 24 -7.95 -50.25 -11.92
C LEU H 24 -9.22 -51.02 -12.18
N ASN H 25 -9.18 -51.86 -13.21
CA ASN H 25 -10.31 -52.68 -13.62
C ASN H 25 -11.62 -51.89 -13.79
N GLY H 26 -11.60 -50.90 -14.68
CA GLY H 26 -12.74 -50.05 -14.95
C GLY H 26 -12.83 -48.79 -14.11
N ALA H 27 -12.58 -48.91 -12.81
CA ALA H 27 -12.74 -47.79 -11.88
C ALA H 27 -11.60 -46.77 -11.94
N VAL H 28 -11.97 -45.51 -12.03
CA VAL H 28 -11.04 -44.40 -12.02
C VAL H 28 -10.79 -43.95 -10.57
N HIS H 29 -9.51 -43.84 -10.20
CA HIS H 29 -9.13 -43.29 -8.90
C HIS H 29 -8.25 -42.05 -9.04
N GLY H 30 -8.49 -41.08 -8.17
CA GLY H 30 -7.77 -39.80 -8.21
C GLY H 30 -7.26 -39.44 -6.82
N MSE H 31 -6.15 -38.70 -6.76
CA MSE H 31 -5.65 -38.17 -5.49
C MSE H 31 -4.92 -36.85 -5.70
O MSE H 31 -4.09 -36.73 -6.59
CB MSE H 31 -4.74 -39.18 -4.80
CG MSE H 31 -4.47 -38.85 -3.36
SE MSE H 31 -2.87 -39.67 -2.71
CE MSE H 31 -2.89 -39.04 -1.11
N THR H 32 -5.24 -35.86 -4.89
CA THR H 32 -4.60 -34.56 -4.96
C THR H 32 -3.16 -34.69 -4.45
N ALA H 33 -2.22 -34.14 -5.21
CA ALA H 33 -0.81 -34.18 -4.81
C ALA H 33 -0.07 -32.94 -5.29
N ASN H 34 0.81 -32.41 -4.44
CA ASN H 34 1.76 -31.41 -4.92
C ASN H 34 3.21 -31.89 -4.79
N ALA H 35 3.41 -33.08 -4.20
CA ALA H 35 4.72 -33.73 -4.17
C ALA H 35 4.97 -34.40 -5.52
N PHE H 36 5.22 -33.58 -6.52
CA PHE H 36 5.43 -34.04 -7.87
C PHE H 36 6.66 -33.29 -8.34
N MSE H 37 7.34 -33.85 -9.34
CA MSE H 37 8.57 -33.26 -9.81
C MSE H 37 8.98 -33.91 -11.14
O MSE H 37 8.86 -35.13 -11.31
CB MSE H 37 9.61 -33.52 -8.71
CG MSE H 37 10.99 -33.09 -8.99
SE MSE H 37 12.21 -34.10 -7.80
CE MSE H 37 12.94 -35.14 -8.97
N SER H 38 9.44 -33.05 -12.04
CA SER H 38 10.22 -33.46 -13.20
C SER H 38 11.53 -34.10 -12.73
N VAL H 39 11.87 -35.24 -13.31
CA VAL H 39 13.07 -35.97 -12.90
C VAL H 39 14.17 -36.04 -13.96
N SER H 40 13.82 -36.48 -15.17
CA SER H 40 14.83 -36.78 -16.18
C SER H 40 14.36 -36.39 -17.57
N LEU H 41 15.31 -35.98 -18.42
CA LEU H 41 14.99 -35.73 -19.82
C LEU H 41 15.20 -36.97 -20.71
N ASN H 42 16.33 -37.66 -20.53
CA ASN H 42 16.61 -38.92 -21.23
C ASN H 42 16.95 -40.04 -20.24
N PRO H 43 16.03 -40.97 -20.01
CA PRO H 43 14.68 -40.97 -20.59
C PRO H 43 13.75 -39.93 -19.91
N LYS H 44 12.55 -39.74 -20.48
CA LYS H 44 11.60 -38.76 -19.94
C LYS H 44 10.90 -39.25 -18.66
N LEU H 45 11.37 -38.76 -17.50
CA LEU H 45 10.92 -39.30 -16.20
C LEU H 45 10.36 -38.25 -15.27
N VAL H 46 9.44 -38.71 -14.44
CA VAL H 46 8.70 -37.87 -13.57
C VAL H 46 8.61 -38.65 -12.26
N LEU H 47 8.23 -37.98 -11.18
CA LEU H 47 8.10 -38.65 -9.92
C LEU H 47 6.96 -38.04 -9.14
N VAL H 48 6.23 -38.92 -8.43
CA VAL H 48 5.23 -38.49 -7.48
C VAL H 48 5.44 -39.25 -6.17
N SER H 49 5.11 -38.58 -5.06
CA SER H 49 5.36 -39.12 -3.75
C SER H 49 4.02 -39.31 -3.05
N ILE H 50 3.75 -40.56 -2.66
CA ILE H 50 2.47 -40.94 -2.07
C ILE H 50 2.59 -41.50 -0.65
N GLY H 51 1.75 -41.00 0.23
CA GLY H 51 1.80 -41.39 1.64
C GLY H 51 1.47 -42.84 1.79
N GLU H 52 2.10 -43.50 2.79
CA GLU H 52 1.91 -44.93 3.03
C GLU H 52 0.46 -45.32 3.42
N LYS H 53 -0.30 -44.35 3.93
CA LYS H 53 -1.70 -44.56 4.30
C LYS H 53 -2.69 -44.22 3.18
N ALA H 54 -2.21 -43.75 2.03
CA ALA H 54 -3.10 -43.35 0.95
C ALA H 54 -3.59 -44.56 0.16
N LYS H 55 -4.91 -44.63 -0.07
CA LYS H 55 -5.47 -45.72 -0.89
C LYS H 55 -4.80 -45.82 -2.27
N MSE H 56 -4.47 -44.66 -2.83
CA MSE H 56 -3.81 -44.54 -4.12
C MSE H 56 -2.52 -45.36 -4.19
O MSE H 56 -2.17 -45.85 -5.26
CB MSE H 56 -3.52 -43.06 -4.43
CG MSE H 56 -2.81 -42.82 -5.74
SE MSE H 56 -3.91 -43.26 -7.32
CE MSE H 56 -5.44 -42.34 -6.88
N LEU H 57 -1.82 -45.51 -3.06
CA LEU H 57 -0.55 -46.20 -3.09
C LEU H 57 -0.68 -47.59 -3.73
N GLU H 58 -1.54 -48.41 -3.15
CA GLU H 58 -1.78 -49.76 -3.66
C GLU H 58 -2.39 -49.75 -5.07
N LYS H 59 -3.24 -48.79 -5.36
CA LYS H 59 -3.80 -48.63 -6.72
C LYS H 59 -2.71 -48.49 -7.80
N ILE H 60 -1.68 -47.67 -7.54
CA ILE H 60 -0.60 -47.48 -8.51
C ILE H 60 0.35 -48.69 -8.52
N GLN H 61 0.57 -49.28 -7.34
CA GLN H 61 1.37 -50.52 -7.26
C GLN H 61 0.78 -51.61 -8.16
N GLN H 62 -0.56 -51.69 -8.20
CA GLN H 62 -1.25 -52.69 -9.01
C GLN H 62 -1.33 -52.33 -10.48
N SER H 63 -1.78 -51.11 -10.79
CA SER H 63 -1.91 -50.65 -12.18
C SER H 63 -0.57 -50.38 -12.85
N LYS H 64 0.45 -50.08 -12.05
CA LYS H 64 1.78 -49.70 -12.55
C LYS H 64 1.75 -48.51 -13.52
N LYS H 65 0.77 -47.63 -13.35
CA LYS H 65 0.66 -46.47 -14.20
C LYS H 65 -0.07 -45.37 -13.48
N TYR H 66 0.15 -44.14 -13.93
CA TYR H 66 -0.56 -42.99 -13.39
C TYR H 66 -0.43 -41.80 -14.34
N ALA H 67 -1.40 -40.91 -14.28
CA ALA H 67 -1.36 -39.65 -14.97
C ALA H 67 -1.27 -38.55 -13.95
N VAL H 68 -0.55 -37.48 -14.28
CA VAL H 68 -0.45 -36.29 -13.45
C VAL H 68 -1.26 -35.20 -14.14
N ASN H 69 -2.29 -34.70 -13.46
CA ASN H 69 -3.14 -33.67 -14.03
C ASN H 69 -2.82 -32.39 -13.30
N ILE H 70 -2.10 -31.50 -13.98
CA ILE H 70 -1.77 -30.21 -13.39
C ILE H 70 -3.01 -29.33 -13.46
N LEU H 71 -3.40 -28.84 -12.29
CA LEU H 71 -4.63 -28.08 -12.16
C LEU H 71 -4.46 -26.62 -12.53
N SER H 72 -5.44 -26.12 -13.26
CA SER H 72 -5.54 -24.73 -13.60
C SER H 72 -6.08 -23.97 -12.39
N GLN H 73 -5.89 -22.67 -12.42
CA GLN H 73 -6.47 -21.70 -11.48
C GLN H 73 -7.96 -21.91 -11.24
N ASP H 74 -8.67 -22.46 -12.23
CA ASP H 74 -10.14 -22.67 -12.15
C ASP H 74 -10.57 -24.00 -11.55
N GLN H 75 -9.65 -24.73 -10.93
CA GLN H 75 -9.88 -26.12 -10.56
C GLN H 75 -9.63 -26.39 -9.08
N LYS H 76 -9.78 -25.35 -8.26
CA LYS H 76 -9.61 -25.44 -6.82
C LYS H 76 -10.58 -26.48 -6.24
N VAL H 77 -11.81 -26.51 -6.74
CA VAL H 77 -12.80 -27.46 -6.28
C VAL H 77 -12.36 -28.90 -6.51
N LEU H 78 -11.80 -29.16 -7.68
CA LEU H 78 -11.22 -30.47 -7.98
C LEU H 78 -10.10 -30.83 -7.03
N SER H 79 -9.26 -29.86 -6.70
CA SER H 79 -8.21 -30.13 -5.71
C SER H 79 -8.79 -30.63 -4.39
N MSE H 80 -9.81 -29.92 -3.92
CA MSE H 80 -10.45 -30.24 -2.63
C MSE H 80 -11.13 -31.61 -2.70
O MSE H 80 -11.01 -32.42 -1.78
CB MSE H 80 -11.41 -29.13 -2.22
CG MSE H 80 -10.73 -27.81 -1.90
SE MSE H 80 -12.03 -26.33 -1.52
CE MSE H 80 -12.56 -25.93 -3.19
N ASN H 81 -11.84 -31.83 -3.80
CA ASN H 81 -12.44 -33.13 -4.08
C ASN H 81 -11.46 -34.28 -3.89
N PHE H 82 -10.37 -34.25 -4.64
CA PHE H 82 -9.43 -35.37 -4.66
C PHE H 82 -8.52 -35.37 -3.43
N ALA H 83 -8.71 -34.39 -2.56
CA ALA H 83 -7.98 -34.35 -1.28
C ALA H 83 -8.83 -34.85 -0.12
N GLY H 84 -10.04 -35.34 -0.42
CA GLY H 84 -10.98 -35.77 0.58
C GLY H 84 -11.57 -34.65 1.46
N GLN H 85 -11.64 -33.41 0.93
CA GLN H 85 -12.00 -32.18 1.66
C GLN H 85 -13.44 -31.67 1.54
N LEU H 86 -14.24 -32.36 0.74
CA LEU H 86 -15.63 -32.04 0.54
C LEU H 86 -16.46 -33.21 1.07
N GLU H 87 -17.59 -32.88 1.68
CA GLU H 87 -18.55 -33.89 2.17
C GLU H 87 -19.23 -34.62 1.01
N LYS H 88 -19.46 -33.90 -0.08
CA LYS H 88 -20.16 -34.46 -1.25
C LYS H 88 -19.19 -34.49 -2.44
N PRO H 89 -18.88 -35.67 -2.97
CA PRO H 89 -17.89 -35.79 -4.06
C PRO H 89 -18.45 -35.13 -5.28
N VAL H 90 -17.61 -34.54 -6.11
CA VAL H 90 -18.10 -33.94 -7.35
C VAL H 90 -18.09 -34.98 -8.50
N ASP H 91 -18.93 -34.76 -9.51
CA ASP H 91 -18.98 -35.60 -10.71
C ASP H 91 -17.92 -35.03 -11.66
N VAL H 92 -16.82 -35.76 -11.79
CA VAL H 92 -15.66 -35.27 -12.54
C VAL H 92 -15.73 -35.71 -13.98
N GLN H 93 -15.44 -34.75 -14.88
CA GLN H 93 -15.31 -35.05 -16.31
C GLN H 93 -13.94 -35.61 -16.65
N PHE H 94 -13.90 -36.89 -17.01
CA PHE H 94 -12.68 -37.58 -17.41
C PHE H 94 -12.61 -37.81 -18.92
N GLU H 95 -11.39 -37.72 -19.44
CA GLU H 95 -11.13 -38.09 -20.81
C GLU H 95 -9.96 -39.04 -20.70
N GLU H 96 -9.28 -39.29 -21.80
CA GLU H 96 -8.33 -40.37 -21.89
C GLU H 96 -7.02 -39.93 -22.55
N LEU H 97 -5.90 -40.40 -22.00
CA LEU H 97 -4.59 -40.12 -22.59
C LEU H 97 -3.60 -41.21 -22.23
N GLY H 98 -3.04 -41.86 -23.27
CA GLY H 98 -2.11 -42.96 -23.09
C GLY H 98 -2.68 -44.12 -22.28
N GLY H 99 -3.97 -44.38 -22.44
CA GLY H 99 -4.62 -45.46 -21.71
C GLY H 99 -5.01 -45.07 -20.29
N LEU H 100 -4.84 -43.80 -19.92
CA LEU H 100 -5.12 -43.36 -18.56
C LEU H 100 -6.27 -42.37 -18.53
N PRO H 101 -7.09 -42.41 -17.47
CA PRO H 101 -8.12 -41.39 -17.26
C PRO H 101 -7.44 -40.07 -16.87
N VAL H 102 -7.86 -38.98 -17.48
CA VAL H 102 -7.23 -37.68 -17.25
C VAL H 102 -8.36 -36.71 -17.06
N ILE H 103 -8.08 -35.57 -16.44
CA ILE H 103 -9.13 -34.61 -16.14
C ILE H 103 -9.29 -33.55 -17.24
N LYS H 104 -10.52 -33.42 -17.73
CA LYS H 104 -10.83 -32.47 -18.77
C LYS H 104 -10.47 -31.05 -18.30
N ASP H 105 -9.88 -30.27 -19.22
CA ASP H 105 -9.56 -28.86 -18.96
C ASP H 105 -8.40 -28.61 -17.99
N ALA H 106 -7.68 -29.67 -17.63
CA ALA H 106 -6.50 -29.51 -16.79
C ALA H 106 -5.50 -28.56 -17.48
N LEU H 107 -4.68 -27.90 -16.69
CA LEU H 107 -3.63 -27.08 -17.28
C LEU H 107 -2.73 -27.95 -18.15
N ALA H 108 -2.43 -29.15 -17.67
CA ALA H 108 -1.64 -30.12 -18.41
C ALA H 108 -1.95 -31.55 -17.97
N GLN H 109 -1.74 -32.48 -18.88
CA GLN H 109 -1.96 -33.89 -18.59
C GLN H 109 -0.74 -34.66 -19.03
N ILE H 110 -0.24 -35.52 -18.15
CA ILE H 110 1.01 -36.21 -18.35
C ILE H 110 0.80 -37.67 -17.94
N SER H 111 0.83 -38.57 -18.92
CA SER H 111 0.58 -39.99 -18.63
C SER H 111 1.88 -40.74 -18.53
N CYS H 112 1.93 -41.65 -17.55
CA CYS H 112 3.17 -42.29 -17.18
C CYS H 112 3.01 -43.76 -16.93
N GLN H 113 4.09 -44.50 -17.16
CA GLN H 113 4.16 -45.90 -16.77
C GLN H 113 5.19 -45.98 -15.67
N VAL H 114 4.84 -46.63 -14.56
CA VAL H 114 5.78 -46.77 -13.43
C VAL H 114 7.00 -47.57 -13.84
N VAL H 115 8.19 -47.01 -13.63
CA VAL H 115 9.44 -47.73 -13.91
C VAL H 115 10.30 -48.04 -12.66
N ASN H 116 9.96 -47.42 -11.53
CA ASN H 116 10.65 -47.64 -10.26
C ASN H 116 9.78 -47.23 -9.08
N GLU H 117 9.93 -47.93 -7.96
CA GLU H 117 9.28 -47.62 -6.68
C GLU H 117 10.35 -47.56 -5.59
N VAL H 118 10.36 -46.47 -4.84
CA VAL H 118 11.37 -46.29 -3.80
C VAL H 118 10.66 -45.83 -2.55
N GLN H 119 10.69 -46.65 -1.51
CA GLN H 119 10.23 -46.24 -0.22
C GLN H 119 11.19 -45.18 0.38
N ALA H 120 10.61 -44.16 0.98
CA ALA H 120 11.37 -43.10 1.60
C ALA H 120 10.56 -42.65 2.81
N GLY H 121 10.95 -43.14 3.98
CA GLY H 121 10.22 -42.94 5.22
C GLY H 121 8.73 -43.18 5.06
N ASP H 122 7.95 -42.16 5.41
CA ASP H 122 6.49 -42.04 5.31
C ASP H 122 5.81 -42.35 3.95
N HIS H 123 6.60 -42.31 2.88
CA HIS H 123 6.01 -42.16 1.57
C HIS H 123 6.71 -43.12 0.65
N THR H 124 6.09 -43.38 -0.49
CA THR H 124 6.73 -44.08 -1.58
C THR H 124 6.84 -43.17 -2.82
N LEU H 125 8.02 -43.20 -3.43
CA LEU H 125 8.27 -42.46 -4.66
C LEU H 125 7.96 -43.35 -5.85
N PHE H 126 7.05 -42.90 -6.71
CA PHE H 126 6.77 -43.61 -7.95
C PHE H 126 7.37 -42.83 -9.11
N ILE H 127 8.44 -43.38 -9.64
CA ILE H 127 9.11 -42.81 -10.79
C ILE H 127 8.40 -43.31 -12.04
N GLY H 128 7.89 -42.38 -12.84
CA GLY H 128 7.11 -42.70 -14.02
C GLY H 128 7.78 -42.22 -15.30
N GLU H 129 7.80 -43.10 -16.31
CA GLU H 129 8.22 -42.67 -17.64
C GLU H 129 7.03 -42.12 -18.41
N VAL H 130 7.22 -40.94 -18.99
CA VAL H 130 6.14 -40.23 -19.64
C VAL H 130 5.91 -40.78 -21.05
N THR H 131 4.67 -41.15 -21.37
CA THR H 131 4.36 -41.68 -22.70
C THR H 131 3.58 -40.68 -23.54
N ASP H 132 2.85 -39.78 -22.89
CA ASP H 132 1.92 -38.89 -23.57
C ASP H 132 1.74 -37.59 -22.78
N ILE H 133 1.65 -36.49 -23.50
CA ILE H 133 1.53 -35.18 -22.90
C ILE H 133 0.47 -34.36 -23.65
N LYS H 134 -0.30 -33.60 -22.90
CA LYS H 134 -1.18 -32.59 -23.45
C LYS H 134 -1.06 -31.31 -22.61
N ILE H 135 -0.94 -30.17 -23.26
CA ILE H 135 -0.66 -28.89 -22.60
C ILE H 135 -1.68 -27.85 -23.06
N THR H 136 -2.00 -26.90 -22.17
CA THR H 136 -2.78 -25.71 -22.51
C THR H 136 -2.03 -24.50 -21.95
N GLU H 137 -2.52 -23.30 -22.27
CA GLU H 137 -1.87 -22.09 -21.79
C GLU H 137 -2.64 -21.44 -20.67
N GLN H 138 -3.26 -22.23 -19.81
CA GLN H 138 -4.02 -21.67 -18.67
C GLN H 138 -3.09 -21.24 -17.55
N ASP H 139 -3.63 -20.46 -16.60
CA ASP H 139 -2.89 -20.06 -15.41
C ASP H 139 -3.05 -21.13 -14.36
N PRO H 140 -2.01 -21.33 -13.55
CA PRO H 140 -1.97 -22.47 -12.65
C PRO H 140 -2.58 -22.19 -11.30
N LEU H 141 -3.14 -23.22 -10.69
CA LEU H 141 -3.48 -23.20 -9.25
C LEU H 141 -2.19 -23.37 -8.50
N LEU H 142 -2.00 -22.54 -7.47
CA LEU H 142 -0.81 -22.60 -6.65
C LEU H 142 -1.18 -23.02 -5.26
N PHE H 143 -0.21 -23.56 -4.55
CA PHE H 143 -0.36 -23.82 -3.12
C PHE H 143 0.91 -23.37 -2.42
N PHE H 144 0.75 -22.61 -1.35
CA PHE H 144 1.87 -22.00 -0.63
C PHE H 144 1.40 -21.67 0.76
N SER H 145 2.23 -22.00 1.75
CA SER H 145 1.93 -21.72 3.14
C SER H 145 0.54 -22.19 3.57
N GLY H 146 0.14 -23.36 3.09
CA GLY H 146 -1.13 -23.95 3.50
C GLY H 146 -2.37 -23.40 2.82
N LYS H 147 -2.21 -22.48 1.86
CA LYS H 147 -3.33 -21.85 1.16
C LYS H 147 -3.19 -21.91 -0.36
N TYR H 148 -4.34 -21.85 -1.04
CA TYR H 148 -4.39 -21.74 -2.50
C TYR H 148 -4.08 -20.32 -2.94
N HIS H 149 -3.38 -20.20 -4.08
CA HIS H 149 -2.91 -18.90 -4.56
C HIS H 149 -2.94 -18.88 -6.06
N GLN H 150 -2.70 -17.70 -6.62
CA GLN H 150 -2.60 -17.48 -8.06
C GLN H 150 -1.30 -16.75 -8.37
N LEU H 151 -0.86 -16.80 -9.62
CA LEU H 151 0.25 -15.95 -10.09
C LEU H 151 -0.18 -14.49 -10.18
N ALA H 152 0.73 -13.58 -9.83
CA ALA H 152 0.52 -12.15 -10.10
C ALA H 152 0.48 -11.98 -11.61
N GLN H 153 -0.44 -11.17 -12.12
CA GLN H 153 -0.61 -11.03 -13.58
C GLN H 153 -0.07 -9.72 -14.12
PA FAD I . -25.67 41.23 1.60
O1A FAD I . -26.89 41.64 0.89
O2A FAD I . -25.06 42.44 2.34
O5B FAD I . -24.73 40.42 0.55
C5B FAD I . -23.72 40.99 -0.24
C4B FAD I . -24.06 41.04 -1.74
O4B FAD I . -24.26 39.78 -2.35
C3B FAD I . -25.27 41.89 -2.11
O3B FAD I . -24.77 43.07 -2.73
C2B FAD I . -26.05 41.03 -3.09
O2B FAD I . -26.45 41.76 -4.23
C1B FAD I . -25.06 39.95 -3.50
N9A FAD I . -25.75 38.71 -3.91
C8A FAD I . -26.29 37.76 -3.08
N7A FAD I . -26.84 36.78 -3.85
C5A FAD I . -26.69 37.10 -5.15
C6A FAD I . -27.06 36.46 -6.34
N6A FAD I . -27.91 35.45 -6.27
N1A FAD I . -26.75 37.02 -7.56
C2A FAD I . -26.07 38.22 -7.61
N3A FAD I . -25.71 38.86 -6.42
C4A FAD I . -26.00 38.32 -5.21
N1 FAD I . -17.92 38.64 6.18
C2 FAD I . -18.03 37.58 7.08
O2 FAD I . -19.04 37.52 7.81
N3 FAD I . -17.03 36.60 7.15
C4 FAD I . -15.93 36.69 6.31
O4 FAD I . -15.16 35.72 6.25
C4X FAD I . -15.82 37.77 5.41
N5 FAD I . -14.70 37.87 4.59
C5X FAD I . -14.60 38.91 3.69
C6 FAD I . -13.48 38.97 2.86
C7 FAD I . -13.33 40.01 1.95
C7M FAD I . -12.33 39.87 0.82
C8 FAD I . -14.33 40.99 1.86
C8M FAD I . -14.25 42.09 0.83
C9 FAD I . -15.46 40.93 2.69
C9A FAD I . -15.61 39.89 3.61
N10 FAD I . -16.72 39.80 4.45
C10 FAD I . -16.82 38.74 5.34
C1' FAD I . -17.78 40.90 4.42
C2' FAD I . -19.03 40.42 3.67
O2' FAD I . -18.65 39.82 2.45
C3' FAD I . -20.07 41.53 3.51
O3' FAD I . -20.35 42.10 4.78
C4' FAD I . -21.38 41.07 2.85
O4' FAD I . -21.97 42.13 2.11
C5' FAD I . -22.43 40.58 3.84
O5' FAD I . -23.38 39.80 3.16
P FAD I . -24.87 39.57 3.73
O1P FAD I . -25.06 38.13 3.91
O2P FAD I . -25.09 40.44 5.00
O3P FAD I . -25.94 40.02 2.61
PA FAD J . 6.78 17.88 16.03
O1A FAD J . 7.95 17.40 16.81
O2A FAD J . 6.41 16.91 14.91
O5B FAD J . 7.11 19.42 15.62
C5B FAD J . 7.71 19.81 14.40
C4B FAD J . 9.09 20.44 14.59
O4B FAD J . 9.11 21.59 15.41
C3B FAD J . 10.12 19.48 15.17
O3B FAD J . 10.99 19.13 14.11
C2B FAD J . 10.84 20.29 16.26
O2B FAD J . 12.24 20.19 16.16
C1B FAD J . 10.41 21.72 15.96
N9A FAD J . 10.47 22.57 17.19
C8A FAD J . 9.56 22.60 18.21
N7A FAD J . 9.97 23.49 19.16
C5A FAD J . 11.15 24.02 18.76
C6A FAD J . 12.00 24.97 19.32
N6A FAD J . 11.79 25.37 20.58
N1A FAD J . 13.17 25.35 18.65
C2A FAD J . 13.47 24.77 17.43
N3A FAD J . 12.63 23.83 16.87
C4A FAD J . 11.49 23.45 17.52
N1 FAD J . -0.66 20.70 11.19
C2 FAD J . -1.83 20.98 11.91
O2 FAD J . -2.16 20.23 12.85
N3 FAD J . -2.60 22.10 11.59
C4 FAD J . -2.18 22.90 10.54
O4 FAD J . -2.72 23.98 10.35
C4X FAD J . -1.03 22.62 9.81
N5 FAD J . -0.64 23.44 8.76
C5X FAD J . 0.53 23.17 8.04
C6 FAD J . 0.90 24.02 7.00
C7 FAD J . 2.06 23.79 6.25
C7M FAD J . 2.64 24.94 5.46
C8 FAD J . 2.85 22.67 6.57
C8M FAD J . 4.21 22.48 5.92
C9 FAD J . 2.49 21.81 7.63
C9A FAD J . 1.31 22.06 8.38
N10 FAD J . 0.92 21.22 9.43
C10 FAD J . -0.25 21.50 10.14
C1' FAD J . 1.76 20.02 9.80
C2' FAD J . 2.59 20.23 11.08
O2' FAD J . 3.30 21.45 11.02
C3' FAD J . 3.54 19.05 11.35
O3' FAD J . 2.79 17.85 11.32
C4' FAD J . 4.31 19.17 12.66
O4' FAD J . 5.57 18.53 12.56
C5' FAD J . 3.58 18.58 13.85
O5' FAD J . 4.16 19.10 15.04
P FAD J . 3.99 18.31 16.45
O1P FAD J . 3.22 19.14 17.41
O2P FAD J . 3.39 16.90 16.30
O3P FAD J . 5.51 18.10 17.01
PA FAD K . -31.01 -10.00 34.13
O1A FAD K . -30.96 -9.66 35.55
O2A FAD K . -32.28 -10.78 33.76
O5B FAD K . -29.55 -10.58 33.71
C5B FAD K . -29.19 -11.92 33.67
C4B FAD K . -28.14 -12.30 34.73
O4B FAD K . -26.92 -11.58 34.66
C3B FAD K . -28.66 -12.16 36.17
O3B FAD K . -28.88 -13.44 36.69
C2B FAD K . -27.51 -11.47 36.90
O2B FAD K . -27.23 -12.06 38.13
C1B FAD K . -26.33 -11.66 35.95
N9A FAD K . -25.30 -10.63 36.17
C8A FAD K . -25.35 -9.34 35.72
N7A FAD K . -24.23 -8.70 36.13
C5A FAD K . -23.47 -9.54 36.84
C6A FAD K . -22.24 -9.39 37.48
N6A FAD K . -21.70 -8.18 37.62
N1A FAD K . -21.67 -10.45 38.15
C2A FAD K . -22.35 -11.67 38.18
N3A FAD K . -23.57 -11.81 37.55
C4A FAD K . -24.12 -10.76 36.88
N1 FAD K . -31.21 -11.68 24.92
C2 FAD K . -31.14 -10.58 24.08
O2 FAD K . -31.77 -9.57 24.36
N3 FAD K . -30.35 -10.62 22.93
C4 FAD K . -29.65 -11.78 22.64
O4 FAD K . -28.82 -11.81 21.74
C4X FAD K . -29.73 -12.88 23.49
N5 FAD K . -29.03 -14.03 23.20
C5X FAD K . -29.09 -15.13 24.04
C6 FAD K . -28.36 -16.28 23.73
C7 FAD K . -28.40 -17.42 24.55
C7M FAD K . -27.34 -18.49 24.39
C8 FAD K . -29.18 -17.38 25.72
C8M FAD K . -29.13 -18.51 26.72
C9 FAD K . -29.90 -16.22 26.05
C9A FAD K . -29.88 -15.08 25.21
N10 FAD K . -30.59 -13.92 25.52
C10 FAD K . -30.52 -12.83 24.66
C1' FAD K . -31.47 -13.85 26.73
C2' FAD K . -30.82 -13.02 27.86
O2' FAD K . -29.44 -13.35 28.07
C3' FAD K . -31.61 -13.10 29.17
O3' FAD K . -32.97 -12.75 28.94
C4' FAD K . -31.06 -12.20 30.28
O4' FAD K . -31.31 -12.74 31.57
C5' FAD K . -31.61 -10.77 30.27
O5' FAD K . -30.75 -9.98 31.04
P FAD K . -31.24 -8.60 31.70
O1P FAD K . -30.46 -7.47 31.15
O2P FAD K . -32.78 -8.46 31.55
O3P FAD K . -30.90 -8.65 33.28
PA FAD L . -20.29 -11.32 -6.97
O1A FAD L . -20.33 -11.47 -8.46
O2A FAD L . -18.88 -10.96 -6.52
O5B FAD L . -20.97 -12.67 -6.35
C5B FAD L . -20.25 -13.81 -5.93
C4B FAD L . -20.58 -15.06 -6.76
O4B FAD L . -21.94 -15.42 -6.77
C3B FAD L . -20.15 -14.96 -8.22
O3B FAD L . -19.03 -15.81 -8.34
C2B FAD L . -21.34 -15.45 -9.01
O2B FAD L . -20.94 -16.37 -9.99
C1B FAD L . -22.18 -16.16 -7.96
N9A FAD L . -23.61 -16.23 -8.33
C8A FAD L . -24.53 -15.20 -8.20
N7A FAD L . -25.73 -15.65 -8.66
C5A FAD L . -25.60 -16.94 -9.08
C6A FAD L . -26.50 -17.87 -9.63
N6A FAD L . -27.71 -17.47 -10.03
N1A FAD L . -26.06 -19.13 -9.96
C2A FAD L . -24.75 -19.49 -9.76
N3A FAD L . -23.85 -18.58 -9.22
C4A FAD L . -24.26 -17.32 -8.87
N1 FAD L . -19.94 -10.09 2.31
C2 FAD L . -20.85 -9.21 2.84
O2 FAD L . -21.07 -8.14 2.27
N3 FAD L . -21.49 -9.53 4.04
C4 FAD L . -21.21 -10.73 4.66
O4 FAD L . -21.86 -11.07 5.66
C4X FAD L . -20.29 -11.62 4.11
N5 FAD L . -20.01 -12.83 4.74
C5X FAD L . -19.10 -13.71 4.18
C6 FAD L . -18.83 -14.93 4.83
C7 FAD L . -17.93 -15.87 4.32
C7M FAD L . -18.04 -17.29 4.82
C8 FAD L . -17.28 -15.57 3.12
C8M FAD L . -16.48 -16.64 2.45
C9 FAD L . -17.54 -14.36 2.45
C9A FAD L . -18.45 -13.42 2.97
N10 FAD L . -18.73 -12.20 2.32
C10 FAD L . -19.65 -11.30 2.90
C1' FAD L . -18.05 -11.86 1.01
C2' FAD L . -19.01 -11.97 -0.20
O2' FAD L . -19.76 -13.18 -0.19
C3' FAD L . -18.22 -11.81 -1.52
O3' FAD L . -17.54 -10.57 -1.50
C4' FAD L . -19.13 -11.88 -2.76
O4' FAD L . -18.41 -12.36 -3.88
C5' FAD L . -19.76 -10.54 -3.12
O5' FAD L . -20.83 -10.76 -4.02
P FAD L . -21.37 -9.59 -5.00
O1P FAD L . -22.76 -9.23 -4.62
O2P FAD L . -20.42 -8.36 -4.97
O3P FAD L . -21.36 -10.21 -6.51
PA FAD M . 28.73 -5.20 -24.97
O1A FAD M . 28.59 -6.36 -25.87
O2A FAD M . 29.81 -5.45 -23.89
O5B FAD M . 27.23 -4.79 -24.45
C5B FAD M . 26.68 -5.25 -23.23
C4B FAD M . 25.50 -6.22 -23.45
O4B FAD M . 24.42 -5.67 -24.18
C3B FAD M . 25.87 -7.54 -24.11
O3B FAD M . 25.82 -8.53 -23.11
C2B FAD M . 24.78 -7.77 -25.13
O2B FAD M . 24.30 -9.10 -25.09
C1B FAD M . 23.70 -6.77 -24.73
N9A FAD M . 22.84 -6.39 -25.88
C8A FAD M . 23.16 -5.47 -26.85
N7A FAD M . 22.15 -5.40 -27.73
C5A FAD M . 21.18 -6.27 -27.35
C6A FAD M . 19.94 -6.59 -27.91
N6A FAD M . 19.63 -6.17 -29.13
N1A FAD M . 19.14 -7.54 -27.28
C2A FAD M . 19.58 -8.16 -26.12
N3A FAD M . 20.81 -7.84 -25.59
C4A FAD M . 21.60 -6.91 -26.19
N1 FAD M . 29.66 2.37 -19.57
C2 FAD M . 29.89 3.58 -20.19
O2 FAD M . 30.63 3.60 -21.16
N3 FAD M . 29.27 4.73 -19.75
C4 FAD M . 28.41 4.65 -18.64
O4 FAD M . 27.64 5.59 -18.39
C4X FAD M . 28.18 3.43 -18.01
N5 FAD M . 27.34 3.36 -16.90
C5X FAD M . 27.11 2.14 -16.30
C6 FAD M . 26.25 2.08 -15.19
C7 FAD M . 25.98 0.90 -14.53
C7M FAD M . 24.79 0.87 -13.62
C8 FAD M . 26.59 -0.28 -14.98
C8M FAD M . 26.23 -1.60 -14.36
C9 FAD M . 27.46 -0.24 -16.09
C9A FAD M . 27.73 0.96 -16.76
N10 FAD M . 28.60 1.04 -17.85
C10 FAD M . 28.81 2.27 -18.47
C1' FAD M . 29.35 -0.16 -18.36
C2' FAD M . 28.72 -0.74 -19.63
O2' FAD M . 27.31 -0.84 -19.49
C3' FAD M . 29.33 -2.09 -20.01
O3' FAD M . 30.74 -2.00 -20.00
C4' FAD M . 28.81 -2.65 -21.35
O4' FAD M . 28.86 -4.05 -21.34
C5' FAD M . 29.64 -2.21 -22.55
O5' FAD M . 28.87 -2.36 -23.71
P FAD M . 29.54 -2.48 -25.17
O1P FAD M . 29.16 -1.35 -26.03
O2P FAD M . 31.09 -2.56 -25.07
O3P FAD M . 29.03 -3.87 -25.83
PA FAD N . 22.58 33.01 -7.54
O1A FAD N . 22.78 34.30 -6.81
O2A FAD N . 21.19 32.96 -8.16
O5B FAD N . 22.99 31.78 -6.55
C5B FAD N . 22.07 31.07 -5.78
C4B FAD N . 22.27 31.29 -4.28
O4B FAD N . 23.55 30.93 -3.81
C3B FAD N . 22.03 32.72 -3.84
O3B FAD N . 20.80 32.71 -3.18
C2B FAD N . 23.21 33.04 -2.92
O2B FAD N . 22.77 33.66 -1.74
C1B FAD N . 23.79 31.66 -2.62
N9A FAD N . 25.21 31.72 -2.26
C8A FAD N . 26.28 31.83 -3.14
N7A FAD N . 27.43 31.85 -2.43
C5A FAD N . 27.14 31.75 -1.10
C6A FAD N . 27.94 31.73 0.05
N6A FAD N . 29.23 32.09 -0.05
N1A FAD N . 27.35 31.61 1.31
C2A FAD N . 25.98 31.54 1.42
N3A FAD N . 25.19 31.57 0.28
C4A FAD N . 25.74 31.67 -0.98
N1 FAD N . 21.40 25.24 -12.61
C2 FAD N . 22.36 24.94 -13.57
O2 FAD N . 22.82 25.87 -14.26
N3 FAD N . 22.79 23.64 -13.73
C4 FAD N . 22.26 22.64 -12.94
O4 FAD N . 22.78 21.52 -12.95
C4X FAD N . 21.29 22.95 -11.98
N5 FAD N . 20.75 21.95 -11.18
C5X FAD N . 19.80 22.25 -10.21
C6 FAD N . 19.29 21.20 -9.43
C7 FAD N . 18.32 21.45 -8.45
C7M FAD N . 18.14 20.42 -7.37
C8 FAD N . 17.87 22.78 -8.25
C8M FAD N . 16.96 23.10 -7.10
C9 FAD N . 18.39 23.83 -9.04
C9A FAD N . 19.36 23.56 -10.03
N10 FAD N . 19.90 24.58 -10.86
C10 FAD N . 20.86 24.26 -11.81
C1' FAD N . 19.44 26.01 -10.71
C2' FAD N . 20.46 26.87 -9.95
O2' FAD N . 20.89 26.24 -8.77
C3' FAD N . 19.89 28.28 -9.64
O3' FAD N . 19.41 28.85 -10.85
C4' FAD N . 20.91 29.22 -8.96
O4' FAD N . 20.26 30.14 -8.11
C5' FAD N . 21.73 30.02 -9.96
O5' FAD N . 22.88 30.49 -9.29
P FAD N . 23.71 31.77 -9.86
O1P FAD N . 25.07 31.33 -10.20
O2P FAD N . 23.00 32.43 -11.06
O3P FAD N . 23.75 32.85 -8.66
PA FAD O . 28.18 -24.35 -11.89
O1A FAD O . 29.57 -23.86 -11.84
O2A FAD O . 27.68 -24.42 -13.35
O5B FAD O . 27.26 -23.55 -10.81
C5B FAD O . 26.47 -22.43 -11.13
C4B FAD O . 26.96 -21.15 -10.45
O4B FAD O . 27.01 -21.18 -9.03
C3B FAD O . 28.33 -20.68 -10.94
O3B FAD O . 28.16 -19.55 -11.77
C2B FAD O . 29.06 -20.30 -9.67
O2B FAD O . 29.72 -19.08 -9.87
C1B FAD O . 27.95 -20.19 -8.62
N9A FAD O . 28.44 -20.41 -7.25
C8A FAD O . 28.69 -21.62 -6.66
N7A FAD O . 29.14 -21.42 -5.42
C5A FAD O . 29.18 -20.08 -5.19
C6A FAD O . 29.57 -19.34 -4.07
N6A FAD O . 30.21 -19.92 -3.07
N1A FAD O . 29.50 -17.95 -4.13
C2A FAD O . 29.06 -17.32 -5.27
N3A FAD O . 28.70 -18.07 -6.38
C4A FAD O . 28.75 -19.43 -6.33
N1 FAD O . 19.60 -28.19 -12.27
C2 FAD O . 19.44 -29.41 -11.65
O2 FAD O . 20.32 -30.28 -11.77
N3 FAD O . 18.28 -29.66 -10.91
C4 FAD O . 17.30 -28.67 -10.81
O4 FAD O . 16.38 -28.81 -10.02
C4X FAD O . 17.49 -27.43 -11.43
N5 FAD O . 16.51 -26.46 -11.32
C5X FAD O . 16.70 -25.22 -11.91
C6 FAD O . 15.71 -24.25 -11.76
C7 FAD O . 15.86 -22.99 -12.35
C7M FAD O . 14.98 -21.86 -11.86
C8 FAD O . 17.03 -22.71 -13.10
C8M FAD O . 17.28 -21.33 -13.66
C9 FAD O . 18.02 -23.69 -13.23
C9A FAD O . 17.87 -24.96 -12.64
N10 FAD O . 18.85 -25.94 -12.77
C10 FAD O . 18.66 -27.18 -12.15
C1' FAD O . 20.09 -25.68 -13.59
C2' FAD O . 21.33 -25.40 -12.72
O2' FAD O . 21.06 -24.43 -11.73
C3' FAD O . 22.55 -24.98 -13.54
O3' FAD O . 22.77 -25.95 -14.53
C4' FAD O . 23.82 -24.82 -12.70
O4' FAD O . 24.68 -23.81 -13.21
C5' FAD O . 24.64 -26.11 -12.58
O5' FAD O . 25.53 -25.94 -11.50
P FAD O . 26.84 -26.82 -11.37
O1P FAD O . 26.78 -27.64 -10.13
O2P FAD O . 27.10 -27.62 -12.65
O3P FAD O . 28.10 -25.80 -11.17
PA FAD P . -9.34 -40.89 -0.65
O1A FAD P . -10.64 -41.60 -0.66
O2A FAD P . -9.06 -40.28 0.74
O5B FAD P . -9.31 -39.85 -1.90
C5B FAD P . -9.67 -38.50 -1.80
C4B FAD P . -10.93 -38.18 -2.62
O4B FAD P . -10.82 -38.50 -4.00
C3B FAD P . -12.18 -38.88 -2.11
O3B FAD P . -12.97 -37.89 -1.48
C2B FAD P . -12.86 -39.40 -3.36
O2B FAD P . -14.24 -39.11 -3.37
C1B FAD P . -12.15 -38.66 -4.49
N9A FAD P . -12.20 -39.42 -5.76
C8A FAD P . -11.39 -40.48 -6.11
N7A FAD P . -11.73 -40.91 -7.34
C5A FAD P . -12.75 -40.14 -7.81
C6A FAD P . -13.47 -40.15 -9.00
N6A FAD P . -13.31 -41.19 -9.83
N1A FAD P . -14.49 -39.23 -9.21
C2A FAD P . -14.79 -38.28 -8.23
N3A FAD P . -14.06 -38.28 -7.05
C4A FAD P . -13.06 -39.20 -6.82
N1 FAD P . -0.98 -36.68 -0.21
C2 FAD P . 0.14 -37.41 -0.63
O2 FAD P . 0.27 -38.60 -0.34
N3 FAD P . 1.11 -36.80 -1.41
C4 FAD P . 0.97 -35.45 -1.76
O4 FAD P . 1.75 -34.93 -2.57
C4X FAD P . -0.15 -34.72 -1.33
N5 FAD P . -0.28 -33.38 -1.66
C5X FAD P . -1.38 -32.64 -1.28
C6 FAD P . -1.47 -31.29 -1.66
C7 FAD P . -2.56 -30.52 -1.28
C7M FAD P . -2.80 -29.27 -2.08
C8 FAD P . -3.58 -31.11 -0.51
C8M FAD P . -4.85 -30.38 -0.19
C9 FAD P . -3.48 -32.45 -0.13
C9A FAD P . -2.37 -33.24 -0.51
N10 FAD P . -2.25 -34.60 -0.14
C10 FAD P . -1.13 -35.34 -0.56
C1' FAD P . -3.31 -35.26 0.70
C2' FAD P . -4.24 -36.18 -0.15
O2' FAD P . -4.65 -35.50 -1.33
C3' FAD P . -5.42 -36.70 0.68
O3' FAD P . -4.89 -37.30 1.84
C4' FAD P . -6.30 -37.72 -0.07
O4' FAD P . -7.64 -37.66 0.38
C5' FAD P . -5.85 -39.18 0.07
O5' FAD P . -6.39 -39.95 -1.01
P FAD P . -6.56 -41.55 -0.86
O1P FAD P . -5.77 -42.27 -1.90
O2P FAD P . -6.18 -42.03 0.56
O3P FAD P . -8.14 -41.89 -1.09
#